data_4ZHZ
# 
_entry.id   4ZHZ 
# 
_audit_conform.dict_name       mmcif_pdbx.dic 
_audit_conform.dict_version    5.380 
_audit_conform.dict_location   http://mmcif.pdb.org/dictionaries/ascii/mmcif_pdbx.dic 
# 
loop_
_database_2.database_id 
_database_2.database_code 
_database_2.pdbx_database_accession 
_database_2.pdbx_DOI 
PDB   4ZHZ         pdb_00004zhz 10.2210/pdb4zhz/pdb 
WWPDB D_1000209312 ?            ?                   
# 
loop_
_pdbx_database_related.db_name 
_pdbx_database_related.details 
_pdbx_database_related.db_id 
_pdbx_database_related.content_type 
PDB '4YYL contains the same protein complexed with another inhibitor.' 4YYL unspecified 
PDB .                                                                  4ZI0 unspecified 
# 
_pdbx_database_status.status_code                     REL 
_pdbx_database_status.status_code_sf                  REL 
_pdbx_database_status.status_code_mr                  ? 
_pdbx_database_status.entry_id                        4ZHZ 
_pdbx_database_status.recvd_initial_deposition_date   2015-04-27 
_pdbx_database_status.SG_entry                        N 
_pdbx_database_status.deposit_site                    RCSB 
_pdbx_database_status.process_site                    PDBJ 
_pdbx_database_status.status_code_cs                  ? 
_pdbx_database_status.methods_development_category    ? 
_pdbx_database_status.pdb_format_compatible           Y 
_pdbx_database_status.status_code_nmr_data            ? 
# 
loop_
_audit_author.name 
_audit_author.pdbx_ordinal 
'Fudo, S.'     1 
'Yamamoto, N.' 2 
'Nukaga, M.'   3 
'Odagiri, T.'  4 
'Tashiro, M.'  5 
'Neya, S.'     6 
'Hoshino, T.'  7 
# 
_citation.abstract                  ? 
_citation.abstract_id_CAS           ? 
_citation.book_id_ISBN              ? 
_citation.book_publisher            ? 
_citation.book_publisher_city       ? 
_citation.book_title                ? 
_citation.coordinate_linkage        ? 
_citation.country                   US 
_citation.database_id_Medline       ? 
_citation.details                   ? 
_citation.id                        primary 
_citation.journal_abbrev            Biochemistry 
_citation.journal_id_ASTM           BICHAW 
_citation.journal_id_CSD            0033 
_citation.journal_id_ISSN           0006-2960 
_citation.journal_full              ? 
_citation.journal_issue             ? 
_citation.journal_volume            55 
_citation.language                  ? 
_citation.page_first                2646 
_citation.page_last                 2660 
_citation.title                     
'Two Distinctive Binding Modes of Endonuclease Inhibitors to the N-Terminal Region of Influenza Virus Polymerase Acidic Subunit' 
_citation.year                      2016 
_citation.database_id_CSD           ? 
_citation.pdbx_database_id_DOI      10.1021/acs.biochem.5b01087 
_citation.pdbx_database_id_PubMed   27088785 
_citation.unpublished_flag          ? 
# 
loop_
_citation_author.citation_id 
_citation_author.name 
_citation_author.ordinal 
_citation_author.identifier_ORCID 
primary 'Fudo, S.'     1 ? 
primary 'Yamamoto, N.' 2 ? 
primary 'Nukaga, M.'   3 ? 
primary 'Odagiri, T.'  4 ? 
primary 'Tashiro, M.'  5 ? 
primary 'Hoshino, T.'  6 ? 
# 
_cell.angle_alpha                  90.000 
_cell.angle_alpha_esd              ? 
_cell.angle_beta                   90.000 
_cell.angle_beta_esd               ? 
_cell.angle_gamma                  90.000 
_cell.angle_gamma_esd              ? 
_cell.entry_id                     4ZHZ 
_cell.details                      ? 
_cell.formula_units_Z              ? 
_cell.length_a                     66.562 
_cell.length_a_esd                 ? 
_cell.length_b                     66.562 
_cell.length_b_esd                 ? 
_cell.length_c                     129.173 
_cell.length_c_esd                 ? 
_cell.volume                       ? 
_cell.volume_esd                   ? 
_cell.Z_PDB                        8 
_cell.reciprocal_angle_alpha       ? 
_cell.reciprocal_angle_beta        ? 
_cell.reciprocal_angle_gamma       ? 
_cell.reciprocal_angle_alpha_esd   ? 
_cell.reciprocal_angle_beta_esd    ? 
_cell.reciprocal_angle_gamma_esd   ? 
_cell.reciprocal_length_a          ? 
_cell.reciprocal_length_b          ? 
_cell.reciprocal_length_c          ? 
_cell.reciprocal_length_a_esd      ? 
_cell.reciprocal_length_b_esd      ? 
_cell.reciprocal_length_c_esd      ? 
_cell.pdbx_unique_axis             ? 
# 
_symmetry.entry_id                         4ZHZ 
_symmetry.cell_setting                     ? 
_symmetry.Int_Tables_number                92 
_symmetry.space_group_name_Hall            ? 
_symmetry.space_group_name_H-M             'P 41 21 2' 
_symmetry.pdbx_full_space_group_name_H-M   ? 
# 
loop_
_entity.id 
_entity.type 
_entity.src_method 
_entity.pdbx_description 
_entity.formula_weight 
_entity.pdbx_number_of_molecules 
_entity.pdbx_ec 
_entity.pdbx_mutation 
_entity.pdbx_fragment 
_entity.details 
1 polymer     man 'Polymerase acidic protein'                        22300.494 1  ? ? 'endonuclease, residues 1-50, 73-196' ? 
2 non-polymer syn '5-(2-chlorobenzyl)-2-hydroxy-3-nitrobenzaldehyde' 291.687   2  ? ? ?                                     ? 
3 non-polymer syn 'MANGANESE (II) ION'                               54.938    1  ? ? ?                                     ? 
4 non-polymer syn 'SULFATE ION'                                      96.063    1  ? ? ?                                     ? 
5 water       nat water                                              18.015    73 ? ? ?                                     ? 
# 
_entity_name_com.entity_id   1 
_entity_name_com.name        'RNA-directed RNA polymerase subunit P2' 
# 
_entity_poly.entity_id                      1 
_entity_poly.type                           'polypeptide(L)' 
_entity_poly.nstd_linkage                   no 
_entity_poly.nstd_monomer                   no 
_entity_poly.pdbx_seq_one_letter_code       
;GPLGSMEDFVRQCFNPMIVELAEKTMKEYGEDLKIETNKFAAICTHLEVCFMYSDASKHRFEIIEGRDRTMAWTVVNSIC
NTTGAEKPKFLPDLYDYKENRFIEIGVTRREVHIYYLEKANKIKSEKTHIHIFSFTGEEMATKADYTLDEESRARIKTRL
FTIRQEMASRGLWDSFRQSERGAAELALVPR
;
_entity_poly.pdbx_seq_one_letter_code_can   
;GPLGSMEDFVRQCFNPMIVELAEKTMKEYGEDLKIETNKFAAICTHLEVCFMYSDASKHRFEIIEGRDRTMAWTVVNSIC
NTTGAEKPKFLPDLYDYKENRFIEIGVTRREVHIYYLEKANKIKSEKTHIHIFSFTGEEMATKADYTLDEESRARIKTRL
FTIRQEMASRGLWDSFRQSERGAAELALVPR
;
_entity_poly.pdbx_strand_id                 A 
_entity_poly.pdbx_target_identifier         ? 
# 
loop_
_entity_poly_seq.entity_id 
_entity_poly_seq.num 
_entity_poly_seq.mon_id 
_entity_poly_seq.hetero 
1 1   GLY n 
1 2   PRO n 
1 3   LEU n 
1 4   GLY n 
1 5   SER n 
1 6   MET n 
1 7   GLU n 
1 8   ASP n 
1 9   PHE n 
1 10  VAL n 
1 11  ARG n 
1 12  GLN n 
1 13  CYS n 
1 14  PHE n 
1 15  ASN n 
1 16  PRO n 
1 17  MET n 
1 18  ILE n 
1 19  VAL n 
1 20  GLU n 
1 21  LEU n 
1 22  ALA n 
1 23  GLU n 
1 24  LYS n 
1 25  THR n 
1 26  MET n 
1 27  LYS n 
1 28  GLU n 
1 29  TYR n 
1 30  GLY n 
1 31  GLU n 
1 32  ASP n 
1 33  LEU n 
1 34  LYS n 
1 35  ILE n 
1 36  GLU n 
1 37  THR n 
1 38  ASN n 
1 39  LYS n 
1 40  PHE n 
1 41  ALA n 
1 42  ALA n 
1 43  ILE n 
1 44  CYS n 
1 45  THR n 
1 46  HIS n 
1 47  LEU n 
1 48  GLU n 
1 49  VAL n 
1 50  CYS n 
1 51  PHE n 
1 52  MET n 
1 53  TYR n 
1 54  SER n 
1 55  ASP n 
1 56  ALA n 
1 57  SER n 
1 58  LYS n 
1 59  HIS n 
1 60  ARG n 
1 61  PHE n 
1 62  GLU n 
1 63  ILE n 
1 64  ILE n 
1 65  GLU n 
1 66  GLY n 
1 67  ARG n 
1 68  ASP n 
1 69  ARG n 
1 70  THR n 
1 71  MET n 
1 72  ALA n 
1 73  TRP n 
1 74  THR n 
1 75  VAL n 
1 76  VAL n 
1 77  ASN n 
1 78  SER n 
1 79  ILE n 
1 80  CYS n 
1 81  ASN n 
1 82  THR n 
1 83  THR n 
1 84  GLY n 
1 85  ALA n 
1 86  GLU n 
1 87  LYS n 
1 88  PRO n 
1 89  LYS n 
1 90  PHE n 
1 91  LEU n 
1 92  PRO n 
1 93  ASP n 
1 94  LEU n 
1 95  TYR n 
1 96  ASP n 
1 97  TYR n 
1 98  LYS n 
1 99  GLU n 
1 100 ASN n 
1 101 ARG n 
1 102 PHE n 
1 103 ILE n 
1 104 GLU n 
1 105 ILE n 
1 106 GLY n 
1 107 VAL n 
1 108 THR n 
1 109 ARG n 
1 110 ARG n 
1 111 GLU n 
1 112 VAL n 
1 113 HIS n 
1 114 ILE n 
1 115 TYR n 
1 116 TYR n 
1 117 LEU n 
1 118 GLU n 
1 119 LYS n 
1 120 ALA n 
1 121 ASN n 
1 122 LYS n 
1 123 ILE n 
1 124 LYS n 
1 125 SER n 
1 126 GLU n 
1 127 LYS n 
1 128 THR n 
1 129 HIS n 
1 130 ILE n 
1 131 HIS n 
1 132 ILE n 
1 133 PHE n 
1 134 SER n 
1 135 PHE n 
1 136 THR n 
1 137 GLY n 
1 138 GLU n 
1 139 GLU n 
1 140 MET n 
1 141 ALA n 
1 142 THR n 
1 143 LYS n 
1 144 ALA n 
1 145 ASP n 
1 146 TYR n 
1 147 THR n 
1 148 LEU n 
1 149 ASP n 
1 150 GLU n 
1 151 GLU n 
1 152 SER n 
1 153 ARG n 
1 154 ALA n 
1 155 ARG n 
1 156 ILE n 
1 157 LYS n 
1 158 THR n 
1 159 ARG n 
1 160 LEU n 
1 161 PHE n 
1 162 THR n 
1 163 ILE n 
1 164 ARG n 
1 165 GLN n 
1 166 GLU n 
1 167 MET n 
1 168 ALA n 
1 169 SER n 
1 170 ARG n 
1 171 GLY n 
1 172 LEU n 
1 173 TRP n 
1 174 ASP n 
1 175 SER n 
1 176 PHE n 
1 177 ARG n 
1 178 GLN n 
1 179 SER n 
1 180 GLU n 
1 181 ARG n 
1 182 GLY n 
1 183 ALA n 
1 184 ALA n 
1 185 GLU n 
1 186 LEU n 
1 187 ALA n 
1 188 LEU n 
1 189 VAL n 
1 190 PRO n 
1 191 ARG n 
# 
loop_
_entity_src_gen.entity_id 
_entity_src_gen.pdbx_src_id 
_entity_src_gen.pdbx_alt_source_flag 
_entity_src_gen.pdbx_seq_type 
_entity_src_gen.pdbx_beg_seq_num 
_entity_src_gen.pdbx_end_seq_num 
_entity_src_gen.gene_src_common_name 
_entity_src_gen.gene_src_genus 
_entity_src_gen.pdbx_gene_src_gene 
_entity_src_gen.gene_src_species 
_entity_src_gen.gene_src_strain 
_entity_src_gen.gene_src_tissue 
_entity_src_gen.gene_src_tissue_fraction 
_entity_src_gen.gene_src_details 
_entity_src_gen.pdbx_gene_src_fragment 
_entity_src_gen.pdbx_gene_src_scientific_name 
_entity_src_gen.pdbx_gene_src_ncbi_taxonomy_id 
_entity_src_gen.pdbx_gene_src_variant 
_entity_src_gen.pdbx_gene_src_cell_line 
_entity_src_gen.pdbx_gene_src_atcc 
_entity_src_gen.pdbx_gene_src_organ 
_entity_src_gen.pdbx_gene_src_organelle 
_entity_src_gen.pdbx_gene_src_cell 
_entity_src_gen.pdbx_gene_src_cellular_location 
_entity_src_gen.host_org_common_name 
_entity_src_gen.pdbx_host_org_scientific_name 
_entity_src_gen.pdbx_host_org_ncbi_taxonomy_id 
_entity_src_gen.host_org_genus 
_entity_src_gen.pdbx_host_org_gene 
_entity_src_gen.pdbx_host_org_organ 
_entity_src_gen.host_org_species 
_entity_src_gen.pdbx_host_org_tissue 
_entity_src_gen.pdbx_host_org_tissue_fraction 
_entity_src_gen.pdbx_host_org_strain 
_entity_src_gen.pdbx_host_org_variant 
_entity_src_gen.pdbx_host_org_cell_line 
_entity_src_gen.pdbx_host_org_atcc 
_entity_src_gen.pdbx_host_org_culture_collection 
_entity_src_gen.pdbx_host_org_cell 
_entity_src_gen.pdbx_host_org_organelle 
_entity_src_gen.pdbx_host_org_cellular_location 
_entity_src_gen.pdbx_host_org_vector_type 
_entity_src_gen.pdbx_host_org_vector 
_entity_src_gen.host_org_details 
_entity_src_gen.expression_system_id 
_entity_src_gen.plasmid_name 
_entity_src_gen.plasmid_details 
_entity_src_gen.pdbx_description 
1 1 sample 'Biological sequence' 1  55  ? ? PA ? 'A/Puerto Rico/8/1934 H1N1' ? ? ? ? 
'Influenza A virus (strain A/Puerto Rico/8/1934 H1N1)' 211044 ? ? ? ? ? ? ? ? 'Escherichia coli' 562 ? ? ? ? ? ? 
'Rosetta (DE3) pLysS' ? ? ? ? ? ? ? plasmid ? ? ? 'pET50b(+)' ? ? 
1 2 sample 'Biological sequence' 56 191 ? ? PA ? 'A/Puerto Rico/8/1934 H1N1' ? ? ? ? 
'Influenza A virus (strain A/Puerto Rico/8/1934 H1N1)' 211044 ? ? ? ? ? ? ? ? 'Escherichia coli' 562 ? ? ? ? ? ? 
'Rosetta (DE3) pLysS' ? ? ? ? ? ? ? plasmid ? ? ? 'pET50b(+)' ? ? 
# 
loop_
_struct_ref.id 
_struct_ref.db_name 
_struct_ref.db_code 
_struct_ref.pdbx_db_accession 
_struct_ref.pdbx_db_isoform 
_struct_ref.entity_id 
_struct_ref.pdbx_seq_one_letter_code 
_struct_ref.pdbx_align_begin 
1 UNP PA_I34A1 P03433 ? 1 MEDFVRQCFNPMIVELAEKTMKEYGEDLKIETNKFAAICTHLEVCFMYSD 1  
2 UNP PA_I34A1 P03433 ? 1 
;KHRFEIIEGRDRTMAWTVVNSICNTTGAEKPKFLPDLYDYKENRFIEIGVTRREVHIYYLEKANKIKSEKTHIHIFSFTG
EEMATKADYTLDEESRARIKTRLFTIRQEMASRGLWDSFRQSERG
;
73 
# 
loop_
_struct_ref_seq.align_id 
_struct_ref_seq.ref_id 
_struct_ref_seq.pdbx_PDB_id_code 
_struct_ref_seq.pdbx_strand_id 
_struct_ref_seq.seq_align_beg 
_struct_ref_seq.pdbx_seq_align_beg_ins_code 
_struct_ref_seq.seq_align_end 
_struct_ref_seq.pdbx_seq_align_end_ins_code 
_struct_ref_seq.pdbx_db_accession 
_struct_ref_seq.db_align_beg 
_struct_ref_seq.pdbx_db_align_beg_ins_code 
_struct_ref_seq.db_align_end 
_struct_ref_seq.pdbx_db_align_end_ins_code 
_struct_ref_seq.pdbx_auth_seq_align_beg 
_struct_ref_seq.pdbx_auth_seq_align_end 
1 1 4ZHZ A 6  ? 55  ? P03433 1  ? 50  ? 1  50  
2 2 4ZHZ A 58 ? 182 ? P03433 73 ? 197 ? 73 197 
# 
loop_
_struct_ref_seq_dif.align_id 
_struct_ref_seq_dif.pdbx_pdb_id_code 
_struct_ref_seq_dif.mon_id 
_struct_ref_seq_dif.pdbx_pdb_strand_id 
_struct_ref_seq_dif.seq_num 
_struct_ref_seq_dif.pdbx_pdb_ins_code 
_struct_ref_seq_dif.pdbx_seq_db_name 
_struct_ref_seq_dif.pdbx_seq_db_accession_code 
_struct_ref_seq_dif.db_mon_id 
_struct_ref_seq_dif.pdbx_seq_db_seq_num 
_struct_ref_seq_dif.details 
_struct_ref_seq_dif.pdbx_auth_seq_num 
_struct_ref_seq_dif.pdbx_ordinal 
1 4ZHZ GLY A 1   ? UNP P03433 ? ? 'expression tag' -4  1  
1 4ZHZ PRO A 2   ? UNP P03433 ? ? 'expression tag' -3  2  
1 4ZHZ LEU A 3   ? UNP P03433 ? ? 'expression tag' -2  3  
1 4ZHZ GLY A 4   ? UNP P03433 ? ? 'expression tag' -1  4  
1 4ZHZ SER A 5   ? UNP P03433 ? ? 'expression tag' 0   5  
1 4ZHZ ALA A 56  ? UNP P03433 ? ? linker           51  6  
1 4ZHZ SER A 57  ? UNP P03433 ? ? linker           52  7  
2 4ZHZ ALA A 183 ? UNP P03433 ? ? 'expression tag' 198 8  
2 4ZHZ ALA A 184 ? UNP P03433 ? ? 'expression tag' 199 9  
2 4ZHZ GLU A 185 ? UNP P03433 ? ? 'expression tag' 200 10 
2 4ZHZ LEU A 186 ? UNP P03433 ? ? 'expression tag' 201 11 
2 4ZHZ ALA A 187 ? UNP P03433 ? ? 'expression tag' 202 12 
2 4ZHZ LEU A 188 ? UNP P03433 ? ? 'expression tag' 203 13 
2 4ZHZ VAL A 189 ? UNP P03433 ? ? 'expression tag' 204 14 
2 4ZHZ PRO A 190 ? UNP P03433 ? ? 'expression tag' 205 15 
2 4ZHZ ARG A 191 ? UNP P03433 ? ? 'expression tag' 206 16 
# 
loop_
_chem_comp.id 
_chem_comp.type 
_chem_comp.mon_nstd_flag 
_chem_comp.name 
_chem_comp.pdbx_synonyms 
_chem_comp.formula 
_chem_comp.formula_weight 
4P8 non-polymer         . '5-(2-chlorobenzyl)-2-hydroxy-3-nitrobenzaldehyde' ? 'C14 H10 Cl N O4' 291.687 
ALA 'L-peptide linking' y ALANINE                                            ? 'C3 H7 N O2'      89.093  
ARG 'L-peptide linking' y ARGININE                                           ? 'C6 H15 N4 O2 1'  175.209 
ASN 'L-peptide linking' y ASPARAGINE                                         ? 'C4 H8 N2 O3'     132.118 
ASP 'L-peptide linking' y 'ASPARTIC ACID'                                    ? 'C4 H7 N O4'      133.103 
CYS 'L-peptide linking' y CYSTEINE                                           ? 'C3 H7 N O2 S'    121.158 
GLN 'L-peptide linking' y GLUTAMINE                                          ? 'C5 H10 N2 O3'    146.144 
GLU 'L-peptide linking' y 'GLUTAMIC ACID'                                    ? 'C5 H9 N O4'      147.129 
GLY 'peptide linking'   y GLYCINE                                            ? 'C2 H5 N O2'      75.067  
HIS 'L-peptide linking' y HISTIDINE                                          ? 'C6 H10 N3 O2 1'  156.162 
HOH non-polymer         . WATER                                              ? 'H2 O'            18.015  
ILE 'L-peptide linking' y ISOLEUCINE                                         ? 'C6 H13 N O2'     131.173 
LEU 'L-peptide linking' y LEUCINE                                            ? 'C6 H13 N O2'     131.173 
LYS 'L-peptide linking' y LYSINE                                             ? 'C6 H15 N2 O2 1'  147.195 
MET 'L-peptide linking' y METHIONINE                                         ? 'C5 H11 N O2 S'   149.211 
MN  non-polymer         . 'MANGANESE (II) ION'                               ? 'Mn 2'            54.938  
PHE 'L-peptide linking' y PHENYLALANINE                                      ? 'C9 H11 N O2'     165.189 
PRO 'L-peptide linking' y PROLINE                                            ? 'C5 H9 N O2'      115.130 
SER 'L-peptide linking' y SERINE                                             ? 'C3 H7 N O3'      105.093 
SO4 non-polymer         . 'SULFATE ION'                                      ? 'O4 S -2'         96.063  
THR 'L-peptide linking' y THREONINE                                          ? 'C4 H9 N O3'      119.119 
TRP 'L-peptide linking' y TRYPTOPHAN                                         ? 'C11 H12 N2 O2'   204.225 
TYR 'L-peptide linking' y TYROSINE                                           ? 'C9 H11 N O3'     181.189 
VAL 'L-peptide linking' y VALINE                                             ? 'C5 H11 N O2'     117.146 
# 
_exptl.absorpt_coefficient_mu     ? 
_exptl.absorpt_correction_T_max   ? 
_exptl.absorpt_correction_T_min   ? 
_exptl.absorpt_correction_type    ? 
_exptl.absorpt_process_details    ? 
_exptl.entry_id                   4ZHZ 
_exptl.crystals_number            1 
_exptl.details                    ? 
_exptl.method                     'X-RAY DIFFRACTION' 
_exptl.method_details             ? 
# 
_exptl_crystal.colour                      ? 
_exptl_crystal.density_diffrn              ? 
_exptl_crystal.density_Matthews            3.21 
_exptl_crystal.density_method              ? 
_exptl_crystal.density_percent_sol         61.66 
_exptl_crystal.description                 ? 
_exptl_crystal.F_000                       ? 
_exptl_crystal.id                          1 
_exptl_crystal.preparation                 ? 
_exptl_crystal.size_max                    ? 
_exptl_crystal.size_mid                    ? 
_exptl_crystal.size_min                    ? 
_exptl_crystal.size_rad                    ? 
_exptl_crystal.colour_lustre               ? 
_exptl_crystal.colour_modifier             ? 
_exptl_crystal.colour_primary              ? 
_exptl_crystal.density_meas                ? 
_exptl_crystal.density_meas_esd            ? 
_exptl_crystal.density_meas_gt             ? 
_exptl_crystal.density_meas_lt             ? 
_exptl_crystal.density_meas_temp           ? 
_exptl_crystal.density_meas_temp_esd       ? 
_exptl_crystal.density_meas_temp_gt        ? 
_exptl_crystal.density_meas_temp_lt        ? 
_exptl_crystal.pdbx_crystal_image_url      ? 
_exptl_crystal.pdbx_crystal_image_format   ? 
_exptl_crystal.pdbx_mosaicity              ? 
_exptl_crystal.pdbx_mosaicity_esd          ? 
# 
_exptl_crystal_grow.apparatus       ? 
_exptl_crystal_grow.atmosphere      ? 
_exptl_crystal_grow.crystal_id      1 
_exptl_crystal_grow.details         ? 
_exptl_crystal_grow.method          'VAPOR DIFFUSION, HANGING DROP' 
_exptl_crystal_grow.method_ref      ? 
_exptl_crystal_grow.pH              5.8 
_exptl_crystal_grow.pressure        ? 
_exptl_crystal_grow.pressure_esd    ? 
_exptl_crystal_grow.seeding         ? 
_exptl_crystal_grow.seeding_ref     ? 
_exptl_crystal_grow.temp            291 
_exptl_crystal_grow.temp_details    ? 
_exptl_crystal_grow.temp_esd        ? 
_exptl_crystal_grow.time            ? 
_exptl_crystal_grow.pdbx_details    '100 mM MES, 1.1 M ammonium sulfate, 0.1 M potassium chloride and 9 % trehalose' 
_exptl_crystal_grow.pdbx_pH_range   ? 
# 
_diffrn.ambient_environment    ? 
_diffrn.ambient_temp           100 
_diffrn.ambient_temp_details   ? 
_diffrn.ambient_temp_esd       ? 
_diffrn.crystal_id             1 
_diffrn.crystal_support        ? 
_diffrn.crystal_treatment      ? 
_diffrn.details                ? 
_diffrn.id                     1 
_diffrn.ambient_pressure       ? 
_diffrn.ambient_pressure_esd   ? 
_diffrn.ambient_pressure_gt    ? 
_diffrn.ambient_pressure_lt    ? 
_diffrn.ambient_temp_gt        ? 
_diffrn.ambient_temp_lt        ? 
# 
_diffrn_detector.details                      ? 
_diffrn_detector.detector                     CCD 
_diffrn_detector.diffrn_id                    1 
_diffrn_detector.type                         'ADSC QUANTUM 315r' 
_diffrn_detector.area_resol_mean              ? 
_diffrn_detector.dtime                        ? 
_diffrn_detector.pdbx_frames_total            ? 
_diffrn_detector.pdbx_collection_time_total   ? 
_diffrn_detector.pdbx_collection_date         2014-11-17 
# 
_diffrn_radiation.collimation                      ? 
_diffrn_radiation.diffrn_id                        1 
_diffrn_radiation.filter_edge                      ? 
_diffrn_radiation.inhomogeneity                    ? 
_diffrn_radiation.monochromator                    'Numerical link type Si(111) double crystal monochromator, direct water cooling' 
_diffrn_radiation.polarisn_norm                    ? 
_diffrn_radiation.polarisn_ratio                   ? 
_diffrn_radiation.probe                            ? 
_diffrn_radiation.type                             ? 
_diffrn_radiation.xray_symbol                      ? 
_diffrn_radiation.wavelength_id                    1 
_diffrn_radiation.pdbx_monochromatic_or_laue_m_l   M 
_diffrn_radiation.pdbx_wavelength_list             ? 
_diffrn_radiation.pdbx_wavelength                  ? 
_diffrn_radiation.pdbx_diffrn_protocol             'SINGLE WAVELENGTH' 
_diffrn_radiation.pdbx_analyzer                    ? 
_diffrn_radiation.pdbx_scattering_type             x-ray 
# 
_diffrn_radiation_wavelength.id           1 
_diffrn_radiation_wavelength.wavelength   1.000 
_diffrn_radiation_wavelength.wt           1.0 
# 
_diffrn_source.current                     ? 
_diffrn_source.details                     ? 
_diffrn_source.diffrn_id                   1 
_diffrn_source.power                       ? 
_diffrn_source.size                        ? 
_diffrn_source.source                      SYNCHROTRON 
_diffrn_source.target                      ? 
_diffrn_source.type                        'PHOTON FACTORY BEAMLINE BL-5A' 
_diffrn_source.voltage                     ? 
_diffrn_source.take-off_angle              ? 
_diffrn_source.pdbx_wavelength_list        1.000 
_diffrn_source.pdbx_wavelength             ? 
_diffrn_source.pdbx_synchrotron_beamline   BL-5A 
_diffrn_source.pdbx_synchrotron_site       'Photon Factory' 
# 
_reflns.B_iso_Wilson_estimate            57.820 
_reflns.entry_id                         4ZHZ 
_reflns.data_reduction_details           ? 
_reflns.data_reduction_method            ? 
_reflns.d_resolution_high                2.500 
_reflns.d_resolution_low                 50.000 
_reflns.details                          ? 
_reflns.limit_h_max                      ? 
_reflns.limit_h_min                      ? 
_reflns.limit_k_max                      ? 
_reflns.limit_k_min                      ? 
_reflns.limit_l_max                      ? 
_reflns.limit_l_min                      ? 
_reflns.number_all                       ? 
_reflns.number_obs                       10200 
_reflns.observed_criterion               ? 
_reflns.observed_criterion_F_max         ? 
_reflns.observed_criterion_F_min         ? 
_reflns.observed_criterion_I_max         ? 
_reflns.observed_criterion_I_min         ? 
_reflns.observed_criterion_sigma_F       ? 
_reflns.observed_criterion_sigma_I       ? 
_reflns.percent_possible_obs             95.600 
_reflns.R_free_details                   ? 
_reflns.Rmerge_F_all                     ? 
_reflns.Rmerge_F_obs                     ? 
_reflns.Friedel_coverage                 ? 
_reflns.number_gt                        ? 
_reflns.threshold_expression             ? 
_reflns.pdbx_redundancy                  12.400 
_reflns.pdbx_Rmerge_I_obs                0.136 
_reflns.pdbx_Rmerge_I_all                ? 
_reflns.pdbx_Rsym_value                  ? 
_reflns.pdbx_netI_over_av_sigmaI         16.255 
_reflns.pdbx_netI_over_sigmaI            9.200 
_reflns.pdbx_res_netI_over_av_sigmaI_2   ? 
_reflns.pdbx_res_netI_over_sigmaI_2      ? 
_reflns.pdbx_chi_squared                 1.030 
_reflns.pdbx_scaling_rejects             ? 
_reflns.pdbx_d_res_high_opt              ? 
_reflns.pdbx_d_res_low_opt               ? 
_reflns.pdbx_d_res_opt_method            ? 
_reflns.phase_calculation_details        ? 
_reflns.pdbx_Rrim_I_all                  0.140 
_reflns.pdbx_Rpim_I_all                  0.041 
_reflns.pdbx_d_opt                       ? 
_reflns.pdbx_number_measured_all         126278 
_reflns.pdbx_diffrn_id                   1 
_reflns.pdbx_ordinal                     1 
_reflns.pdbx_CC_half                     ? 
_reflns.pdbx_R_split                     ? 
# 
loop_
_reflns_shell.d_res_high 
_reflns_shell.d_res_low 
_reflns_shell.meanI_over_sigI_all 
_reflns_shell.meanI_over_sigI_obs 
_reflns_shell.number_measured_all 
_reflns_shell.number_measured_obs 
_reflns_shell.number_possible 
_reflns_shell.number_unique_all 
_reflns_shell.number_unique_obs 
_reflns_shell.percent_possible_all 
_reflns_shell.percent_possible_obs 
_reflns_shell.Rmerge_F_all 
_reflns_shell.Rmerge_F_obs 
_reflns_shell.Rmerge_I_all 
_reflns_shell.Rmerge_I_obs 
_reflns_shell.meanI_over_sigI_gt 
_reflns_shell.meanI_over_uI_all 
_reflns_shell.meanI_over_uI_gt 
_reflns_shell.number_measured_gt 
_reflns_shell.number_unique_gt 
_reflns_shell.percent_possible_gt 
_reflns_shell.Rmerge_F_gt 
_reflns_shell.Rmerge_I_gt 
_reflns_shell.pdbx_redundancy 
_reflns_shell.pdbx_Rsym_value 
_reflns_shell.pdbx_chi_squared 
_reflns_shell.pdbx_netI_over_sigmaI_all 
_reflns_shell.pdbx_netI_over_sigmaI_obs 
_reflns_shell.pdbx_Rrim_I_all 
_reflns_shell.pdbx_Rpim_I_all 
_reflns_shell.pdbx_rejects 
_reflns_shell.pdbx_ordinal 
_reflns_shell.pdbx_diffrn_id 
_reflns_shell.pdbx_CC_half 
_reflns_shell.pdbx_R_split 
2.500 2.540  ? ? ? ? ? 486 ? 93.300  ? ? ? ? ?     ? ? ? ? ? ? ? ? 12.800 ? 1.023 ? ? ?     0.315 0 1  1 0.786 ? 
2.540 2.590  ? ? ? ? ? 491 ? 95.200  ? ? ? ? 0.988 ? ? ? ? ? ? ? ? 13.000 ? 0.999 ? ? ?     0.275 0 2  1 0.869 ? 
2.590 2.640  ? ? ? ? ? 487 ? 94.900  ? ? ? ? 0.835 ? ? ? ? ? ? ? ? 12.700 ? 1.048 ? ? 0.868 0.234 0 3  1 0.830 ? 
2.640 2.690  ? ? ? ? ? 478 ? 91.600  ? ? ? ? 0.789 ? ? ? ? ? ? ? ? 13.000 ? 1.049 ? ? 0.821 0.222 0 4  1 0.844 ? 
2.690 2.750  ? ? ? ? ? 497 ? 94.800  ? ? ? ? 0.663 ? ? ? ? ? ? ? ? 12.600 ? 1.039 ? ? 0.689 0.186 0 5  1 0.904 ? 
2.750 2.820  ? ? ? ? ? 475 ? 94.200  ? ? ? ? 0.590 ? ? ? ? ? ? ? ? 12.800 ? 1.045 ? ? 0.614 0.166 0 6  1 0.905 ? 
2.820 2.890  ? ? ? ? ? 479 ? 91.900  ? ? ? ? 0.548 ? ? ? ? ? ? ? ? 12.700 ? 1.046 ? ? 0.570 0.155 0 7  1 0.926 ? 
2.890 2.960  ? ? ? ? ? 494 ? 94.500  ? ? ? ? 0.411 ? ? ? ? ? ? ? ? 12.600 ? 1.048 ? ? 0.428 0.117 0 8  1 0.970 ? 
2.960 3.050  ? ? ? ? ? 486 ? 92.200  ? ? ? ? 0.318 ? ? ? ? ? ? ? ? 12.500 ? 1.015 ? ? 0.331 0.090 0 9  1 0.974 ? 
3.050 3.150  ? ? ? ? ? 487 ? 93.500  ? ? ? ? 0.304 ? ? ? ? ? ? ? ? 12.300 ? 1.046 ? ? 0.316 0.086 0 10 1 0.976 ? 
3.150 3.260  ? ? ? ? ? 491 ? 94.600  ? ? ? ? 0.258 ? ? ? ? ? ? ? ? 12.400 ? 1.031 ? ? 0.268 0.073 0 11 1 0.980 ? 
3.260 3.390  ? ? ? ? ? 512 ? 95.300  ? ? ? ? 0.199 ? ? ? ? ? ? ? ? 12.100 ? 1.048 ? ? 0.207 0.057 0 12 1 0.982 ? 
3.390 3.550  ? ? ? ? ? 501 ? 96.300  ? ? ? ? 0.173 ? ? ? ? ? ? ? ? 11.900 ? 1.009 ? ? 0.180 0.049 0 13 1 0.991 ? 
3.550 3.730  ? ? ? ? ? 522 ? 97.000  ? ? ? ? 0.151 ? ? ? ? ? ? ? ? 11.900 ? 1.012 ? ? 0.157 0.043 0 14 1 0.992 ? 
3.730 3.970  ? ? ? ? ? 511 ? 96.600  ? ? ? ? 0.131 ? ? ? ? ? ? ? ? 12.200 ? 1.010 ? ? 0.136 0.038 0 15 1 0.993 ? 
3.970 4.270  ? ? ? ? ? 535 ? 98.900  ? ? ? ? 0.119 ? ? ? ? ? ? ? ? 12.100 ? 0.989 ? ? 0.125 0.035 0 16 1 0.994 ? 
4.270 4.700  ? ? ? ? ? 541 ? 98.500  ? ? ? ? 0.113 ? ? ? ? ? ? ? ? 12.100 ? 1.000 ? ? 0.118 0.034 0 17 1 0.989 ? 
4.700 5.380  ? ? ? ? ? 544 ? 99.300  ? ? ? ? 0.100 ? ? ? ? ? ? ? ? 12.500 ? 1.019 ? ? 0.105 0.029 0 18 1 0.992 ? 
5.380 6.780  ? ? ? ? ? 568 ? 100.000 ? ? ? ? 0.090 ? ? ? ? ? ? ? ? 12.300 ? 1.055 ? ? 0.094 0.027 0 19 1 0.994 ? 
6.780 50.000 ? ? ? ? ? 615 ? 97.900  ? ? ? ? 0.087 ? ? ? ? ? ? ? ? 11.500 ? 1.059 ? ? 0.092 0.027 0 20 1 0.993 ? 
# 
_refine.aniso_B[1][1]                            ? 
_refine.aniso_B[1][2]                            ? 
_refine.aniso_B[1][3]                            ? 
_refine.aniso_B[2][2]                            ? 
_refine.aniso_B[2][3]                            ? 
_refine.aniso_B[3][3]                            ? 
_refine.B_iso_max                                134.560 
_refine.B_iso_mean                               41.6900 
_refine.B_iso_min                                8.590 
_refine.correlation_coeff_Fo_to_Fc               ? 
_refine.correlation_coeff_Fo_to_Fc_free          ? 
_refine.details                                  ? 
_refine.diff_density_max                         ? 
_refine.diff_density_max_esd                     ? 
_refine.diff_density_min                         ? 
_refine.diff_density_min_esd                     ? 
_refine.diff_density_rms                         ? 
_refine.diff_density_rms_esd                     ? 
_refine.entry_id                                 4ZHZ 
_refine.pdbx_refine_id                           'X-RAY DIFFRACTION' 
_refine.ls_abs_structure_details                 ? 
_refine.ls_abs_structure_Flack                   ? 
_refine.ls_abs_structure_Flack_esd               ? 
_refine.ls_abs_structure_Rogers                  ? 
_refine.ls_abs_structure_Rogers_esd              ? 
_refine.ls_d_res_high                            2.5000 
_refine.ls_d_res_low                             38.0380 
_refine.ls_extinction_coef                       ? 
_refine.ls_extinction_coef_esd                   ? 
_refine.ls_extinction_expression                 ? 
_refine.ls_extinction_method                     ? 
_refine.ls_goodness_of_fit_all                   ? 
_refine.ls_goodness_of_fit_all_esd               ? 
_refine.ls_goodness_of_fit_obs                   ? 
_refine.ls_goodness_of_fit_obs_esd               ? 
_refine.ls_hydrogen_treatment                    ? 
_refine.ls_matrix_type                           ? 
_refine.ls_number_constraints                    ? 
_refine.ls_number_parameters                     ? 
_refine.ls_number_reflns_all                     ? 
_refine.ls_number_reflns_obs                     10153 
_refine.ls_number_reflns_R_free                  472 
_refine.ls_number_reflns_R_work                  9681 
_refine.ls_number_restraints                     ? 
_refine.ls_percent_reflns_obs                    95.5800 
_refine.ls_percent_reflns_R_free                 4.6500 
_refine.ls_R_factor_all                          ? 
_refine.ls_R_factor_obs                          0.2243 
_refine.ls_R_factor_R_free                       0.2704 
_refine.ls_R_factor_R_free_error                 ? 
_refine.ls_R_factor_R_free_error_details         ? 
_refine.ls_R_factor_R_work                       0.2222 
_refine.ls_R_Fsqd_factor_obs                     ? 
_refine.ls_R_I_factor_obs                        ? 
_refine.ls_redundancy_reflns_all                 ? 
_refine.ls_redundancy_reflns_obs                 ? 
_refine.ls_restrained_S_all                      ? 
_refine.ls_restrained_S_obs                      ? 
_refine.ls_shift_over_esd_max                    ? 
_refine.ls_shift_over_esd_mean                   ? 
_refine.ls_structure_factor_coef                 ? 
_refine.ls_weighting_details                     ? 
_refine.ls_weighting_scheme                      ? 
_refine.ls_wR_factor_all                         ? 
_refine.ls_wR_factor_obs                         ? 
_refine.ls_wR_factor_R_free                      ? 
_refine.ls_wR_factor_R_work                      ? 
_refine.occupancy_max                            ? 
_refine.occupancy_min                            ? 
_refine.solvent_model_details                    'FLAT BULK SOLVENT MODEL' 
_refine.solvent_model_param_bsol                 ? 
_refine.solvent_model_param_ksol                 ? 
_refine.ls_R_factor_gt                           ? 
_refine.ls_goodness_of_fit_gt                    ? 
_refine.ls_goodness_of_fit_ref                   ? 
_refine.ls_shift_over_su_max                     ? 
_refine.ls_shift_over_su_max_lt                  ? 
_refine.ls_shift_over_su_mean                    ? 
_refine.ls_shift_over_su_mean_lt                 ? 
_refine.pdbx_ls_sigma_I                          ? 
_refine.pdbx_ls_sigma_F                          1.340 
_refine.pdbx_ls_sigma_Fsqd                       ? 
_refine.pdbx_data_cutoff_high_absF               ? 
_refine.pdbx_data_cutoff_high_rms_absF           ? 
_refine.pdbx_data_cutoff_low_absF                ? 
_refine.pdbx_isotropic_thermal_model             ? 
_refine.pdbx_ls_cross_valid_method               'FREE R-VALUE' 
_refine.pdbx_method_to_determine_struct          'MOLECULAR REPLACEMENT' 
_refine.pdbx_starting_model                      4M5Q 
_refine.pdbx_stereochemistry_target_values       ML 
_refine.pdbx_R_Free_selection_details            ? 
_refine.pdbx_stereochem_target_val_spec_case     ? 
_refine.pdbx_overall_ESU_R                       ? 
_refine.pdbx_overall_ESU_R_Free                  ? 
_refine.pdbx_solvent_vdw_probe_radii             1.1100 
_refine.pdbx_solvent_ion_probe_radii             ? 
_refine.pdbx_solvent_shrinkage_radii             0.9000 
_refine.pdbx_real_space_R                        ? 
_refine.pdbx_density_correlation                 ? 
_refine.pdbx_pd_number_of_powder_patterns        ? 
_refine.pdbx_pd_number_of_points                 ? 
_refine.pdbx_pd_meas_number_of_points            ? 
_refine.pdbx_pd_proc_ls_prof_R_factor            ? 
_refine.pdbx_pd_proc_ls_prof_wR_factor           ? 
_refine.pdbx_pd_Marquardt_correlation_coeff      ? 
_refine.pdbx_pd_Fsqrd_R_factor                   ? 
_refine.pdbx_pd_ls_matrix_band_width             ? 
_refine.pdbx_overall_phase_error                 27.9400 
_refine.pdbx_overall_SU_R_free_Cruickshank_DPI   ? 
_refine.pdbx_overall_SU_R_free_Blow_DPI          ? 
_refine.pdbx_overall_SU_R_Blow_DPI               ? 
_refine.pdbx_TLS_residual_ADP_flag               ? 
_refine.pdbx_diffrn_id                           1 
_refine.overall_SU_B                             ? 
_refine.overall_SU_ML                            0.3300 
_refine.overall_SU_R_Cruickshank_DPI             ? 
_refine.overall_SU_R_free                        ? 
_refine.overall_FOM_free_R_set                   ? 
_refine.overall_FOM_work_R_set                   0.7746 
_refine.pdbx_average_fsc_overall                 ? 
_refine.pdbx_average_fsc_work                    ? 
_refine.pdbx_average_fsc_free                    ? 
# 
_refine_hist.cycle_id                         final 
_refine_hist.pdbx_refine_id                   'X-RAY DIFFRACTION' 
_refine_hist.d_res_high                       2.5000 
_refine_hist.d_res_low                        38.0380 
_refine_hist.pdbx_number_atoms_ligand         46 
_refine_hist.number_atoms_solvent             73 
_refine_hist.number_atoms_total               1612 
_refine_hist.pdbx_number_residues_total       181 
_refine_hist.pdbx_B_iso_mean_ligand           70.79 
_refine_hist.pdbx_B_iso_mean_solvent          43.86 
_refine_hist.pdbx_number_atoms_protein        1493 
_refine_hist.pdbx_number_atoms_nucleic_acid   0 
# 
loop_
_refine_ls_restr.pdbx_refine_id 
_refine_ls_restr.criterion 
_refine_ls_restr.dev_ideal 
_refine_ls_restr.dev_ideal_target 
_refine_ls_restr.number 
_refine_ls_restr.rejects 
_refine_ls_restr.type 
_refine_ls_restr.weight 
_refine_ls_restr.pdbx_restraint_function 
'X-RAY DIFFRACTION' ? 0.004  ? 1569 ? f_bond_d           ? ? 
'X-RAY DIFFRACTION' ? 0.794  ? 2108 ? f_angle_d          ? ? 
'X-RAY DIFFRACTION' ? 0.064  ? 218  ? f_chiral_restr     ? ? 
'X-RAY DIFFRACTION' ? 0.002  ? 268  ? f_plane_restr      ? ? 
'X-RAY DIFFRACTION' ? 13.925 ? 589  ? f_dihedral_angle_d ? ? 
# 
loop_
_refine_ls_shell.pdbx_refine_id 
_refine_ls_shell.d_res_high 
_refine_ls_shell.d_res_low 
_refine_ls_shell.number_reflns_all 
_refine_ls_shell.number_reflns_obs 
_refine_ls_shell.number_reflns_R_free 
_refine_ls_shell.number_reflns_R_work 
_refine_ls_shell.percent_reflns_obs 
_refine_ls_shell.percent_reflns_R_free 
_refine_ls_shell.R_factor_all 
_refine_ls_shell.R_factor_obs 
_refine_ls_shell.R_factor_R_free 
_refine_ls_shell.R_factor_R_free_error 
_refine_ls_shell.R_factor_R_work 
_refine_ls_shell.redundancy_reflns_all 
_refine_ls_shell.redundancy_reflns_obs 
_refine_ls_shell.wR_factor_all 
_refine_ls_shell.wR_factor_obs 
_refine_ls_shell.wR_factor_R_free 
_refine_ls_shell.wR_factor_R_work 
_refine_ls_shell.pdbx_total_number_of_bins_used 
_refine_ls_shell.pdbx_phase_error 
_refine_ls_shell.pdbx_fsc_work 
_refine_ls_shell.pdbx_fsc_free 
'X-RAY DIFFRACTION' 2.5001 2.8618  3229 . 156 3073 94.0000 . . . 0.3134 . 0.2549 . . . . . . 3 . . . 
'X-RAY DIFFRACTION' 2.8618 3.6051  3286 . 160 3126 94.0000 . . . 0.3048 . 0.2412 . . . . . . 3 . . . 
'X-RAY DIFFRACTION' 3.6051 38.0422 3638 . 156 3482 98.0000 . . . 0.2456 . 0.2095 . . . . . . 3 . . . 
# 
_struct.entry_id                     4ZHZ 
_struct.title                        
;Endonuclease inhibitor bound to influenza strain H1N1 polymerase acidic subunit N-terminal region with expelling one of the metal ions in the active site
;
_struct.pdbx_model_details           'RNA binding protein' 
_struct.pdbx_formula_weight          ? 
_struct.pdbx_formula_weight_method   ? 
_struct.pdbx_model_type_details      ? 
_struct.pdbx_CASP_flag               ? 
# 
_struct_keywords.entry_id        4ZHZ 
_struct_keywords.text            'Hydrolase-Hydrolase Inhibitor complex' 
_struct_keywords.pdbx_keywords   'HYDROLASE/HYDROLASE INHIBITOR' 
# 
loop_
_struct_asym.id 
_struct_asym.pdbx_blank_PDB_chainid_flag 
_struct_asym.pdbx_modified 
_struct_asym.entity_id 
_struct_asym.details 
A N N 1 ? 
B N N 2 ? 
C N N 2 ? 
D N N 3 ? 
E N N 4 ? 
F N N 5 ? 
# 
loop_
_struct_conf.conf_type_id 
_struct_conf.id 
_struct_conf.pdbx_PDB_helix_id 
_struct_conf.beg_label_comp_id 
_struct_conf.beg_label_asym_id 
_struct_conf.beg_label_seq_id 
_struct_conf.pdbx_beg_PDB_ins_code 
_struct_conf.end_label_comp_id 
_struct_conf.end_label_asym_id 
_struct_conf.end_label_seq_id 
_struct_conf.pdbx_end_PDB_ins_code 
_struct_conf.beg_auth_comp_id 
_struct_conf.beg_auth_asym_id 
_struct_conf.beg_auth_seq_id 
_struct_conf.end_auth_comp_id 
_struct_conf.end_auth_asym_id 
_struct_conf.end_auth_seq_id 
_struct_conf.pdbx_PDB_helix_class 
_struct_conf.details 
_struct_conf.pdbx_PDB_helix_length 
HELX_P HELX_P1 AA1 SER A 5   ? PHE A 14  ? SER A 0   PHE A 9   1 ? 10 
HELX_P HELX_P2 AA2 ASN A 15  ? GLU A 28  ? ASN A 10  GLU A 23  1 ? 14 
HELX_P HELX_P3 AA3 GLU A 36  ? ALA A 56  ? GLU A 31  ALA A 51  1 ? 21 
HELX_P HELX_P4 AA4 ASP A 68  ? GLY A 84  ? ASP A 83  GLY A 99  1 ? 17 
HELX_P HELX_P5 AA5 GLU A 111 ? LYS A 124 ? GLU A 126 LYS A 139 1 ? 14 
HELX_P HELX_P6 AA6 LYS A 143 ? ASP A 145 ? LYS A 158 ASP A 160 5 ? 3  
HELX_P HELX_P7 AA7 ASP A 149 ? ARG A 170 ? ASP A 164 ARG A 185 1 ? 22 
HELX_P HELX_P8 AA8 LEU A 172 ? SER A 179 ? LEU A 187 SER A 194 1 ? 8  
# 
_struct_conf_type.id          HELX_P 
_struct_conf_type.criteria    ? 
_struct_conf_type.reference   ? 
# 
_struct_conn.id                            metalc1 
_struct_conn.conn_type_id                  metalc 
_struct_conn.pdbx_leaving_atom_flag        ? 
_struct_conn.pdbx_PDB_id                   ? 
_struct_conn.ptnr1_label_asym_id           A 
_struct_conn.ptnr1_label_comp_id           ASP 
_struct_conn.ptnr1_label_seq_id            93 
_struct_conn.ptnr1_label_atom_id           OD1 
_struct_conn.pdbx_ptnr1_label_alt_id       ? 
_struct_conn.pdbx_ptnr1_PDB_ins_code       ? 
_struct_conn.pdbx_ptnr1_standard_comp_id   ? 
_struct_conn.ptnr1_symmetry                1_555 
_struct_conn.ptnr2_label_asym_id           D 
_struct_conn.ptnr2_label_comp_id           MN 
_struct_conn.ptnr2_label_seq_id            . 
_struct_conn.ptnr2_label_atom_id           MN 
_struct_conn.pdbx_ptnr2_label_alt_id       ? 
_struct_conn.pdbx_ptnr2_PDB_ins_code       ? 
_struct_conn.ptnr1_auth_asym_id            A 
_struct_conn.ptnr1_auth_comp_id            ASP 
_struct_conn.ptnr1_auth_seq_id             108 
_struct_conn.ptnr2_auth_asym_id            A 
_struct_conn.ptnr2_auth_comp_id            MN 
_struct_conn.ptnr2_auth_seq_id             303 
_struct_conn.ptnr2_symmetry                1_555 
_struct_conn.pdbx_ptnr3_label_atom_id      ? 
_struct_conn.pdbx_ptnr3_label_seq_id       ? 
_struct_conn.pdbx_ptnr3_label_comp_id      ? 
_struct_conn.pdbx_ptnr3_label_asym_id      ? 
_struct_conn.pdbx_ptnr3_label_alt_id       ? 
_struct_conn.pdbx_ptnr3_PDB_ins_code       ? 
_struct_conn.details                       ? 
_struct_conn.pdbx_dist_value               2.602 
_struct_conn.pdbx_value_order              ? 
_struct_conn.pdbx_role                     ? 
# 
_struct_conn_type.id          metalc 
_struct_conn_type.criteria    ? 
_struct_conn_type.reference   ? 
# 
_struct_sheet.id               AA1 
_struct_sheet.type             ? 
_struct_sheet.number_strands   5 
_struct_sheet.details          ? 
# 
loop_
_struct_sheet_order.sheet_id 
_struct_sheet_order.range_id_1 
_struct_sheet_order.range_id_2 
_struct_sheet_order.offset 
_struct_sheet_order.sense 
AA1 1 2 ? anti-parallel 
AA1 2 3 ? anti-parallel 
AA1 3 4 ? parallel      
AA1 4 5 ? anti-parallel 
# 
loop_
_struct_sheet_range.sheet_id 
_struct_sheet_range.id 
_struct_sheet_range.beg_label_comp_id 
_struct_sheet_range.beg_label_asym_id 
_struct_sheet_range.beg_label_seq_id 
_struct_sheet_range.pdbx_beg_PDB_ins_code 
_struct_sheet_range.end_label_comp_id 
_struct_sheet_range.end_label_asym_id 
_struct_sheet_range.end_label_seq_id 
_struct_sheet_range.pdbx_end_PDB_ins_code 
_struct_sheet_range.beg_auth_comp_id 
_struct_sheet_range.beg_auth_asym_id 
_struct_sheet_range.beg_auth_seq_id 
_struct_sheet_range.end_auth_comp_id 
_struct_sheet_range.end_auth_asym_id 
_struct_sheet_range.end_auth_seq_id 
AA1 1 PHE A 61  ? ILE A 63  ? PHE A 76  ILE A 78  
AA1 2 LEU A 94  ? ASP A 96  ? LEU A 109 ASP A 111 
AA1 3 ARG A 101 ? THR A 108 ? ARG A 116 THR A 123 
AA1 4 HIS A 129 ? SER A 134 ? HIS A 144 SER A 149 
AA1 5 GLU A 139 ? ALA A 141 ? GLU A 154 ALA A 156 
# 
loop_
_pdbx_struct_sheet_hbond.sheet_id 
_pdbx_struct_sheet_hbond.range_id_1 
_pdbx_struct_sheet_hbond.range_id_2 
_pdbx_struct_sheet_hbond.range_1_label_atom_id 
_pdbx_struct_sheet_hbond.range_1_label_comp_id 
_pdbx_struct_sheet_hbond.range_1_label_asym_id 
_pdbx_struct_sheet_hbond.range_1_label_seq_id 
_pdbx_struct_sheet_hbond.range_1_PDB_ins_code 
_pdbx_struct_sheet_hbond.range_1_auth_atom_id 
_pdbx_struct_sheet_hbond.range_1_auth_comp_id 
_pdbx_struct_sheet_hbond.range_1_auth_asym_id 
_pdbx_struct_sheet_hbond.range_1_auth_seq_id 
_pdbx_struct_sheet_hbond.range_2_label_atom_id 
_pdbx_struct_sheet_hbond.range_2_label_comp_id 
_pdbx_struct_sheet_hbond.range_2_label_asym_id 
_pdbx_struct_sheet_hbond.range_2_label_seq_id 
_pdbx_struct_sheet_hbond.range_2_PDB_ins_code 
_pdbx_struct_sheet_hbond.range_2_auth_atom_id 
_pdbx_struct_sheet_hbond.range_2_auth_comp_id 
_pdbx_struct_sheet_hbond.range_2_auth_asym_id 
_pdbx_struct_sheet_hbond.range_2_auth_seq_id 
AA1 1 2 N GLU A 62  ? N GLU A 77  O TYR A 95  ? O TYR A 110 
AA1 2 3 N ASP A 96  ? N ASP A 111 O ARG A 101 ? O ARG A 116 
AA1 3 4 N GLU A 104 ? N GLU A 119 O HIS A 129 ? O HIS A 144 
AA1 4 5 N ILE A 132 ? N ILE A 147 O MET A 140 ? O MET A 155 
# 
loop_
_struct_site.id 
_struct_site.pdbx_evidence_code 
_struct_site.pdbx_auth_asym_id 
_struct_site.pdbx_auth_comp_id 
_struct_site.pdbx_auth_seq_id 
_struct_site.pdbx_auth_ins_code 
_struct_site.pdbx_num_residues 
_struct_site.details 
AC1 Software A 4P8 301 ? 13 'binding site for residue 4P8 A 301' 
AC2 Software A 4P8 302 ? 5  'binding site for residue 4P8 A 302' 
AC3 Software A MN  303 ? 5  'binding site for residue MN A 303'  
AC4 Software A SO4 304 ? 3  'binding site for residue SO4 A 304' 
# 
loop_
_struct_site_gen.id 
_struct_site_gen.site_id 
_struct_site_gen.pdbx_num_res 
_struct_site_gen.label_comp_id 
_struct_site_gen.label_asym_id 
_struct_site_gen.label_seq_id 
_struct_site_gen.pdbx_auth_ins_code 
_struct_site_gen.auth_comp_id 
_struct_site_gen.auth_asym_id 
_struct_site_gen.auth_seq_id 
_struct_site_gen.label_atom_id 
_struct_site_gen.label_alt_id 
_struct_site_gen.symmetry 
_struct_site_gen.details 
1  AC1 13 THR A 25  ? THR A 20  . ? 1_555 ? 
2  AC1 13 TYR A 29  ? TYR A 24  . ? 1_555 ? 
3  AC1 13 HIS A 46  ? HIS A 41  . ? 1_555 ? 
4  AC1 13 GLU A 65  ? GLU A 80  . ? 1_555 ? 
5  AC1 13 GLU A 104 ? GLU A 119 . ? 1_555 ? 
6  AC1 13 ILE A 105 ? ILE A 120 . ? 1_555 ? 
7  AC1 13 TYR A 115 ? TYR A 130 . ? 1_555 ? 
8  AC1 13 LYS A 119 ? LYS A 134 . ? 1_555 ? 
9  AC1 13 4P8 C .   ? 4P8 A 302 . ? 1_555 ? 
10 AC1 13 MN  D .   ? MN  A 303 . ? 1_555 ? 
11 AC1 13 HOH F .   ? HOH A 408 . ? 1_555 ? 
12 AC1 13 HOH F .   ? HOH A 414 . ? 1_555 ? 
13 AC1 13 HOH F .   ? HOH A 440 . ? 1_555 ? 
14 AC2 5  LYS A 39  ? LYS A 34  . ? 1_555 ? 
15 AC2 5  TYR A 115 ? TYR A 130 . ? 1_555 ? 
16 AC2 5  LYS A 122 ? LYS A 137 . ? 1_555 ? 
17 AC2 5  4P8 B .   ? 4P8 A 301 . ? 1_555 ? 
18 AC2 5  HOH F .   ? HOH A 412 . ? 1_555 ? 
19 AC3 5  GLU A 65  ? GLU A 80  . ? 1_555 ? 
20 AC3 5  LEU A 91  ? LEU A 106 . ? 1_555 ? 
21 AC3 5  ASP A 93  ? ASP A 108 . ? 1_555 ? 
22 AC3 5  GLU A 104 ? GLU A 119 . ? 1_555 ? 
23 AC3 5  4P8 B .   ? 4P8 A 301 . ? 1_555 ? 
24 AC4 3  ARG A 164 ? ARG A 179 . ? 1_555 ? 
25 AC4 3  TRP A 173 ? TRP A 188 . ? 1_555 ? 
26 AC4 3  ARG A 177 ? ARG A 192 . ? 1_555 ? 
# 
_atom_sites.entry_id                    4ZHZ 
_atom_sites.fract_transf_matrix[1][1]   0.00984868 
_atom_sites.fract_transf_matrix[1][2]   -0.00401584 
_atom_sites.fract_transf_matrix[1][3]   0.01061117 
_atom_sites.fract_transf_matrix[2][1]   0.01064699 
_atom_sites.fract_transf_matrix[2][2]   0.00812603 
_atom_sites.fract_transf_matrix[2][3]   -0.00680660 
_atom_sites.fract_transf_matrix[3][1]   -0.00201996 
_atom_sites.fract_transf_matrix[3][2]   0.00617428 
_atom_sites.fract_transf_matrix[3][3]   0.00421149 
_atom_sites.fract_transf_vector[1]      -0.107804 
_atom_sites.fract_transf_vector[2]      -0.440472 
_atom_sites.fract_transf_vector[3]      0.099404 
# 
loop_
_atom_type.symbol 
C  
CL 
MN 
N  
O  
S  
# 
loop_
_atom_site.group_PDB 
_atom_site.id 
_atom_site.type_symbol 
_atom_site.label_atom_id 
_atom_site.label_alt_id 
_atom_site.label_comp_id 
_atom_site.label_asym_id 
_atom_site.label_entity_id 
_atom_site.label_seq_id 
_atom_site.pdbx_PDB_ins_code 
_atom_site.Cartn_x 
_atom_site.Cartn_y 
_atom_site.Cartn_z 
_atom_site.occupancy 
_atom_site.B_iso_or_equiv 
_atom_site.pdbx_formal_charge 
_atom_site.auth_seq_id 
_atom_site.auth_comp_id 
_atom_site.auth_asym_id 
_atom_site.auth_atom_id 
_atom_site.pdbx_PDB_model_num 
ATOM   1    N  N   . GLY A 1 1   ? -29.469 7.754   -9.550  1.00 56.24  ? -4  GLY A N   1 
ATOM   2    C  CA  . GLY A 1 1   ? -28.198 7.216   -9.998  1.00 57.47  ? -4  GLY A CA  1 
ATOM   3    C  C   . GLY A 1 1   ? -27.946 5.813   -9.479  1.00 51.93  ? -4  GLY A C   1 
ATOM   4    O  O   . GLY A 1 1   ? -28.164 5.534   -8.300  1.00 51.64  ? -4  GLY A O   1 
ATOM   5    N  N   . PRO A 1 2   ? -27.486 4.914   -10.362 1.00 36.19  ? -3  PRO A N   1 
ATOM   6    C  CA  . PRO A 1 2   ? -27.190 3.529   -9.972  1.00 36.95  ? -3  PRO A CA  1 
ATOM   7    C  C   . PRO A 1 2   ? -25.979 3.442   -9.045  1.00 33.66  ? -3  PRO A C   1 
ATOM   8    O  O   . PRO A 1 2   ? -24.936 4.050   -9.312  1.00 45.44  ? -3  PRO A O   1 
ATOM   9    C  CB  . PRO A 1 2   ? -26.894 2.843   -11.311 1.00 34.47  ? -3  PRO A CB  1 
ATOM   10   C  CG  . PRO A 1 2   ? -26.471 3.940   -12.210 1.00 28.75  ? -3  PRO A CG  1 
ATOM   11   C  CD  . PRO A 1 2   ? -27.261 5.144   -11.799 1.00 36.33  ? -3  PRO A CD  1 
ATOM   12   N  N   . LEU A 1 3   ? -26.131 2.689   -7.960  1.00 39.77  ? -2  LEU A N   1 
ATOM   13   C  CA  . LEU A 1 3   ? -25.092 2.571   -6.949  1.00 40.80  ? -2  LEU A CA  1 
ATOM   14   C  C   . LEU A 1 3   ? -24.626 1.125   -6.851  1.00 30.31  ? -2  LEU A C   1 
ATOM   15   O  O   . LEU A 1 3   ? -25.407 0.229   -6.514  1.00 36.98  ? -2  LEU A O   1 
ATOM   16   C  CB  . LEU A 1 3   ? -25.627 3.056   -5.602  1.00 36.13  ? -2  LEU A CB  1 
ATOM   17   C  CG  . LEU A 1 3   ? -24.610 3.332   -4.498  1.00 40.34  ? -2  LEU A CG  1 
ATOM   18   C  CD1 . LEU A 1 3   ? -23.309 3.815   -5.096  1.00 39.81  ? -2  LEU A CD1 1 
ATOM   19   C  CD2 . LEU A 1 3   ? -25.158 4.372   -3.534  1.00 37.81  ? -2  LEU A CD2 1 
ATOM   20   N  N   . GLY A 1 4   ? -23.350 0.897   -7.145  1.00 22.86  ? -1  GLY A N   1 
ATOM   21   C  CA  . GLY A 1 4   ? -22.825 -0.453  -7.234  1.00 24.21  ? -1  GLY A CA  1 
ATOM   22   C  C   . GLY A 1 4   ? -22.384 -1.052  -5.912  1.00 30.35  ? -1  GLY A C   1 
ATOM   23   O  O   . GLY A 1 4   ? -22.424 -0.393  -4.869  1.00 25.34  ? -1  GLY A O   1 
ATOM   24   N  N   . SER A 1 5   ? -21.975 -2.316  -5.960  1.00 32.15  ? 0   SER A N   1 
ATOM   25   C  CA  . SER A 1 5   ? -21.387 -2.988  -4.808  1.00 23.35  ? 0   SER A CA  1 
ATOM   26   C  C   . SER A 1 5   ? -19.877 -2.794  -4.836  1.00 30.75  ? 0   SER A C   1 
ATOM   27   O  O   . SER A 1 5   ? -19.243 -2.957  -5.883  1.00 36.07  ? 0   SER A O   1 
ATOM   28   C  CB  . SER A 1 5   ? -21.722 -4.480  -4.840  1.00 36.88  ? 0   SER A CB  1 
ATOM   29   O  OG  . SER A 1 5   ? -20.969 -5.206  -3.886  1.00 35.97  ? 0   SER A OG  1 
ATOM   30   N  N   . MET A 1 6   ? -19.298 -2.441  -3.693  1.00 19.77  ? 1   MET A N   1 
ATOM   31   C  CA  . MET A 1 6   ? -17.854 -2.259  -3.613  1.00 31.13  ? 1   MET A CA  1 
ATOM   32   C  C   . MET A 1 6   ? -17.128 -3.584  -3.780  1.00 39.47  ? 1   MET A C   1 
ATOM   33   O  O   . MET A 1 6   ? -16.102 -3.647  -4.449  1.00 31.51  ? 1   MET A O   1 
ATOM   34   C  CB  . MET A 1 6   ? -17.451 -1.599  -2.295  1.00 23.27  ? 1   MET A CB  1 
ATOM   35   C  CG  . MET A 1 6   ? -15.946 -1.524  -2.088  1.00 35.46  ? 1   MET A CG  1 
ATOM   36   S  SD  . MET A 1 6   ? -15.100 -0.680  -3.442  1.00 37.72  ? 1   MET A SD  1 
ATOM   37   C  CE  . MET A 1 6   ? -15.476 1.033   -3.053  1.00 25.83  ? 1   MET A CE  1 
ATOM   38   N  N   . GLU A 1 7   ? -17.667 -4.637  -3.170  1.00 37.76  ? 2   GLU A N   1 
ATOM   39   C  CA  . GLU A 1 7   ? -17.076 -5.970  -3.265  1.00 40.46  ? 2   GLU A CA  1 
ATOM   40   C  C   . GLU A 1 7   ? -16.981 -6.416  -4.725  1.00 37.99  ? 2   GLU A C   1 
ATOM   41   O  O   . GLU A 1 7   ? -15.941 -6.925  -5.171  1.00 45.71  ? 2   GLU A O   1 
ATOM   42   C  CB  . GLU A 1 7   ? -17.906 -6.971  -2.458  1.00 33.67  ? 2   GLU A CB  1 
ATOM   43   C  CG  . GLU A 1 7   ? -17.226 -8.309  -2.237  1.00 41.91  ? 2   GLU A CG  1 
ATOM   44   C  CD  . GLU A 1 7   ? -18.102 -9.282  -1.466  1.00 54.71  ? 2   GLU A CD  1 
ATOM   45   O  OE1 . GLU A 1 7   ? -18.848 -8.835  -0.570  1.00 50.25  ? 2   GLU A OE1 1 
ATOM   46   O  OE2 . GLU A 1 7   ? -18.044 -10.496 -1.762  1.00 39.04  ? 2   GLU A OE2 1 
ATOM   47   N  N   . ASP A 1 8   ? -18.071 -6.209  -5.461  1.00 34.13  ? 3   ASP A N   1 
ATOM   48   C  CA  . ASP A 1 8   ? -18.114 -6.482  -6.892  1.00 35.90  ? 3   ASP A CA  1 
ATOM   49   C  C   . ASP A 1 8   ? -16.995 -5.736  -7.603  1.00 52.11  ? 3   ASP A C   1 
ATOM   50   O  O   . ASP A 1 8   ? -16.213 -6.332  -8.351  1.00 55.56  ? 3   ASP A O   1 
ATOM   51   C  CB  . ASP A 1 8   ? -19.469 -6.062  -7.472  1.00 49.77  ? 3   ASP A CB  1 
ATOM   52   C  CG  . ASP A 1 8   ? -20.585 -7.022  -7.104  1.00 66.03  ? 3   ASP A CG  1 
ATOM   53   O  OD1 . ASP A 1 8   ? -20.326 -7.960  -6.323  1.00 41.05  ? 3   ASP A OD1 1 
ATOM   54   O  OD2 . ASP A 1 8   ? -21.722 -6.839  -7.590  1.00 54.92  ? 3   ASP A OD2 1 
ATOM   55   N  N   . PHE A 1 9   ? -16.924 -4.431  -7.350  1.00 40.57  ? 4   PHE A N   1 
ATOM   56   C  CA  . PHE A 1 9   ? -15.899 -3.586  -7.949  1.00 47.55  ? 4   PHE A CA  1 
ATOM   57   C  C   . PHE A 1 9   ? -14.501 -4.125  -7.694  1.00 33.87  ? 4   PHE A C   1 
ATOM   58   O  O   . PHE A 1 9   ? -13.687 -4.179  -8.603  1.00 32.26  ? 4   PHE A O   1 
ATOM   59   C  CB  . PHE A 1 9   ? -15.976 -2.154  -7.424  1.00 35.76  ? 4   PHE A CB  1 
ATOM   60   C  CG  . PHE A 1 9   ? -14.788 -1.315  -7.798  1.00 34.07  ? 4   PHE A CG  1 
ATOM   61   C  CD1 . PHE A 1 9   ? -14.664 -0.804  -9.077  1.00 35.15  ? 4   PHE A CD1 1 
ATOM   62   C  CD2 . PHE A 1 9   ? -13.786 -1.050  -6.877  1.00 33.36  ? 4   PHE A CD2 1 
ATOM   63   C  CE1 . PHE A 1 9   ? -13.569 -0.038  -9.429  1.00 41.12  ? 4   PHE A CE1 1 
ATOM   64   C  CE2 . PHE A 1 9   ? -12.690 -0.286  -7.227  1.00 35.98  ? 4   PHE A CE2 1 
ATOM   65   C  CZ  . PHE A 1 9   ? -12.583 0.219   -8.503  1.00 33.35  ? 4   PHE A CZ  1 
ATOM   66   N  N   . VAL A 1 10  ? -14.231 -4.506  -6.449  1.00 33.03  ? 5   VAL A N   1 
ATOM   67   C  CA  . VAL A 1 10  ? -12.928 -5.039  -6.063  1.00 28.35  ? 5   VAL A CA  1 
ATOM   68   C  C   . VAL A 1 10  ? -12.609 -6.294  -6.861  1.00 46.26  ? 5   VAL A C   1 
ATOM   69   O  O   . VAL A 1 10  ? -11.524 -6.421  -7.429  1.00 32.20  ? 5   VAL A O   1 
ATOM   70   C  CB  . VAL A 1 10  ? -12.876 -5.375  -4.562  1.00 27.21  ? 5   VAL A CB  1 
ATOM   71   C  CG1 . VAL A 1 10  ? -11.622 -6.174  -4.236  1.00 35.01  ? 5   VAL A CG1 1 
ATOM   72   C  CG2 . VAL A 1 10  ? -12.940 -4.105  -3.721  1.00 24.03  ? 5   VAL A CG2 1 
ATOM   73   N  N   . ARG A 1 11  ? -13.563 -7.218  -6.906  1.00 43.75  ? 6   ARG A N   1 
ATOM   74   C  CA  . ARG A 1 11  ? -13.337 -8.487  -7.594  1.00 38.36  ? 6   ARG A CA  1 
ATOM   75   C  C   . ARG A 1 11  ? -13.220 -8.348  -9.110  1.00 47.46  ? 6   ARG A C   1 
ATOM   76   O  O   . ARG A 1 11  ? -12.648 -9.213  -9.772  1.00 59.23  ? 6   ARG A O   1 
ATOM   77   C  CB  . ARG A 1 11  ? -14.416 -9.502  -7.216  1.00 45.81  ? 6   ARG A CB  1 
ATOM   78   C  CG  . ARG A 1 11  ? -14.453 -9.776  -5.726  1.00 50.25  ? 6   ARG A CG  1 
ATOM   79   C  CD  . ARG A 1 11  ? -15.325 -10.964 -5.382  1.00 45.73  ? 6   ARG A CD  1 
ATOM   80   N  NE  . ARG A 1 11  ? -15.390 -11.160 -3.939  1.00 40.70  ? 6   ARG A NE  1 
ATOM   81   C  CZ  . ARG A 1 11  ? -14.479 -11.819 -3.232  1.00 44.40  ? 6   ARG A CZ  1 
ATOM   82   N  NH1 . ARG A 1 11  ? -13.426 -12.356 -3.837  1.00 41.26  ? 6   ARG A NH1 1 
ATOM   83   N  NH2 . ARG A 1 11  ? -14.619 -11.943 -1.919  1.00 44.28  ? 6   ARG A NH2 1 
ATOM   84   N  N   . GLN A 1 12  ? -13.752 -7.260  -9.657  1.00 39.08  ? 7   GLN A N   1 
ATOM   85   C  CA  . GLN A 1 12  ? -13.660 -7.029  -11.096 1.00 39.04  ? 7   GLN A CA  1 
ATOM   86   C  C   . GLN A 1 12  ? -12.434 -6.199  -11.481 1.00 49.55  ? 7   GLN A C   1 
ATOM   87   O  O   . GLN A 1 12  ? -11.912 -6.324  -12.588 1.00 57.68  ? 7   GLN A O   1 
ATOM   88   C  CB  . GLN A 1 12  ? -14.937 -6.361  -11.612 1.00 44.16  ? 7   GLN A CB  1 
ATOM   89   C  CG  . GLN A 1 12  ? -16.196 -7.183  -11.375 1.00 68.12  ? 7   GLN A CG  1 
ATOM   90   C  CD  . GLN A 1 12  ? -17.435 -6.546  -11.973 1.00 79.58  ? 7   GLN A CD  1 
ATOM   91   O  OE1 . GLN A 1 12  ? -17.345 -5.602  -12.758 1.00 79.89  ? 7   GLN A OE1 1 
ATOM   92   N  NE2 . GLN A 1 12  ? -18.604 -7.062  -11.604 1.00 82.68  ? 7   GLN A NE2 1 
ATOM   93   N  N   . CYS A 1 13  ? -11.974 -5.366  -10.553 1.00 53.34  ? 8   CYS A N   1 
ATOM   94   C  CA  . CYS A 1 13  ? -10.936 -4.376  -10.828 1.00 44.30  ? 8   CYS A CA  1 
ATOM   95   C  C   . CYS A 1 13  ? -9.543  -4.839  -10.424 1.00 42.66  ? 8   CYS A C   1 
ATOM   96   O  O   . CYS A 1 13  ? -8.555  -4.484  -11.066 1.00 52.26  ? 8   CYS A O   1 
ATOM   97   C  CB  . CYS A 1 13  ? -11.272 -3.058  -10.121 1.00 43.53  ? 8   CYS A CB  1 
ATOM   98   S  SG  . CYS A 1 13  ? -9.899  -1.907  -9.921  1.00 62.96  ? 8   CYS A SG  1 
ATOM   99   N  N   . PHE A 1 14  ? -9.463  -5.632  -9.359  1.00 40.96  ? 9   PHE A N   1 
ATOM   100  C  CA  . PHE A 1 14  ? -8.168  -6.075  -8.856  1.00 40.29  ? 9   PHE A CA  1 
ATOM   101  C  C   . PHE A 1 14  ? -7.806  -7.493  -9.277  1.00 54.28  ? 9   PHE A C   1 
ATOM   102  O  O   . PHE A 1 14  ? -8.675  -8.321  -9.563  1.00 57.57  ? 9   PHE A O   1 
ATOM   103  C  CB  . PHE A 1 14  ? -8.097  -5.933  -7.335  1.00 32.47  ? 9   PHE A CB  1 
ATOM   104  C  CG  . PHE A 1 14  ? -8.048  -4.510  -6.869  1.00 34.16  ? 9   PHE A CG  1 
ATOM   105  C  CD1 . PHE A 1 14  ? -6.861  -3.803  -6.893  1.00 27.01  ? 9   PHE A CD1 1 
ATOM   106  C  CD2 . PHE A 1 14  ? -9.189  -3.878  -6.413  1.00 38.39  ? 9   PHE A CD2 1 
ATOM   107  C  CE1 . PHE A 1 14  ? -6.816  -2.492  -6.468  1.00 42.65  ? 9   PHE A CE1 1 
ATOM   108  C  CE2 . PHE A 1 14  ? -9.146  -2.569  -5.987  1.00 25.73  ? 9   PHE A CE2 1 
ATOM   109  C  CZ  . PHE A 1 14  ? -7.960  -1.877  -6.015  1.00 31.56  ? 9   PHE A CZ  1 
ATOM   110  N  N   . ASN A 1 15  ? -6.505  -7.755  -9.313  1.00 53.38  ? 10  ASN A N   1 
ATOM   111  C  CA  . ASN A 1 15  ? -5.982  -9.057  -9.685  1.00 47.97  ? 10  ASN A CA  1 
ATOM   112  C  C   . ASN A 1 15  ? -6.359  -10.110 -8.645  1.00 57.17  ? 10  ASN A C   1 
ATOM   113  O  O   . ASN A 1 15  ? -6.262  -9.858  -7.443  1.00 47.51  ? 10  ASN A O   1 
ATOM   114  C  CB  . ASN A 1 15  ? -4.465  -8.972  -9.835  1.00 60.48  ? 10  ASN A CB  1 
ATOM   115  C  CG  . ASN A 1 15  ? -3.906  -10.060 -10.724 1.00 71.70  ? 10  ASN A CG  1 
ATOM   116  O  OD1 . ASN A 1 15  ? -3.551  -11.140 -10.252 1.00 68.28  ? 10  ASN A OD1 1 
ATOM   117  N  ND2 . ASN A 1 15  ? -3.823  -9.783  -12.021 1.00 65.10  ? 10  ASN A ND2 1 
ATOM   118  N  N   . PRO A 1 16  ? -6.801  -11.291 -9.108  1.00 52.05  ? 11  PRO A N   1 
ATOM   119  C  CA  . PRO A 1 16  ? -7.225  -12.394 -8.238  1.00 40.75  ? 11  PRO A CA  1 
ATOM   120  C  C   . PRO A 1 16  ? -6.185  -12.740 -7.175  1.00 55.11  ? 11  PRO A C   1 
ATOM   121  O  O   . PRO A 1 16  ? -6.560  -13.077 -6.052  1.00 48.23  ? 11  PRO A O   1 
ATOM   122  C  CB  . PRO A 1 16  ? -7.398  -13.557 -9.218  1.00 56.83  ? 11  PRO A CB  1 
ATOM   123  C  CG  . PRO A 1 16  ? -7.751  -12.898 -10.499 1.00 46.40  ? 11  PRO A CG  1 
ATOM   124  C  CD  . PRO A 1 16  ? -6.951  -11.627 -10.534 1.00 52.62  ? 11  PRO A CD  1 
ATOM   125  N  N   . MET A 1 17  ? -4.903  -12.655 -7.521  1.00 58.28  ? 12  MET A N   1 
ATOM   126  C  CA  . MET A 1 17  ? -3.841  -12.828 -6.536  1.00 50.39  ? 12  MET A CA  1 
ATOM   127  C  C   . MET A 1 17  ? -3.973  -11.770 -5.450  1.00 42.47  ? 12  MET A C   1 
ATOM   128  O  O   . MET A 1 17  ? -4.063  -12.097 -4.266  1.00 49.65  ? 12  MET A O   1 
ATOM   129  C  CB  . MET A 1 17  ? -2.466  -12.723 -7.192  1.00 69.11  ? 12  MET A CB  1 
ATOM   130  C  CG  . MET A 1 17  ? -2.077  -13.928 -8.026  1.00 86.90  ? 12  MET A CG  1 
ATOM   131  S  SD  . MET A 1 17  ? -0.543  -13.670 -8.933  1.00 106.58 ? 12  MET A SD  1 
ATOM   132  C  CE  . MET A 1 17  ? -0.990  -14.372 -10.518 1.00 74.96  ? 12  MET A CE  1 
ATOM   133  N  N   . ILE A 1 18  ? -3.987  -10.506 -5.869  1.00 41.64  ? 13  ILE A N   1 
ATOM   134  C  CA  . ILE A 1 18  ? -4.120  -9.374  -4.955  1.00 49.99  ? 13  ILE A CA  1 
ATOM   135  C  C   . ILE A 1 18  ? -5.355  -9.520  -4.073  1.00 38.39  ? 13  ILE A C   1 
ATOM   136  O  O   . ILE A 1 18  ? -5.283  -9.350  -2.856  1.00 46.78  ? 13  ILE A O   1 
ATOM   137  C  CB  . ILE A 1 18  ? -4.229  -8.041  -5.719  1.00 55.85  ? 13  ILE A CB  1 
ATOM   138  C  CG1 . ILE A 1 18  ? -2.971  -7.791  -6.552  1.00 25.88  ? 13  ILE A CG1 1 
ATOM   139  C  CG2 . ILE A 1 18  ? -4.477  -6.892  -4.751  1.00 46.46  ? 13  ILE A CG2 1 
ATOM   140  C  CD1 . ILE A 1 18  ? -2.997  -6.489  -7.326  1.00 49.91  ? 13  ILE A CD1 1 
ATOM   141  N  N   . VAL A 1 19  ? -6.485  -9.830  -4.704  1.00 41.14  ? 14  VAL A N   1 
ATOM   142  C  CA  . VAL A 1 19  ? -7.747  -10.019 -3.996  1.00 47.93  ? 14  VAL A CA  1 
ATOM   143  C  C   . VAL A 1 19  ? -7.617  -11.133 -2.961  1.00 55.52  ? 14  VAL A C   1 
ATOM   144  O  O   . VAL A 1 19  ? -8.163  -11.035 -1.865  1.00 48.21  ? 14  VAL A O   1 
ATOM   145  C  CB  . VAL A 1 19  ? -8.897  -10.344 -4.971  1.00 45.31  ? 14  VAL A CB  1 
ATOM   146  C  CG1 . VAL A 1 19  ? -10.202 -10.561 -4.217  1.00 39.89  ? 14  VAL A CG1 1 
ATOM   147  C  CG2 . VAL A 1 19  ? -9.059  -9.229  -5.996  1.00 43.13  ? 14  VAL A CG2 1 
ATOM   148  N  N   . GLU A 1 20  ? -6.885  -12.187 -3.307  1.00 47.32  ? 15  GLU A N   1 
ATOM   149  C  CA  . GLU A 1 20  ? -6.687  -13.303 -2.387  1.00 51.18  ? 15  GLU A CA  1 
ATOM   150  C  C   . GLU A 1 20  ? -5.825  -12.922 -1.187  1.00 46.26  ? 15  GLU A C   1 
ATOM   151  O  O   . GLU A 1 20  ? -6.132  -13.292 -0.052  1.00 47.92  ? 15  GLU A O   1 
ATOM   152  C  CB  . GLU A 1 20  ? -6.091  -14.509 -3.112  1.00 50.77  ? 15  GLU A CB  1 
ATOM   153  C  CG  . GLU A 1 20  ? -7.107  -15.293 -3.922  1.00 75.55  ? 15  GLU A CG  1 
ATOM   154  C  CD  . GLU A 1 20  ? -6.505  -16.513 -4.585  1.00 95.13  ? 15  GLU A CD  1 
ATOM   155  O  OE1 . GLU A 1 20  ? -5.315  -16.800 -4.337  1.00 84.99  ? 15  GLU A OE1 1 
ATOM   156  O  OE2 . GLU A 1 20  ? -7.222  -17.186 -5.355  1.00 107.27 ? 15  GLU A OE2 1 
ATOM   157  N  N   . LEU A 1 21  ? -4.748  -12.185 -1.440  1.00 42.07  ? 16  LEU A N   1 
ATOM   158  C  CA  . LEU A 1 21  ? -3.860  -11.749 -0.367  1.00 42.36  ? 16  LEU A CA  1 
ATOM   159  C  C   . LEU A 1 21  ? -4.591  -10.786 0.560   1.00 45.51  ? 16  LEU A C   1 
ATOM   160  O  O   . LEU A 1 21  ? -4.397  -10.809 1.778   1.00 51.39  ? 16  LEU A O   1 
ATOM   161  C  CB  . LEU A 1 21  ? -2.608  -11.083 -0.936  1.00 46.80  ? 16  LEU A CB  1 
ATOM   162  C  CG  . LEU A 1 21  ? -1.883  -11.851 -2.043  1.00 54.44  ? 16  LEU A CG  1 
ATOM   163  C  CD1 . LEU A 1 21  ? -0.560  -11.179 -2.394  1.00 44.90  ? 16  LEU A CD1 1 
ATOM   164  C  CD2 . LEU A 1 21  ? -1.669  -13.312 -1.666  1.00 53.71  ? 16  LEU A CD2 1 
ATOM   165  N  N   . ALA A 1 22  ? -5.433  -9.943  -0.028  1.00 37.72  ? 17  ALA A N   1 
ATOM   166  C  CA  . ALA A 1 22  ? -6.258  -9.025  0.741   1.00 45.37  ? 17  ALA A CA  1 
ATOM   167  C  C   . ALA A 1 22  ? -7.233  -9.822  1.598   1.00 45.56  ? 17  ALA A C   1 
ATOM   168  O  O   . ALA A 1 22  ? -7.391  -9.545  2.783   1.00 37.96  ? 17  ALA A O   1 
ATOM   169  C  CB  . ALA A 1 22  ? -7.003  -8.082  -0.179  1.00 53.97  ? 17  ALA A CB  1 
ATOM   170  N  N   . GLU A 1 23  ? -7.868  -10.819 0.988   1.00 43.29  ? 18  GLU A N   1 
ATOM   171  C  CA  . GLU A 1 23  ? -8.798  -11.701 1.686   1.00 54.85  ? 18  GLU A CA  1 
ATOM   172  C  C   . GLU A 1 23  ? -8.149  -12.352 2.894   1.00 57.66  ? 18  GLU A C   1 
ATOM   173  O  O   . GLU A 1 23  ? -8.736  -12.394 3.970   1.00 61.97  ? 18  GLU A O   1 
ATOM   174  C  CB  . GLU A 1 23  ? -9.312  -12.791 0.747   1.00 61.73  ? 18  GLU A CB  1 
ATOM   175  C  CG  . GLU A 1 23  ? -10.490 -12.379 -0.110  1.00 57.46  ? 18  GLU A CG  1 
ATOM   176  C  CD  . GLU A 1 23  ? -10.911 -13.477 -1.063  1.00 57.72  ? 18  GLU A CD  1 
ATOM   177  O  OE1 . GLU A 1 23  ? -10.030 -14.235 -1.523  1.00 66.88  ? 18  GLU A OE1 1 
ATOM   178  O  OE2 . GLU A 1 23  ? -12.123 -13.587 -1.349  1.00 63.04  ? 18  GLU A OE2 1 
ATOM   179  N  N   . LYS A 1 24  ? -6.940  -12.868 2.707   1.00 51.42  ? 19  LYS A N   1 
ATOM   180  C  CA  . LYS A 1 24  ? -6.217  -13.524 3.790   1.00 64.93  ? 19  LYS A CA  1 
ATOM   181  C  C   . LYS A 1 24  ? -5.793  -12.530 4.866   1.00 54.50  ? 19  LYS A C   1 
ATOM   182  O  O   . LYS A 1 24  ? -5.783  -12.855 6.056   1.00 57.73  ? 19  LYS A O   1 
ATOM   183  C  CB  . LYS A 1 24  ? -5.008  -14.280 3.241   1.00 56.08  ? 19  LYS A CB  1 
ATOM   184  C  CG  . LYS A 1 24  ? -5.387  -15.484 2.394   1.00 74.85  ? 19  LYS A CG  1 
ATOM   185  C  CD  . LYS A 1 24  ? -4.211  -15.981 1.575   1.00 86.45  ? 19  LYS A CD  1 
ATOM   186  C  CE  . LYS A 1 24  ? -4.617  -17.139 0.679   1.00 62.71  ? 19  LYS A CE  1 
ATOM   187  N  NZ  . LYS A 1 24  ? -4.935  -18.366 1.463   1.00 54.29  ? 19  LYS A NZ  1 
ATOM   188  N  N   . THR A 1 25  ? -5.450  -11.316 4.442   1.00 55.42  ? 20  THR A N   1 
ATOM   189  C  CA  . THR A 1 25  ? -5.104  -10.248 5.376   1.00 44.21  ? 20  THR A CA  1 
ATOM   190  C  C   . THR A 1 25  ? -6.303  -9.909  6.264   1.00 50.75  ? 20  THR A C   1 
ATOM   191  O  O   . THR A 1 25  ? -6.155  -9.731  7.478   1.00 49.35  ? 20  THR A O   1 
ATOM   192  C  CB  . THR A 1 25  ? -4.630  -8.979  4.641   1.00 38.04  ? 20  THR A CB  1 
ATOM   193  O  OG1 . THR A 1 25  ? -3.477  -9.287  3.847   1.00 42.84  ? 20  THR A OG1 1 
ATOM   194  C  CG2 . THR A 1 25  ? -4.274  -7.885  5.639   1.00 24.45  ? 20  THR A CG2 1 
ATOM   195  N  N   . MET A 1 26  ? -7.479  -9.843  5.662   1.00 48.10  ? 21  MET A N   1 
ATOM   196  C  CA  . MET A 1 26  ? -8.703  -9.576  6.406   1.00 55.38  ? 21  MET A CA  1 
ATOM   197  C  C   . MET A 1 26  ? -9.055  -10.769 7.289   1.00 57.82  ? 21  MET A C   1 
ATOM   198  O  O   . MET A 1 26  ? -9.612  -10.599 8.374   1.00 51.10  ? 21  MET A O   1 
ATOM   199  C  CB  . MET A 1 26  ? -9.858  -9.273  5.451   1.00 59.63  ? 21  MET A CB  1 
ATOM   200  C  CG  . MET A 1 26  ? -9.549  -8.193  4.425   1.00 66.25  ? 21  MET A CG  1 
ATOM   201  S  SD  . MET A 1 26  ? -10.669 -6.782  4.473   1.00 57.76  ? 21  MET A SD  1 
ATOM   202  C  CE  . MET A 1 26  ? -10.264 -6.093  6.077   1.00 34.42  ? 21  MET A CE  1 
ATOM   203  N  N   . LYS A 1 27  ? -8.741  -11.970 6.809   1.00 58.06  ? 22  LYS A N   1 
ATOM   204  C  CA  . LYS A 1 27  ? -8.928  -13.190 7.587   1.00 74.41  ? 22  LYS A CA  1 
ATOM   205  C  C   . LYS A 1 27  ? -8.166  -13.073 8.895   1.00 68.31  ? 22  LYS A C   1 
ATOM   206  O  O   . LYS A 1 27  ? -8.748  -13.148 9.978   1.00 51.31  ? 22  LYS A O   1 
ATOM   207  C  CB  . LYS A 1 27  ? -8.395  -14.415 6.835   1.00 73.42  ? 22  LYS A CB  1 
ATOM   208  C  CG  . LYS A 1 27  ? -9.281  -14.969 5.730   1.00 58.88  ? 22  LYS A CG  1 
ATOM   209  C  CD  . LYS A 1 27  ? -8.840  -16.391 5.379   1.00 75.31  ? 22  LYS A CD  1 
ATOM   210  C  CE  . LYS A 1 27  ? -9.477  -16.897 4.094   1.00 65.80  ? 22  LYS A CE  1 
ATOM   211  N  NZ  . LYS A 1 27  ? -8.672  -16.535 2.895   1.00 70.70  ? 22  LYS A NZ  1 
ATOM   212  N  N   . GLU A 1 28  ? -6.857  -12.876 8.780   1.00 59.29  ? 23  GLU A N   1 
ATOM   213  C  CA  . GLU A 1 28  ? -5.973  -12.911 9.938   1.00 64.80  ? 23  GLU A CA  1 
ATOM   214  C  C   . GLU A 1 28  ? -6.044  -11.663 10.817  1.00 65.93  ? 23  GLU A C   1 
ATOM   215  O  O   . GLU A 1 28  ? -5.363  -11.586 11.841  1.00 82.17  ? 23  GLU A O   1 
ATOM   216  C  CB  . GLU A 1 28  ? -4.530  -13.155 9.497   1.00 58.41  ? 23  GLU A CB  1 
ATOM   217  C  CG  . GLU A 1 28  ? -3.997  -12.097 8.557   1.00 68.87  ? 23  GLU A CG  1 
ATOM   218  C  CD  . GLU A 1 28  ? -2.496  -12.175 8.388   1.00 79.06  ? 23  GLU A CD  1 
ATOM   219  O  OE1 . GLU A 1 28  ? -1.983  -13.270 8.074   1.00 76.76  ? 23  GLU A OE1 1 
ATOM   220  O  OE2 . GLU A 1 28  ? -1.832  -11.136 8.574   1.00 81.47  ? 23  GLU A OE2 1 
ATOM   221  N  N   . TYR A 1 29  ? -6.861  -10.688 10.429  1.00 53.53  ? 24  TYR A N   1 
ATOM   222  C  CA  . TYR A 1 29  ? -7.048  -9.499  11.256  1.00 63.26  ? 24  TYR A CA  1 
ATOM   223  C  C   . TYR A 1 29  ? -8.441  -9.439  11.877  1.00 60.78  ? 24  TYR A C   1 
ATOM   224  O  O   . TYR A 1 29  ? -8.802  -8.460  12.533  1.00 51.76  ? 24  TYR A O   1 
ATOM   225  C  CB  . TYR A 1 29  ? -6.713  -8.220  10.479  1.00 63.57  ? 24  TYR A CB  1 
ATOM   226  C  CG  . TYR A 1 29  ? -5.264  -7.823  10.635  1.00 70.73  ? 24  TYR A CG  1 
ATOM   227  C  CD1 . TYR A 1 29  ? -4.289  -8.336  9.792   1.00 65.47  ? 24  TYR A CD1 1 
ATOM   228  C  CD2 . TYR A 1 29  ? -4.868  -6.959  11.646  1.00 61.39  ? 24  TYR A CD2 1 
ATOM   229  C  CE1 . TYR A 1 29  ? -2.959  -7.986  9.942   1.00 75.82  ? 24  TYR A CE1 1 
ATOM   230  C  CE2 . TYR A 1 29  ? -3.542  -6.604  11.805  1.00 76.09  ? 24  TYR A CE2 1 
ATOM   231  C  CZ  . TYR A 1 29  ? -2.594  -7.118  10.950  1.00 76.19  ? 24  TYR A CZ  1 
ATOM   232  O  OH  . TYR A 1 29  ? -1.274  -6.765  11.108  1.00 82.60  ? 24  TYR A OH  1 
ATOM   233  N  N   . GLY A 1 30  ? -9.210  -10.505 11.673  1.00 57.39  ? 25  GLY A N   1 
ATOM   234  C  CA  . GLY A 1 30  ? -10.505 -10.654 12.311  1.00 52.51  ? 25  GLY A CA  1 
ATOM   235  C  C   . GLY A 1 30  ? -11.540 -9.652  11.844  1.00 59.43  ? 25  GLY A C   1 
ATOM   236  O  O   . GLY A 1 30  ? -12.270 -9.084  12.655  1.00 57.66  ? 25  GLY A O   1 
ATOM   237  N  N   . GLU A 1 31  ? -11.606 -9.429  10.536  1.00 68.46  ? 26  GLU A N   1 
ATOM   238  C  CA  . GLU A 1 31  ? -12.613 -8.534  9.979   1.00 61.32  ? 26  GLU A CA  1 
ATOM   239  C  C   . GLU A 1 31  ? -13.275 -9.110  8.738   1.00 48.04  ? 26  GLU A C   1 
ATOM   240  O  O   . GLU A 1 31  ? -12.636 -9.788  7.931   1.00 42.75  ? 26  GLU A O   1 
ATOM   241  C  CB  . GLU A 1 31  ? -12.025 -7.153  9.692   1.00 59.93  ? 26  GLU A CB  1 
ATOM   242  C  CG  . GLU A 1 31  ? -11.941 -6.269  10.922  1.00 70.23  ? 26  GLU A CG  1 
ATOM   243  C  CD  . GLU A 1 31  ? -11.703 -4.815  10.578  1.00 83.03  ? 26  GLU A CD  1 
ATOM   244  O  OE1 . GLU A 1 31  ? -11.020 -4.546  9.568   1.00 90.61  ? 26  GLU A OE1 1 
ATOM   245  O  OE2 . GLU A 1 31  ? -12.208 -3.940  11.314  1.00 79.09  ? 26  GLU A OE2 1 
ATOM   246  N  N   . ASP A 1 32  ? -14.565 -8.833  8.595   1.00 51.07  ? 27  ASP A N   1 
ATOM   247  C  CA  . ASP A 1 32  ? -15.351 -9.399  7.511   1.00 54.62  ? 27  ASP A CA  1 
ATOM   248  C  C   . ASP A 1 32  ? -15.362 -8.462  6.307   1.00 38.75  ? 27  ASP A C   1 
ATOM   249  O  O   . ASP A 1 32  ? -15.854 -7.333  6.390   1.00 38.42  ? 27  ASP A O   1 
ATOM   250  C  CB  . ASP A 1 32  ? -16.780 -9.664  7.985   1.00 50.30  ? 27  ASP A CB  1 
ATOM   251  C  CG  . ASP A 1 32  ? -17.482 -10.715 7.152   1.00 49.87  ? 27  ASP A CG  1 
ATOM   252  O  OD1 . ASP A 1 32  ? -16.984 -11.034 6.053   1.00 50.54  ? 27  ASP A OD1 1 
ATOM   253  O  OD2 . ASP A 1 32  ? -18.534 -11.222 7.597   1.00 60.95  ? 27  ASP A OD2 1 
ATOM   254  N  N   . LEU A 1 33  ? -14.816 -8.935  5.190   1.00 30.30  ? 28  LEU A N   1 
ATOM   255  C  CA  . LEU A 1 33  ? -14.735 -8.126  3.979   1.00 41.14  ? 28  LEU A CA  1 
ATOM   256  C  C   . LEU A 1 33  ? -16.117 -7.804  3.421   1.00 45.21  ? 28  LEU A C   1 
ATOM   257  O  O   . LEU A 1 33  ? -16.293 -6.801  2.730   1.00 47.41  ? 28  LEU A O   1 
ATOM   258  C  CB  . LEU A 1 33  ? -13.867 -8.809  2.915   1.00 38.46  ? 28  LEU A CB  1 
ATOM   259  C  CG  . LEU A 1 33  ? -14.294 -10.161 2.330   1.00 42.10  ? 28  LEU A CG  1 
ATOM   260  C  CD1 . LEU A 1 33  ? -15.246 -10.008 1.142   1.00 39.16  ? 28  LEU A CD1 1 
ATOM   261  C  CD2 . LEU A 1 33  ? -13.069 -10.963 1.919   1.00 57.02  ? 28  LEU A CD2 1 
ATOM   262  N  N   . LYS A 1 34  ? -17.093 -8.658  3.719   1.00 56.17  ? 29  LYS A N   1 
ATOM   263  C  CA  . LYS A 1 34  ? -18.457 -8.446  3.251   1.00 45.27  ? 29  LYS A CA  1 
ATOM   264  C  C   . LYS A 1 34  ? -19.119 -7.276  3.970   1.00 41.62  ? 29  LYS A C   1 
ATOM   265  O  O   . LYS A 1 34  ? -20.066 -6.681  3.455   1.00 40.35  ? 29  LYS A O   1 
ATOM   266  C  CB  . LYS A 1 34  ? -19.293 -9.717  3.411   1.00 44.59  ? 29  LYS A CB  1 
ATOM   267  C  CG  . LYS A 1 34  ? -18.743 -10.917 2.656   1.00 43.94  ? 29  LYS A CG  1 
ATOM   268  C  CD  . LYS A 1 34  ? -19.853 -11.894 2.302   1.00 51.84  ? 29  LYS A CD  1 
ATOM   269  C  CE  . LYS A 1 34  ? -19.286 -13.209 1.799   1.00 49.77  ? 29  LYS A CE  1 
ATOM   270  N  NZ  . LYS A 1 34  ? -18.593 -13.948 2.888   1.00 78.85  ? 29  LYS A NZ  1 
ATOM   271  N  N   . ILE A 1 35  ? -18.627 -6.949  5.161   1.00 28.97  ? 30  ILE A N   1 
ATOM   272  C  CA  . ILE A 1 35  ? -19.090 -5.758  5.869   1.00 34.43  ? 30  ILE A CA  1 
ATOM   273  C  C   . ILE A 1 35  ? -18.149 -4.579  5.612   1.00 43.78  ? 30  ILE A C   1 
ATOM   274  O  O   . ILE A 1 35  ? -18.586 -3.508  5.188   1.00 56.82  ? 30  ILE A O   1 
ATOM   275  C  CB  . ILE A 1 35  ? -19.228 -5.992  7.393   1.00 44.14  ? 30  ILE A CB  1 
ATOM   276  C  CG1 . ILE A 1 35  ? -20.526 -6.735  7.722   1.00 43.65  ? 30  ILE A CG1 1 
ATOM   277  C  CG2 . ILE A 1 35  ? -19.203 -4.666  8.142   1.00 45.01  ? 30  ILE A CG2 1 
ATOM   278  C  CD1 . ILE A 1 35  ? -20.466 -8.239  7.524   1.00 53.97  ? 30  ILE A CD1 1 
ATOM   279  N  N   . GLU A 1 36  ? -16.860 -4.784  5.868   1.00 47.06  ? 31  GLU A N   1 
ATOM   280  C  CA  . GLU A 1 36  ? -15.852 -3.746  5.669   1.00 44.10  ? 31  GLU A CA  1 
ATOM   281  C  C   . GLU A 1 36  ? -15.326 -3.783  4.236   1.00 43.42  ? 31  GLU A C   1 
ATOM   282  O  O   . GLU A 1 36  ? -14.173 -4.151  3.996   1.00 40.34  ? 31  GLU A O   1 
ATOM   283  C  CB  . GLU A 1 36  ? -14.694 -3.937  6.651   1.00 35.13  ? 31  GLU A CB  1 
ATOM   284  C  CG  . GLU A 1 36  ? -15.117 -3.976  8.111   1.00 38.99  ? 31  GLU A CG  1 
ATOM   285  C  CD  . GLU A 1 36  ? -15.600 -2.631  8.614   1.00 57.10  ? 31  GLU A CD  1 
ATOM   286  O  OE1 . GLU A 1 36  ? -14.773 -1.702  8.722   1.00 68.51  ? 31  GLU A OE1 1 
ATOM   287  O  OE2 . GLU A 1 36  ? -16.808 -2.504  8.901   1.00 69.19  ? 31  GLU A OE2 1 
ATOM   288  N  N   . THR A 1 37  ? -16.175 -3.400  3.289   1.00 29.71  ? 32  THR A N   1 
ATOM   289  C  CA  . THR A 1 37  ? -15.841 -3.482  1.870   1.00 36.69  ? 32  THR A CA  1 
ATOM   290  C  C   . THR A 1 37  ? -14.834 -2.416  1.441   1.00 34.95  ? 32  THR A C   1 
ATOM   291  O  O   . THR A 1 37  ? -13.927 -2.688  0.646   1.00 29.54  ? 32  THR A O   1 
ATOM   292  C  CB  . THR A 1 37  ? -17.102 -3.376  0.995   1.00 38.15  ? 32  THR A CB  1 
ATOM   293  O  OG1 . THR A 1 37  ? -17.837 -2.203  1.363   1.00 42.58  ? 32  THR A OG1 1 
ATOM   294  C  CG2 . THR A 1 37  ? -17.989 -4.597  1.189   1.00 22.59  ? 32  THR A CG2 1 
ATOM   295  N  N   . ASN A 1 38  ? -15.007 -1.204  1.957   1.00 27.08  ? 33  ASN A N   1 
ATOM   296  C  CA  . ASN A 1 38  ? -14.068 -0.119  1.694   1.00 36.21  ? 33  ASN A CA  1 
ATOM   297  C  C   . ASN A 1 38  ? -12.660 -0.501  2.125   1.00 38.76  ? 33  ASN A C   1 
ATOM   298  O  O   . ASN A 1 38  ? -11.676 -0.127  1.486   1.00 37.68  ? 33  ASN A O   1 
ATOM   299  C  CB  . ASN A 1 38  ? -14.507 1.160   2.405   1.00 39.59  ? 33  ASN A CB  1 
ATOM   300  C  CG  . ASN A 1 38  ? -15.660 1.848   1.706   1.00 31.84  ? 33  ASN A CG  1 
ATOM   301  O  OD1 . ASN A 1 38  ? -16.104 1.414   0.640   1.00 31.26  ? 33  ASN A OD1 1 
ATOM   302  N  ND2 . ASN A 1 38  ? -16.157 2.925   2.306   1.00 33.21  ? 33  ASN A ND2 1 
ATOM   303  N  N   . LYS A 1 39  ? -12.578 -1.262  3.209   1.00 29.04  ? 34  LYS A N   1 
ATOM   304  C  CA  . LYS A 1 39  ? -11.298 -1.714  3.730   1.00 33.69  ? 34  LYS A CA  1 
ATOM   305  C  C   . LYS A 1 39  ? -10.687 -2.775  2.826   1.00 42.82  ? 34  LYS A C   1 
ATOM   306  O  O   . LYS A 1 39  ? -9.476  -2.787  2.599   1.00 35.06  ? 34  LYS A O   1 
ATOM   307  C  CB  . LYS A 1 39  ? -11.461 -2.257  5.146   1.00 28.57  ? 34  LYS A CB  1 
ATOM   308  C  CG  . LYS A 1 39  ? -10.161 -2.318  5.906   1.00 48.73  ? 34  LYS A CG  1 
ATOM   309  C  CD  . LYS A 1 39  ? -10.389 -2.093  7.386   1.00 69.86  ? 34  LYS A CD  1 
ATOM   310  C  CE  . LYS A 1 39  ? -9.099  -1.659  8.051   1.00 68.45  ? 34  LYS A CE  1 
ATOM   311  N  NZ  . LYS A 1 39  ? -8.506  -0.497  7.334   1.00 58.50  ? 34  LYS A NZ  1 
ATOM   312  N  N   . PHE A 1 40  ? -11.537 -3.667  2.321   1.00 34.80  ? 35  PHE A N   1 
ATOM   313  C  CA  . PHE A 1 40  ? -11.136 -4.670  1.343   1.00 35.42  ? 35  PHE A CA  1 
ATOM   314  C  C   . PHE A 1 40  ? -10.483 -3.955  0.165   1.00 32.16  ? 35  PHE A C   1 
ATOM   315  O  O   . PHE A 1 40  ? -9.376  -4.306  -0.268  1.00 30.07  ? 35  PHE A O   1 
ATOM   316  C  CB  . PHE A 1 40  ? -12.371 -5.441  0.869   1.00 36.62  ? 35  PHE A CB  1 
ATOM   317  C  CG  . PHE A 1 40  ? -12.057 -6.679  0.082   1.00 28.75  ? 35  PHE A CG  1 
ATOM   318  C  CD1 . PHE A 1 40  ? -10.875 -7.368  0.289   1.00 42.09  ? 35  PHE A CD1 1 
ATOM   319  C  CD2 . PHE A 1 40  ? -12.948 -7.160  -0.864  1.00 43.12  ? 35  PHE A CD2 1 
ATOM   320  C  CE1 . PHE A 1 40  ? -10.592 -8.511  -0.433  1.00 43.39  ? 35  PHE A CE1 1 
ATOM   321  C  CE2 . PHE A 1 40  ? -12.666 -8.302  -1.589  1.00 43.61  ? 35  PHE A CE2 1 
ATOM   322  C  CZ  . PHE A 1 40  ? -11.487 -8.975  -1.371  1.00 43.55  ? 35  PHE A CZ  1 
ATOM   323  N  N   . ALA A 1 41  ? -11.175 -2.927  -0.325  1.00 32.68  ? 36  ALA A N   1 
ATOM   324  C  CA  . ALA A 1 41  ? -10.691 -2.118  -1.441  1.00 24.11  ? 36  ALA A CA  1 
ATOM   325  C  C   . ALA A 1 41  ? -9.363  -1.432  -1.122  1.00 28.14  ? 36  ALA A C   1 
ATOM   326  O  O   . ALA A 1 41  ? -8.453  -1.416  -1.951  1.00 33.70  ? 36  ALA A O   1 
ATOM   327  C  CB  . ALA A 1 41  ? -11.739 -1.093  -1.839  1.00 17.54  ? 36  ALA A CB  1 
ATOM   328  N  N   . ALA A 1 42  ? -9.255  -0.867  0.078   1.00 24.74  ? 37  ALA A N   1 
ATOM   329  C  CA  . ALA A 1 42  ? -8.047  -0.149  0.481   1.00 29.91  ? 37  ALA A CA  1 
ATOM   330  C  C   . ALA A 1 42  ? -6.837  -1.075  0.558   1.00 33.48  ? 37  ALA A C   1 
ATOM   331  O  O   . ALA A 1 42  ? -5.744  -0.718  0.119   1.00 29.42  ? 37  ALA A O   1 
ATOM   332  C  CB  . ALA A 1 42  ? -8.260  0.559   1.808   1.00 20.55  ? 37  ALA A CB  1 
ATOM   333  N  N   . ILE A 1 43  ? -7.040  -2.261  1.123   1.00 32.84  ? 38  ILE A N   1 
ATOM   334  C  CA  . ILE A 1 43  ? -5.967  -3.242  1.235   1.00 35.82  ? 38  ILE A CA  1 
ATOM   335  C  C   . ILE A 1 43  ? -5.529  -3.719  -0.151  1.00 35.21  ? 38  ILE A C   1 
ATOM   336  O  O   . ILE A 1 43  ? -4.324  -3.836  -0.425  1.00 29.46  ? 38  ILE A O   1 
ATOM   337  C  CB  . ILE A 1 43  ? -6.376  -4.423  2.135   1.00 33.33  ? 38  ILE A CB  1 
ATOM   338  C  CG1 . ILE A 1 43  ? -6.501  -3.946  3.584   1.00 28.24  ? 38  ILE A CG1 1 
ATOM   339  C  CG2 . ILE A 1 43  ? -5.369  -5.562  2.019   1.00 35.76  ? 38  ILE A CG2 1 
ATOM   340  C  CD1 . ILE A 1 43  ? -7.233  -4.902  4.498   1.00 46.98  ? 38  ILE A CD1 1 
ATOM   341  N  N   . CYS A 1 44  ? -6.500  -3.977  -1.021  1.00 27.99  ? 39  CYS A N   1 
ATOM   342  C  CA  . CYS A 1 44  ? -6.188  -4.317  -2.408  1.00 27.31  ? 39  CYS A CA  1 
ATOM   343  C  C   . CYS A 1 44  ? -5.356  -3.214  -3.070  1.00 38.94  ? 39  CYS A C   1 
ATOM   344  O  O   . CYS A 1 44  ? -4.364  -3.491  -3.750  1.00 36.46  ? 39  CYS A O   1 
ATOM   345  C  CB  . CYS A 1 44  ? -7.466  -4.561  -3.211  1.00 27.97  ? 39  CYS A CB  1 
ATOM   346  S  SG  . CYS A 1 44  ? -8.248  -6.161  -2.914  1.00 41.91  ? 39  CYS A SG  1 
ATOM   347  N  N   . THR A 1 45  ? -5.762  -1.966  -2.848  1.00 36.31  ? 40  THR A N   1 
ATOM   348  C  CA  . THR A 1 45  ? -5.081  -0.802  -3.416  1.00 27.20  ? 40  THR A CA  1 
ATOM   349  C  C   . THR A 1 45  ? -3.633  -0.709  -2.941  1.00 24.23  ? 40  THR A C   1 
ATOM   350  O  O   . THR A 1 45  ? -2.713  -0.557  -3.747  1.00 18.21  ? 40  THR A O   1 
ATOM   351  C  CB  . THR A 1 45  ? -5.808  0.503   -3.044  1.00 28.89  ? 40  THR A CB  1 
ATOM   352  O  OG1 . THR A 1 45  ? -7.127  0.493   -3.604  1.00 30.45  ? 40  THR A OG1 1 
ATOM   353  C  CG2 . THR A 1 45  ? -5.051  1.707   -3.574  1.00 24.59  ? 40  THR A CG2 1 
ATOM   354  N  N   . HIS A 1 46  ? -3.448  -0.794  -1.627  1.00 26.54  ? 41  HIS A N   1 
ATOM   355  C  CA  . HIS A 1 46  ? -2.126  -0.768  -1.010  1.00 25.54  ? 41  HIS A CA  1 
ATOM   356  C  C   . HIS A 1 46  ? -1.238  -1.858  -1.603  1.00 29.22  ? 41  HIS A C   1 
ATOM   357  O  O   . HIS A 1 46  ? -0.085  -1.608  -1.967  1.00 24.72  ? 41  HIS A O   1 
ATOM   358  C  CB  . HIS A 1 46  ? -2.246  -0.949  0.505   1.00 21.70  ? 41  HIS A CB  1 
ATOM   359  C  CG  . HIS A 1 46  ? -0.933  -1.026  1.216   1.00 24.18  ? 41  HIS A CG  1 
ATOM   360  N  ND1 . HIS A 1 46  ? -0.282  0.087   1.702   1.00 36.58  ? 41  HIS A ND1 1 
ATOM   361  C  CD2 . HIS A 1 46  ? -0.153  -2.086  1.534   1.00 17.78  ? 41  HIS A CD2 1 
ATOM   362  C  CE1 . HIS A 1 46  ? 0.844   -0.285  2.284   1.00 23.57  ? 41  HIS A CE1 1 
ATOM   363  N  NE2 . HIS A 1 46  ? 0.946   -1.598  2.195   1.00 25.35  ? 41  HIS A NE2 1 
ATOM   364  N  N   . LEU A 1 47  ? -1.794  -3.062  -1.710  1.00 18.70  ? 42  LEU A N   1 
ATOM   365  C  CA  . LEU A 1 47  ? -1.076  -4.184  -2.306  1.00 21.38  ? 42  LEU A CA  1 
ATOM   366  C  C   . LEU A 1 47  ? -0.625  -3.892  -3.732  1.00 28.22  ? 42  LEU A C   1 
ATOM   367  O  O   . LEU A 1 47  ? 0.549   -4.093  -4.076  1.00 25.48  ? 42  LEU A O   1 
ATOM   368  C  CB  . LEU A 1 47  ? -1.933  -5.448  -2.272  1.00 22.78  ? 42  LEU A CB  1 
ATOM   369  C  CG  . LEU A 1 47  ? -1.878  -6.215  -0.955  1.00 37.05  ? 42  LEU A CG  1 
ATOM   370  C  CD1 . LEU A 1 47  ? -2.896  -7.346  -0.948  1.00 28.91  ? 42  LEU A CD1 1 
ATOM   371  C  CD2 . LEU A 1 47  ? -0.475  -6.758  -0.726  1.00 29.57  ? 42  LEU A CD2 1 
ATOM   372  N  N   . GLU A 1 48  ? -1.551  -3.413  -4.561  1.00 21.40  ? 43  GLU A N   1 
ATOM   373  C  CA  . GLU A 1 48  ? -1.215  -3.121  -5.951  1.00 31.27  ? 43  GLU A CA  1 
ATOM   374  C  C   . GLU A 1 48  ? -0.150  -2.034  -6.053  1.00 30.25  ? 43  GLU A C   1 
ATOM   375  O  O   . GLU A 1 48  ? 0.737   -2.110  -6.900  1.00 33.90  ? 43  GLU A O   1 
ATOM   376  C  CB  . GLU A 1 48  ? -2.449  -2.741  -6.773  1.00 32.51  ? 43  GLU A CB  1 
ATOM   377  C  CG  . GLU A 1 48  ? -2.113  -2.447  -8.228  1.00 39.57  ? 43  GLU A CG  1 
ATOM   378  C  CD  . GLU A 1 48  ? -3.304  -2.607  -9.156  1.00 39.99  ? 43  GLU A CD  1 
ATOM   379  O  OE1 . GLU A 1 48  ? -4.443  -2.717  -8.654  1.00 69.78  ? 43  GLU A OE1 1 
ATOM   380  O  OE2 . GLU A 1 48  ? -3.097  -2.627  -10.389 1.00 47.33  ? 43  GLU A OE2 1 
ATOM   381  N  N   . VAL A 1 49  ? -0.227  -1.033  -5.179  1.00 25.43  ? 44  VAL A N   1 
ATOM   382  C  CA  . VAL A 1 49  ? 0.764   0.043   -5.181  1.00 28.68  ? 44  VAL A CA  1 
ATOM   383  C  C   . VAL A 1 49  ? 2.151   -0.477  -4.801  1.00 22.44  ? 44  VAL A C   1 
ATOM   384  O  O   . VAL A 1 49  ? 3.143   -0.124  -5.437  1.00 23.29  ? 44  VAL A O   1 
ATOM   385  C  CB  . VAL A 1 49  ? 0.357   1.212   -4.260  1.00 18.34  ? 44  VAL A CB  1 
ATOM   386  C  CG1 . VAL A 1 49  ? 1.484   2.237   -4.173  1.00 8.59   ? 44  VAL A CG1 1 
ATOM   387  C  CG2 . VAL A 1 49  ? -0.914  1.879   -4.773  1.00 17.39  ? 44  VAL A CG2 1 
ATOM   388  N  N   . CYS A 1 50  ? 2.215   -1.317  -3.771  1.00 18.90  ? 45  CYS A N   1 
ATOM   389  C  CA  . CYS A 1 50  ? 3.487   -1.921  -3.372  1.00 22.19  ? 45  CYS A CA  1 
ATOM   390  C  C   . CYS A 1 50  ? 4.081   -2.743  -4.517  1.00 30.82  ? 45  CYS A C   1 
ATOM   391  O  O   . CYS A 1 50  ? 5.279   -2.642  -4.823  1.00 26.66  ? 45  CYS A O   1 
ATOM   392  C  CB  . CYS A 1 50  ? 3.302   -2.801  -2.133  1.00 15.50  ? 45  CYS A CB  1 
ATOM   393  S  SG  . CYS A 1 50  ? 2.842   -1.896  -0.638  1.00 22.67  ? 45  CYS A SG  1 
ATOM   394  N  N   . PHE A 1 51  ? 3.233   -3.542  -5.159  1.00 27.82  ? 46  PHE A N   1 
ATOM   395  C  CA  . PHE A 1 51  ? 3.665   -4.371  -6.281  1.00 21.77  ? 46  PHE A CA  1 
ATOM   396  C  C   . PHE A 1 51  ? 4.162   -3.547  -7.467  1.00 33.19  ? 46  PHE A C   1 
ATOM   397  O  O   . PHE A 1 51  ? 5.147   -3.912  -8.106  1.00 38.06  ? 46  PHE A O   1 
ATOM   398  C  CB  . PHE A 1 51  ? 2.548   -5.324  -6.711  1.00 25.36  ? 46  PHE A CB  1 
ATOM   399  C  CG  . PHE A 1 51  ? 2.344   -6.477  -5.769  1.00 31.77  ? 46  PHE A CG  1 
ATOM   400  C  CD1 . PHE A 1 51  ? 3.429   -7.172  -5.264  1.00 47.28  ? 46  PHE A CD1 1 
ATOM   401  C  CD2 . PHE A 1 51  ? 1.073   -6.858  -5.377  1.00 43.38  ? 46  PHE A CD2 1 
ATOM   402  C  CE1 . PHE A 1 51  ? 3.249   -8.232  -4.393  1.00 40.16  ? 46  PHE A CE1 1 
ATOM   403  C  CE2 . PHE A 1 51  ? 0.888   -7.920  -4.505  1.00 36.37  ? 46  PHE A CE2 1 
ATOM   404  C  CZ  . PHE A 1 51  ? 1.979   -8.604  -4.016  1.00 36.20  ? 46  PHE A CZ  1 
ATOM   405  N  N   . MET A 1 52  ? 3.486   -2.439  -7.756  1.00 25.86  ? 47  MET A N   1 
ATOM   406  C  CA  . MET A 1 52  ? 3.896   -1.568  -8.854  1.00 27.17  ? 47  MET A CA  1 
ATOM   407  C  C   . MET A 1 52  ? 5.211   -0.882  -8.525  1.00 32.87  ? 47  MET A C   1 
ATOM   408  O  O   . MET A 1 52  ? 6.064   -0.689  -9.395  1.00 35.65  ? 47  MET A O   1 
ATOM   409  C  CB  . MET A 1 52  ? 2.828   -0.514  -9.136  1.00 25.51  ? 47  MET A CB  1 
ATOM   410  C  CG  . MET A 1 52  ? 1.538   -1.065  -9.705  1.00 31.48  ? 47  MET A CG  1 
ATOM   411  S  SD  . MET A 1 52  ? 0.432   0.263   -10.210 1.00 30.32  ? 47  MET A SD  1 
ATOM   412  C  CE  . MET A 1 52  ? 1.458   1.079   -11.437 1.00 29.72  ? 47  MET A CE  1 
ATOM   413  N  N   . TYR A 1 53  ? 5.355   -0.508  -7.257  1.00 21.52  ? 48  TYR A N   1 
ATOM   414  C  CA  . TYR A 1 53  ? 6.571   0.113   -6.748  1.00 35.32  ? 48  TYR A CA  1 
ATOM   415  C  C   . TYR A 1 53  ? 7.754   -0.810  -6.975  1.00 31.39  ? 48  TYR A C   1 
ATOM   416  O  O   . TYR A 1 53  ? 8.787   -0.394  -7.503  1.00 26.85  ? 48  TYR A O   1 
ATOM   417  C  CB  . TYR A 1 53  ? 6.426   0.385   -5.251  1.00 23.02  ? 48  TYR A CB  1 
ATOM   418  C  CG  . TYR A 1 53  ? 7.226   1.563   -4.752  1.00 18.79  ? 48  TYR A CG  1 
ATOM   419  C  CD1 . TYR A 1 53  ? 8.542   1.413   -4.341  1.00 22.91  ? 48  TYR A CD1 1 
ATOM   420  C  CD2 . TYR A 1 53  ? 6.658   2.826   -4.677  1.00 24.54  ? 48  TYR A CD2 1 
ATOM   421  C  CE1 . TYR A 1 53  ? 9.273   2.489   -3.876  1.00 22.37  ? 48  TYR A CE1 1 
ATOM   422  C  CE2 . TYR A 1 53  ? 7.378   3.908   -4.214  1.00 20.50  ? 48  TYR A CE2 1 
ATOM   423  C  CZ  . TYR A 1 53  ? 8.685   3.733   -3.817  1.00 25.71  ? 48  TYR A CZ  1 
ATOM   424  O  OH  . TYR A 1 53  ? 9.405   4.811   -3.355  1.00 22.21  ? 48  TYR A OH  1 
ATOM   425  N  N   . SER A 1 54  ? 7.596   -2.068  -6.571  1.00 25.31  ? 49  SER A N   1 
ATOM   426  C  CA  . SER A 1 54  ? 8.643   -3.064  -6.774  1.00 38.74  ? 49  SER A CA  1 
ATOM   427  C  C   . SER A 1 54  ? 8.909   -3.280  -8.256  1.00 28.92  ? 49  SER A C   1 
ATOM   428  O  O   . SER A 1 54  ? 10.059  -3.320  -8.693  1.00 32.03  ? 49  SER A O   1 
ATOM   429  C  CB  . SER A 1 54  ? 8.252   -4.390  -6.126  1.00 28.32  ? 49  SER A CB  1 
ATOM   430  O  OG  . SER A 1 54  ? 9.142   -5.422  -6.511  1.00 42.00  ? 49  SER A OG  1 
ATOM   431  N  N   . ASP A 1 55  ? 7.831   -3.403  -9.023  1.00 28.10  ? 50  ASP A N   1 
ATOM   432  C  CA  . ASP A 1 55  ? 7.904   -3.667  -10.454 1.00 40.13  ? 50  ASP A CA  1 
ATOM   433  C  C   . ASP A 1 55  ? 8.581   -2.527  -11.214 1.00 40.49  ? 50  ASP A C   1 
ATOM   434  O  O   . ASP A 1 55  ? 9.057   -2.716  -12.333 1.00 48.13  ? 50  ASP A O   1 
ATOM   435  C  CB  . ASP A 1 55  ? 6.497   -3.911  -11.010 1.00 45.49  ? 50  ASP A CB  1 
ATOM   436  C  CG  . ASP A 1 55  ? 6.511   -4.503  -12.405 1.00 59.75  ? 50  ASP A CG  1 
ATOM   437  O  OD1 . ASP A 1 55  ? 6.746   -5.723  -12.528 1.00 79.87  ? 50  ASP A OD1 1 
ATOM   438  O  OD2 . ASP A 1 55  ? 6.274   -3.754  -13.377 1.00 57.75  ? 50  ASP A OD2 1 
ATOM   439  N  N   . ALA A 1 56  ? 8.628   -1.350  -10.596 1.00 31.45  ? 51  ALA A N   1 
ATOM   440  C  CA  . ALA A 1 56  ? 9.243   -0.173  -11.209 1.00 33.23  ? 51  ALA A CA  1 
ATOM   441  C  C   . ALA A 1 56  ? 10.759  -0.313  -11.347 1.00 42.81  ? 51  ALA A C   1 
ATOM   442  O  O   . ALA A 1 56  ? 11.367  0.277   -12.240 1.00 33.90  ? 51  ALA A O   1 
ATOM   443  C  CB  . ALA A 1 56  ? 8.892   1.079   -10.425 1.00 32.74  ? 51  ALA A CB  1 
ATOM   444  N  N   . SER A 1 57  ? 11.367  -1.086  -10.454 1.00 44.98  ? 52  SER A N   1 
ATOM   445  C  CA  . SER A 1 57  ? 12.796  -1.375  -10.538 1.00 46.78  ? 52  SER A CA  1 
ATOM   446  C  C   . SER A 1 57  ? 13.038  -2.802  -10.072 1.00 40.21  ? 52  SER A C   1 
ATOM   447  O  O   . SER A 1 57  ? 13.372  -3.042  -8.908  1.00 35.76  ? 52  SER A O   1 
ATOM   448  C  CB  . SER A 1 57  ? 13.604  -0.386  -9.695  1.00 38.27  ? 52  SER A CB  1 
ATOM   449  O  OG  . SER A 1 57  ? 14.986  -0.470  -9.997  1.00 49.54  ? 52  SER A OG  1 
ATOM   450  N  N   . LYS A 1 58  ? 12.853  -3.744  -10.991 1.00 50.19  ? 73  LYS A N   1 
ATOM   451  C  CA  . LYS A 1 58  ? 12.932  -5.167  -10.686 1.00 55.95  ? 73  LYS A CA  1 
ATOM   452  C  C   . LYS A 1 58  ? 14.273  -5.527  -10.071 1.00 57.39  ? 73  LYS A C   1 
ATOM   453  O  O   . LYS A 1 58  ? 15.297  -4.920  -10.397 1.00 46.01  ? 73  LYS A O   1 
ATOM   454  C  CB  . LYS A 1 58  ? 12.713  -5.982  -11.956 1.00 44.57  ? 73  LYS A CB  1 
ATOM   455  C  CG  . LYS A 1 58  ? 11.760  -5.321  -12.933 1.00 62.42  ? 73  LYS A CG  1 
ATOM   456  C  CD  . LYS A 1 58  ? 10.644  -6.262  -13.345 1.00 51.40  ? 73  LYS A CD  1 
ATOM   457  C  CE  . LYS A 1 58  ? 9.578   -5.512  -14.124 1.00 61.17  ? 73  LYS A CE  1 
ATOM   458  N  NZ  . LYS A 1 58  ? 8.480   -6.411  -14.568 1.00 80.06  ? 73  LYS A NZ  1 
ATOM   459  N  N   . HIS A 1 59  ? 14.248  -6.499  -9.163  1.00 33.76  ? 74  HIS A N   1 
ATOM   460  C  CA  . HIS A 1 59  ? 15.459  -7.042  -8.558  1.00 54.24  ? 74  HIS A CA  1 
ATOM   461  C  C   . HIS A 1 59  ? 16.177  -6.026  -7.666  1.00 51.97  ? 74  HIS A C   1 
ATOM   462  O  O   . HIS A 1 59  ? 17.282  -6.282  -7.188  1.00 52.08  ? 74  HIS A O   1 
ATOM   463  C  CB  . HIS A 1 59  ? 16.395  -7.578  -9.644  1.00 57.50  ? 74  HIS A CB  1 
ATOM   464  C  CG  . HIS A 1 59  ? 17.314  -8.661  -9.177  1.00 68.88  ? 74  HIS A CG  1 
ATOM   465  N  ND1 . HIS A 1 59  ? 18.472  -8.405  -8.475  1.00 83.15  ? 74  HIS A ND1 1 
ATOM   466  C  CD2 . HIS A 1 59  ? 17.250  -10.006 -9.320  1.00 66.10  ? 74  HIS A CD2 1 
ATOM   467  C  CE1 . HIS A 1 59  ? 19.080  -9.545  -8.203  1.00 54.96  ? 74  HIS A CE1 1 
ATOM   468  N  NE2 . HIS A 1 59  ? 18.361  -10.532 -8.704  1.00 61.53  ? 74  HIS A NE2 1 
ATOM   469  N  N   . ARG A 1 60  ? 15.544  -4.879  -7.436  1.00 44.05  ? 75  ARG A N   1 
ATOM   470  C  CA  . ARG A 1 60  ? 16.077  -3.888  -6.511  1.00 34.76  ? 75  ARG A CA  1 
ATOM   471  C  C   . ARG A 1 60  ? 15.393  -4.029  -5.160  1.00 40.18  ? 75  ARG A C   1 
ATOM   472  O  O   . ARG A 1 60  ? 16.020  -3.861  -4.112  1.00 31.73  ? 75  ARG A O   1 
ATOM   473  C  CB  . ARG A 1 60  ? 15.870  -2.466  -7.042  1.00 31.08  ? 75  ARG A CB  1 
ATOM   474  C  CG  . ARG A 1 60  ? 16.199  -1.385  -6.020  1.00 37.50  ? 75  ARG A CG  1 
ATOM   475  C  CD  . ARG A 1 60  ? 15.987  0.016   -6.564  1.00 25.81  ? 75  ARG A CD  1 
ATOM   476  N  NE  . ARG A 1 60  ? 16.262  1.033   -5.551  1.00 37.47  ? 75  ARG A NE  1 
ATOM   477  C  CZ  . ARG A 1 60  ? 16.253  2.341   -5.781  1.00 39.74  ? 75  ARG A CZ  1 
ATOM   478  N  NH1 . ARG A 1 60  ? 15.983  2.797   -6.995  1.00 34.99  ? 75  ARG A NH1 1 
ATOM   479  N  NH2 . ARG A 1 60  ? 16.515  3.194   -4.798  1.00 31.90  ? 75  ARG A NH2 1 
ATOM   480  N  N   . PHE A 1 61  ? 14.103  -4.348  -5.192  1.00 21.12  ? 76  PHE A N   1 
ATOM   481  C  CA  . PHE A 1 61  ? 13.305  -4.408  -3.976  1.00 29.09  ? 76  PHE A CA  1 
ATOM   482  C  C   . PHE A 1 61  ? 12.955  -5.822  -3.550  1.00 40.03  ? 76  PHE A C   1 
ATOM   483  O  O   . PHE A 1 61  ? 12.743  -6.707  -4.382  1.00 44.34  ? 76  PHE A O   1 
ATOM   484  C  CB  . PHE A 1 61  ? 12.016  -3.602  -4.145  1.00 24.08  ? 76  PHE A CB  1 
ATOM   485  C  CG  . PHE A 1 61  ? 12.245  -2.164  -4.473  1.00 24.94  ? 76  PHE A CG  1 
ATOM   486  C  CD1 . PHE A 1 61  ? 12.754  -1.301  -3.521  1.00 24.52  ? 76  PHE A CD1 1 
ATOM   487  C  CD2 . PHE A 1 61  ? 11.957  -1.672  -5.732  1.00 40.08  ? 76  PHE A CD2 1 
ATOM   488  C  CE1 . PHE A 1 61  ? 12.970  0.029   -3.820  1.00 28.47  ? 76  PHE A CE1 1 
ATOM   489  C  CE2 . PHE A 1 61  ? 12.170  -0.343  -6.033  1.00 26.34  ? 76  PHE A CE2 1 
ATOM   490  C  CZ  . PHE A 1 61  ? 12.677  0.506   -5.076  1.00 32.66  ? 76  PHE A CZ  1 
ATOM   491  N  N   . GLU A 1 62  ? 12.894  -6.026  -2.240  1.00 34.88  ? 77  GLU A N   1 
ATOM   492  C  CA  . GLU A 1 62  ? 12.342  -7.259  -1.705  1.00 31.99  ? 77  GLU A CA  1 
ATOM   493  C  C   . GLU A 1 62  ? 10.929  -6.974  -1.225  1.00 35.27  ? 77  GLU A C   1 
ATOM   494  O  O   . GLU A 1 62  ? 10.699  -6.030  -0.467  1.00 28.77  ? 77  GLU A O   1 
ATOM   495  C  CB  . GLU A 1 62  ? 13.185  -7.795  -0.551  1.00 29.25  ? 77  GLU A CB  1 
ATOM   496  C  CG  . GLU A 1 62  ? 12.881  -9.242  -0.213  1.00 33.12  ? 77  GLU A CG  1 
ATOM   497  C  CD  . GLU A 1 62  ? 13.471  -10.203 -1.228  1.00 37.55  ? 77  GLU A CD  1 
ATOM   498  O  OE1 . GLU A 1 62  ? 14.713  -10.239 -1.354  1.00 29.71  ? 77  GLU A OE1 1 
ATOM   499  O  OE2 . GLU A 1 62  ? 12.696  -10.918 -1.899  1.00 33.10  ? 77  GLU A OE2 1 
ATOM   500  N  N   . ILE A 1 63  ? 9.980   -7.784  -1.675  1.00 34.53  ? 78  ILE A N   1 
ATOM   501  C  CA  . ILE A 1 63  ? 8.594   -7.611  -1.274  1.00 21.93  ? 78  ILE A CA  1 
ATOM   502  C  C   . ILE A 1 63  ? 8.345   -8.299  0.061   1.00 27.29  ? 78  ILE A C   1 
ATOM   503  O  O   . ILE A 1 63  ? 8.532   -9.510  0.192   1.00 23.89  ? 78  ILE A O   1 
ATOM   504  C  CB  . ILE A 1 63  ? 7.624   -8.167  -2.324  1.00 27.92  ? 78  ILE A CB  1 
ATOM   505  C  CG1 . ILE A 1 63  ? 7.812   -7.440  -3.656  1.00 32.21  ? 78  ILE A CG1 1 
ATOM   506  C  CG2 . ILE A 1 63  ? 6.187   -8.045  -1.829  1.00 30.57  ? 78  ILE A CG2 1 
ATOM   507  C  CD1 . ILE A 1 63  ? 6.959   -7.983  -4.782  1.00 41.54  ? 78  ILE A CD1 1 
ATOM   508  N  N   . ILE A 1 64  ? 7.928   -7.514  1.047   1.00 24.93  ? 79  ILE A N   1 
ATOM   509  C  CA  . ILE A 1 64  ? 7.593   -8.037  2.359   1.00 32.86  ? 79  ILE A CA  1 
ATOM   510  C  C   . ILE A 1 64  ? 6.083   -8.178  2.448   1.00 36.30  ? 79  ILE A C   1 
ATOM   511  O  O   . ILE A 1 64  ? 5.565   -9.111  3.061   1.00 35.76  ? 79  ILE A O   1 
ATOM   512  C  CB  . ILE A 1 64  ? 8.034   -7.067  3.461   1.00 33.50  ? 79  ILE A CB  1 
ATOM   513  C  CG1 . ILE A 1 64  ? 9.444   -6.541  3.196   1.00 29.18  ? 79  ILE A CG1 1 
ATOM   514  C  CG2 . ILE A 1 64  ? 7.932   -7.725  4.828   1.00 30.77  ? 79  ILE A CG2 1 
ATOM   515  C  CD1 . ILE A 1 64  ? 10.522  -7.583  3.320   1.00 35.11  ? 79  ILE A CD1 1 
ATOM   516  N  N   . GLU A 1 65  ? 5.389   -7.245  1.807   1.00 48.05  ? 80  GLU A N   1 
ATOM   517  C  CA  . GLU A 1 65  ? 3.962   -7.047  2.028   1.00 42.00  ? 80  GLU A CA  1 
ATOM   518  C  C   . GLU A 1 65  ? 3.057   -8.208  1.608   1.00 34.91  ? 80  GLU A C   1 
ATOM   519  O  O   . GLU A 1 65  ? 2.178   -8.615  2.371   1.00 51.61  ? 80  GLU A O   1 
ATOM   520  C  CB  . GLU A 1 65  ? 3.509   -5.734  1.378   1.00 39.45  ? 80  GLU A CB  1 
ATOM   521  C  CG  . GLU A 1 65  ? 2.031   -5.425  1.524   1.00 43.78  ? 80  GLU A CG  1 
ATOM   522  C  CD  . GLU A 1 65  ? 1.514   -5.614  2.942   1.00 55.92  ? 80  GLU A CD  1 
ATOM   523  O  OE1 . GLU A 1 65  ? 2.275   -5.406  3.911   1.00 61.26  ? 80  GLU A OE1 1 
ATOM   524  O  OE2 . GLU A 1 65  ? 0.328   -5.980  3.087   1.00 41.85  ? 80  GLU A OE2 1 
ATOM   525  N  N   . GLY A 1 66  ? 3.274   -8.740  0.410   1.00 32.12  ? 81  GLY A N   1 
ATOM   526  C  CA  . GLY A 1 66  ? 2.390   -9.753  -0.146  1.00 45.83  ? 81  GLY A CA  1 
ATOM   527  C  C   . GLY A 1 66  ? 2.238   -11.034 0.658   1.00 49.50  ? 81  GLY A C   1 
ATOM   528  O  O   . GLY A 1 66  ? 1.181   -11.667 0.628   1.00 66.03  ? 81  GLY A O   1 
ATOM   529  N  N   . ARG A 1 67  ? 3.286   -11.414 1.378   1.00 39.30  ? 82  ARG A N   1 
ATOM   530  C  CA  . ARG A 1 67  ? 3.337   -12.709 2.050   1.00 34.58  ? 82  ARG A CA  1 
ATOM   531  C  C   . ARG A 1 67  ? 2.454   -12.755 3.294   1.00 46.04  ? 82  ARG A C   1 
ATOM   532  O  O   . ARG A 1 67  ? 2.025   -11.714 3.801   1.00 46.39  ? 82  ARG A O   1 
ATOM   533  C  CB  . ARG A 1 67  ? 4.783   -13.014 2.427   1.00 35.07  ? 82  ARG A CB  1 
ATOM   534  C  CG  . ARG A 1 67  ? 5.767   -12.661 1.321   1.00 32.42  ? 82  ARG A CG  1 
ATOM   535  C  CD  . ARG A 1 67  ? 7.155   -12.383 1.859   1.00 37.58  ? 82  ARG A CD  1 
ATOM   536  N  NE  . ARG A 1 67  ? 8.074   -12.032 0.781   1.00 35.61  ? 82  ARG A NE  1 
ATOM   537  C  CZ  . ARG A 1 67  ? 8.734   -12.922 0.048   1.00 35.49  ? 82  ARG A CZ  1 
ATOM   538  N  NH1 . ARG A 1 67  ? 8.581   -14.219 0.284   1.00 34.12  ? 82  ARG A NH1 1 
ATOM   539  N  NH2 . ARG A 1 67  ? 9.549   -12.517 -0.918  1.00 15.54  ? 82  ARG A NH2 1 
ATOM   540  N  N   . ASP A 1 68  ? 2.180   -13.961 3.789   1.00 48.95  ? 83  ASP A N   1 
ATOM   541  C  CA  . ASP A 1 68  ? 1.491   -14.081 5.070   1.00 37.10  ? 83  ASP A CA  1 
ATOM   542  C  C   . ASP A 1 68  ? 2.476   -13.753 6.189   1.00 36.00  ? 83  ASP A C   1 
ATOM   543  O  O   . ASP A 1 68  ? 3.683   -13.971 6.039   1.00 46.33  ? 83  ASP A O   1 
ATOM   544  C  CB  . ASP A 1 68  ? 0.811   -15.449 5.257   1.00 50.77  ? 83  ASP A CB  1 
ATOM   545  C  CG  . ASP A 1 68  ? 1.761   -16.625 5.082   1.00 68.76  ? 83  ASP A CG  1 
ATOM   546  O  OD1 . ASP A 1 68  ? 2.914   -16.560 5.552   1.00 71.48  ? 83  ASP A OD1 1 
ATOM   547  O  OD2 . ASP A 1 68  ? 1.335   -17.639 4.487   1.00 74.85  ? 83  ASP A OD2 1 
ATOM   548  N  N   . ARG A 1 69  ? 1.956   -13.206 7.287   1.00 40.41  ? 84  ARG A N   1 
ATOM   549  C  CA  . ARG A 1 69  ? 2.771   -12.647 8.367   1.00 45.99  ? 84  ARG A CA  1 
ATOM   550  C  C   . ARG A 1 69  ? 4.006   -13.454 8.740   1.00 51.69  ? 84  ARG A C   1 
ATOM   551  O  O   . ARG A 1 69  ? 5.097   -12.904 8.850   1.00 53.75  ? 84  ARG A O   1 
ATOM   552  C  CB  . ARG A 1 69  ? 1.926   -12.452 9.622   1.00 53.62  ? 84  ARG A CB  1 
ATOM   553  C  CG  . ARG A 1 69  ? 1.074   -11.204 9.619   1.00 76.83  ? 84  ARG A CG  1 
ATOM   554  C  CD  . ARG A 1 69  ? 0.531   -10.952 11.010  1.00 76.71  ? 84  ARG A CD  1 
ATOM   555  N  NE  . ARG A 1 69  ? -0.914  -10.762 11.017  1.00 92.96  ? 84  ARG A NE  1 
ATOM   556  C  CZ  . ARG A 1 69  ? -1.713  -11.189 11.989  1.00 73.63  ? 84  ARG A CZ  1 
ATOM   557  N  NH1 . ARG A 1 69  ? -3.021  -10.974 11.921  1.00 81.11  ? 84  ARG A NH1 1 
ATOM   558  N  NH2 . ARG A 1 69  ? -1.204  -11.834 13.030  1.00 78.10  ? 84  ARG A NH2 1 
ATOM   559  N  N   . THR A 1 70  ? 3.830   -14.755 8.941   1.00 55.04  ? 85  THR A N   1 
ATOM   560  C  CA  . THR A 1 70  ? 4.923   -15.607 9.399   1.00 59.71  ? 85  THR A CA  1 
ATOM   561  C  C   . THR A 1 70  ? 6.068   -15.671 8.376   1.00 38.84  ? 85  THR A C   1 
ATOM   562  O  O   . THR A 1 70  ? 7.248   -15.502 8.727   1.00 43.46  ? 85  THR A O   1 
ATOM   563  C  CB  . THR A 1 70  ? 4.410   -17.019 9.809   1.00 59.07  ? 85  THR A CB  1 
ATOM   564  O  OG1 . THR A 1 70  ? 5.489   -17.792 10.349  1.00 69.04  ? 85  THR A OG1 1 
ATOM   565  C  CG2 . THR A 1 70  ? 3.776   -17.760 8.631   1.00 54.74  ? 85  THR A CG2 1 
ATOM   566  N  N   . MET A 1 71  ? 5.707   -15.874 7.113   1.00 40.25  ? 86  MET A N   1 
ATOM   567  C  CA  . MET A 1 71  ? 6.669   -15.899 6.020   1.00 41.86  ? 86  MET A CA  1 
ATOM   568  C  C   . MET A 1 71  ? 7.350   -14.542 5.895   1.00 40.34  ? 86  MET A C   1 
ATOM   569  O  O   . MET A 1 71  ? 8.570   -14.458 5.731   1.00 36.71  ? 86  MET A O   1 
ATOM   570  C  CB  . MET A 1 71  ? 5.965   -16.253 4.711   1.00 44.63  ? 86  MET A CB  1 
ATOM   571  C  CG  . MET A 1 71  ? 6.873   -16.296 3.496   1.00 46.39  ? 86  MET A CG  1 
ATOM   572  S  SD  . MET A 1 71  ? 8.109   -17.603 3.611   1.00 58.91  ? 86  MET A SD  1 
ATOM   573  C  CE  . MET A 1 71  ? 8.962   -17.395 2.048   1.00 30.43  ? 86  MET A CE  1 
ATOM   574  N  N   . ALA A 1 72  ? 6.549   -13.483 5.983   1.00 36.06  ? 87  ALA A N   1 
ATOM   575  C  CA  . ALA A 1 72  ? 7.048   -12.115 5.874   1.00 37.87  ? 87  ALA A CA  1 
ATOM   576  C  C   . ALA A 1 72  ? 8.056   -11.812 6.978   1.00 38.01  ? 87  ALA A C   1 
ATOM   577  O  O   . ALA A 1 72  ? 9.023   -11.082 6.762   1.00 37.13  ? 87  ALA A O   1 
ATOM   578  C  CB  . ALA A 1 72  ? 5.897   -11.126 5.918   1.00 26.31  ? 87  ALA A CB  1 
ATOM   579  N  N   . TRP A 1 73  ? 7.823   -12.384 8.155   1.00 27.78  ? 88  TRP A N   1 
ATOM   580  C  CA  . TRP A 1 73  ? 8.705   -12.182 9.298   1.00 29.39  ? 88  TRP A CA  1 
ATOM   581  C  C   . TRP A 1 73  ? 9.996   -12.974 9.157   1.00 38.09  ? 88  TRP A C   1 
ATOM   582  O  O   . TRP A 1 73  ? 11.063  -12.509 9.572   1.00 35.50  ? 88  TRP A O   1 
ATOM   583  C  CB  . TRP A 1 73  ? 7.996   -12.508 10.614  1.00 47.46  ? 88  TRP A CB  1 
ATOM   584  C  CG  . TRP A 1 73  ? 7.191   -11.354 11.128  1.00 42.29  ? 88  TRP A CG  1 
ATOM   585  C  CD1 . TRP A 1 73  ? 5.832   -11.284 11.244  1.00 35.20  ? 88  TRP A CD1 1 
ATOM   586  C  CD2 . TRP A 1 73  ? 7.697   -10.091 11.576  1.00 26.32  ? 88  TRP A CD2 1 
ATOM   587  N  NE1 . TRP A 1 73  ? 5.462   -10.060 11.744  1.00 40.77  ? 88  TRP A NE1 1 
ATOM   588  C  CE2 . TRP A 1 73  ? 6.587   -9.309  11.957  1.00 29.51  ? 88  TRP A CE2 1 
ATOM   589  C  CE3 . TRP A 1 73  ? 8.979   -9.548  11.697  1.00 25.75  ? 88  TRP A CE3 1 
ATOM   590  C  CZ2 . TRP A 1 73  ? 6.721   -8.016  12.448  1.00 36.64  ? 88  TRP A CZ2 1 
ATOM   591  C  CZ3 . TRP A 1 73  ? 9.110   -8.266  12.184  1.00 41.09  ? 88  TRP A CZ3 1 
ATOM   592  C  CH2 . TRP A 1 73  ? 7.987   -7.512  12.554  1.00 42.30  ? 88  TRP A CH2 1 
ATOM   593  N  N   . THR A 1 74  ? 9.906   -14.168 8.578   1.00 28.13  ? 89  THR A N   1 
ATOM   594  C  CA  . THR A 1 74  ? 11.126  -14.913 8.266   1.00 35.43  ? 89  THR A CA  1 
ATOM   595  C  C   . THR A 1 74  ? 11.967  -14.130 7.256   1.00 36.66  ? 89  THR A C   1 
ATOM   596  O  O   . THR A 1 74  ? 13.194  -14.054 7.379   1.00 33.74  ? 89  THR A O   1 
ATOM   597  C  CB  . THR A 1 74  ? 10.836  -16.324 7.718   1.00 38.50  ? 89  THR A CB  1 
ATOM   598  O  OG1 . THR A 1 74  ? 10.067  -16.222 6.513   1.00 39.87  ? 89  THR A OG1 1 
ATOM   599  C  CG2 . THR A 1 74  ? 10.070  -17.150 8.739   1.00 36.28  ? 89  THR A CG2 1 
ATOM   600  N  N   . VAL A 1 75  ? 11.298  -13.543 6.265   1.00 34.86  ? 90  VAL A N   1 
ATOM   601  C  CA  . VAL A 1 75  ? 11.978  -12.752 5.240   1.00 30.95  ? 90  VAL A CA  1 
ATOM   602  C  C   . VAL A 1 75  ? 12.640  -11.513 5.846   1.00 24.27  ? 90  VAL A C   1 
ATOM   603  O  O   . VAL A 1 75  ? 13.790  -11.196 5.528   1.00 30.50  ? 90  VAL A O   1 
ATOM   604  C  CB  . VAL A 1 75  ? 11.014  -12.347 4.102   1.00 32.00  ? 90  VAL A CB  1 
ATOM   605  C  CG1 . VAL A 1 75  ? 11.685  -11.367 3.147   1.00 27.90  ? 90  VAL A CG1 1 
ATOM   606  C  CG2 . VAL A 1 75  ? 10.532  -13.580 3.348   1.00 33.80  ? 90  VAL A CG2 1 
ATOM   607  N  N   . VAL A 1 76  ? 11.916  -10.822 6.725   1.00 23.87  ? 91  VAL A N   1 
ATOM   608  C  CA  . VAL A 1 76  ? 12.460  -9.653  7.412   1.00 35.58  ? 91  VAL A CA  1 
ATOM   609  C  C   . VAL A 1 76  ? 13.685  -10.038 8.237   1.00 36.56  ? 91  VAL A C   1 
ATOM   610  O  O   . VAL A 1 76  ? 14.725  -9.385  8.150   1.00 36.33  ? 91  VAL A O   1 
ATOM   611  C  CB  . VAL A 1 76  ? 11.415  -8.979  8.324   1.00 42.74  ? 91  VAL A CB  1 
ATOM   612  C  CG1 . VAL A 1 76  ? 12.081  -7.965  9.246   1.00 25.42  ? 91  VAL A CG1 1 
ATOM   613  C  CG2 . VAL A 1 76  ? 10.338  -8.305  7.491   1.00 32.51  ? 91  VAL A CG2 1 
ATOM   614  N  N   . ASN A 1 77  ? 13.556  -11.098 9.032   1.00 29.48  ? 92  ASN A N   1 
ATOM   615  C  CA  . ASN A 1 77  ? 14.671  -11.598 9.835   1.00 41.53  ? 92  ASN A CA  1 
ATOM   616  C  C   . ASN A 1 77  ? 15.902  -11.892 8.987   1.00 39.84  ? 92  ASN A C   1 
ATOM   617  O  O   . ASN A 1 77  ? 17.021  -11.489 9.327   1.00 33.61  ? 92  ASN A O   1 
ATOM   618  C  CB  . ASN A 1 77  ? 14.259  -12.855 10.606  1.00 44.64  ? 92  ASN A CB  1 
ATOM   619  C  CG  . ASN A 1 77  ? 13.268  -12.563 11.714  1.00 45.87  ? 92  ASN A CG  1 
ATOM   620  O  OD1 . ASN A 1 77  ? 13.311  -11.504 12.342  1.00 47.37  ? 92  ASN A OD1 1 
ATOM   621  N  ND2 . ASN A 1 77  ? 12.367  -13.509 11.961  1.00 43.18  ? 92  ASN A ND2 1 
ATOM   622  N  N   . SER A 1 78  ? 15.681  -12.592 7.877   1.00 31.02  ? 93  SER A N   1 
ATOM   623  C  CA  . SER A 1 78  ? 16.759  -12.913 6.950   1.00 27.50  ? 93  SER A CA  1 
ATOM   624  C  C   . SER A 1 78  ? 17.439  -11.650 6.435   1.00 33.44  ? 93  SER A C   1 
ATOM   625  O  O   . SER A 1 78  ? 18.667  -11.558 6.439   1.00 37.32  ? 93  SER A O   1 
ATOM   626  C  CB  . SER A 1 78  ? 16.236  -13.737 5.774   1.00 29.01  ? 93  SER A CB  1 
ATOM   627  O  OG  . SER A 1 78  ? 17.258  -13.964 4.821   1.00 49.46  ? 93  SER A OG  1 
ATOM   628  N  N   . ILE A 1 79  ? 16.636  -10.682 5.996   1.00 31.06  ? 94  ILE A N   1 
ATOM   629  C  CA  . ILE A 1 79  ? 17.166  -9.409  5.505   1.00 35.39  ? 94  ILE A CA  1 
ATOM   630  C  C   . ILE A 1 79  ? 18.011  -8.717  6.573   1.00 42.04  ? 94  ILE A C   1 
ATOM   631  O  O   . ILE A 1 79  ? 19.081  -8.175  6.284   1.00 30.42  ? 94  ILE A O   1 
ATOM   632  C  CB  . ILE A 1 79  ? 16.038  -8.463  5.038   1.00 30.18  ? 94  ILE A CB  1 
ATOM   633  C  CG1 . ILE A 1 79  ? 15.354  -9.024  3.791   1.00 29.96  ? 94  ILE A CG1 1 
ATOM   634  C  CG2 . ILE A 1 79  ? 16.585  -7.070  4.755   1.00 31.58  ? 94  ILE A CG2 1 
ATOM   635  C  CD1 . ILE A 1 79  ? 14.192  -8.186  3.300   1.00 37.69  ? 94  ILE A CD1 1 
ATOM   636  N  N   . CYS A 1 80  ? 17.527  -8.751  7.810   1.00 33.97  ? 95  CYS A N   1 
ATOM   637  C  CA  . CYS A 1 80  ? 18.227  -8.123  8.922   1.00 39.31  ? 95  CYS A CA  1 
ATOM   638  C  C   . CYS A 1 80  ? 19.584  -8.770  9.183   1.00 48.91  ? 95  CYS A C   1 
ATOM   639  O  O   . CYS A 1 80  ? 20.592  -8.072  9.288   1.00 39.44  ? 95  CYS A O   1 
ATOM   640  C  CB  . CYS A 1 80  ? 17.370  -8.156  10.187  1.00 43.60  ? 95  CYS A CB  1 
ATOM   641  S  SG  . CYS A 1 80  ? 15.873  -7.147  10.085  1.00 48.86  ? 95  CYS A SG  1 
ATOM   642  N  N   . ASN A 1 81  ? 19.614  -10.096 9.283   1.00 51.19  ? 96  ASN A N   1 
ATOM   643  C  CA  . ASN A 1 81  ? 20.879  -10.792 9.511   1.00 43.40  ? 96  ASN A CA  1 
ATOM   644  C  C   . ASN A 1 81  ? 21.860  -10.632 8.352   1.00 39.75  ? 96  ASN A C   1 
ATOM   645  O  O   . ASN A 1 81  ? 23.062  -10.499 8.568   1.00 42.30  ? 96  ASN A O   1 
ATOM   646  C  CB  . ASN A 1 81  ? 20.650  -12.276 9.824   1.00 43.41  ? 96  ASN A CB  1 
ATOM   647  C  CG  . ASN A 1 81  ? 21.915  -13.110 9.679   1.00 66.31  ? 96  ASN A CG  1 
ATOM   648  O  OD1 . ASN A 1 81  ? 21.900  -14.172 9.059   1.00 69.37  ? 96  ASN A OD1 1 
ATOM   649  N  ND2 . ASN A 1 81  ? 23.017  -12.630 10.255  1.00 62.82  ? 96  ASN A ND2 1 
ATOM   650  N  N   . THR A 1 82  ? 21.340  -10.640 7.128   1.00 40.66  ? 97  THR A N   1 
ATOM   651  C  CA  . THR A 1 82  ? 22.188  -10.559 5.942   1.00 36.55  ? 97  THR A CA  1 
ATOM   652  C  C   . THR A 1 82  ? 22.794  -9.166  5.764   1.00 39.54  ? 97  THR A C   1 
ATOM   653  O  O   . THR A 1 82  ? 23.988  -9.029  5.498   1.00 60.52  ? 97  THR A O   1 
ATOM   654  C  CB  . THR A 1 82  ? 21.409  -10.933 4.665   1.00 27.50  ? 97  THR A CB  1 
ATOM   655  O  OG1 . THR A 1 82  ? 20.825  -12.232 4.819   1.00 40.42  ? 97  THR A OG1 1 
ATOM   656  C  CG2 . THR A 1 82  ? 22.327  -10.942 3.456   1.00 25.54  ? 97  THR A CG2 1 
ATOM   657  N  N   . THR A 1 83  ? 21.963  -8.139  5.915   1.00 49.88  ? 98  THR A N   1 
ATOM   658  C  CA  . THR A 1 83  ? 22.364  -6.764  5.618   1.00 47.09  ? 98  THR A CA  1 
ATOM   659  C  C   . THR A 1 83  ? 22.881  -6.006  6.838   1.00 50.99  ? 98  THR A C   1 
ATOM   660  O  O   . THR A 1 83  ? 23.825  -5.220  6.737   1.00 42.47  ? 98  THR A O   1 
ATOM   661  C  CB  . THR A 1 83  ? 21.201  -5.970  4.998   1.00 47.41  ? 98  THR A CB  1 
ATOM   662  O  OG1 . THR A 1 83  ? 20.059  -6.049  5.861   1.00 44.10  ? 98  THR A OG1 1 
ATOM   663  C  CG2 . THR A 1 83  ? 20.832  -6.539  3.637   1.00 43.76  ? 98  THR A CG2 1 
ATOM   664  N  N   . GLY A 1 84  ? 22.251  -6.232  7.985   1.00 45.28  ? 99  GLY A N   1 
ATOM   665  C  CA  . GLY A 1 84  ? 22.610  -5.526  9.202   1.00 45.51  ? 99  GLY A CA  1 
ATOM   666  C  C   . GLY A 1 84  ? 21.650  -4.388  9.492   1.00 62.23  ? 99  GLY A C   1 
ATOM   667  O  O   . GLY A 1 84  ? 21.988  -3.445  10.209  1.00 69.00  ? 99  GLY A O   1 
ATOM   668  N  N   . ALA A 1 85  ? 20.447  -4.477  8.932   1.00 52.71  ? 100 ALA A N   1 
ATOM   669  C  CA  . ALA A 1 85  ? 19.434  -3.443  9.121   1.00 50.42  ? 100 ALA A CA  1 
ATOM   670  C  C   . ALA A 1 85  ? 18.692  -3.619  10.445  1.00 57.12  ? 100 ALA A C   1 
ATOM   671  O  O   . ALA A 1 85  ? 18.547  -4.738  10.946  1.00 58.30  ? 100 ALA A O   1 
ATOM   672  C  CB  . ALA A 1 85  ? 18.454  -3.442  7.958   1.00 44.19  ? 100 ALA A CB  1 
ATOM   673  N  N   . GLU A 1 86  ? 18.228  -2.508  11.008  1.00 61.52  ? 101 GLU A N   1 
ATOM   674  C  CA  . GLU A 1 86  ? 17.444  -2.541  12.239  1.00 65.52  ? 101 GLU A CA  1 
ATOM   675  C  C   . GLU A 1 86  ? 16.124  -3.263  12.015  1.00 62.77  ? 101 GLU A C   1 
ATOM   676  O  O   . GLU A 1 86  ? 15.387  -2.950  11.077  1.00 74.03  ? 101 GLU A O   1 
ATOM   677  C  CB  . GLU A 1 86  ? 17.169  -1.126  12.743  1.00 78.46  ? 101 GLU A CB  1 
ATOM   678  C  CG  . GLU A 1 86  ? 18.305  -0.504  13.530  1.00 88.80  ? 101 GLU A CG  1 
ATOM   679  C  CD  . GLU A 1 86  ? 17.981  0.905   13.986  1.00 101.21 ? 101 GLU A CD  1 
ATOM   680  O  OE1 . GLU A 1 86  ? 16.838  1.351   13.758  1.00 114.19 ? 101 GLU A OE1 1 
ATOM   681  O  OE2 . GLU A 1 86  ? 18.868  1.566   14.569  1.00 94.72  ? 101 GLU A OE2 1 
ATOM   682  N  N   . LYS A 1 87  ? 15.823  -4.226  12.878  1.00 40.96  ? 102 LYS A N   1 
ATOM   683  C  CA  . LYS A 1 87  ? 14.566  -4.953  12.780  1.00 52.08  ? 102 LYS A CA  1 
ATOM   684  C  C   . LYS A 1 87  ? 13.392  -4.065  13.190  1.00 63.50  ? 102 LYS A C   1 
ATOM   685  O  O   . LYS A 1 87  ? 13.413  -3.450  14.258  1.00 74.31  ? 102 LYS A O   1 
ATOM   686  C  CB  . LYS A 1 87  ? 14.596  -6.219  13.634  1.00 40.94  ? 102 LYS A CB  1 
ATOM   687  C  CG  . LYS A 1 87  ? 13.274  -6.965  13.642  1.00 58.57  ? 102 LYS A CG  1 
ATOM   688  C  CD  . LYS A 1 87  ? 13.370  -8.291  14.373  1.00 60.47  ? 102 LYS A CD  1 
ATOM   689  C  CE  . LYS A 1 87  ? 11.980  -8.845  14.639  1.00 53.48  ? 102 LYS A CE  1 
ATOM   690  N  NZ  . LYS A 1 87  ? 12.028  -10.168 15.318  1.00 51.43  ? 102 LYS A NZ  1 
ATOM   691  N  N   . PRO A 1 88  ? 12.366  -3.991  12.331  1.00 74.80  ? 103 PRO A N   1 
ATOM   692  C  CA  . PRO A 1 88  ? 11.183  -3.152  12.560  1.00 58.76  ? 103 PRO A CA  1 
ATOM   693  C  C   . PRO A 1 88  ? 10.147  -3.781  13.499  1.00 56.51  ? 103 PRO A C   1 
ATOM   694  O  O   . PRO A 1 88  ? 10.087  -5.004  13.643  1.00 59.11  ? 103 PRO A O   1 
ATOM   695  C  CB  . PRO A 1 88  ? 10.597  -2.999  11.155  1.00 61.69  ? 103 PRO A CB  1 
ATOM   696  C  CG  . PRO A 1 88  ? 11.003  -4.242  10.453  1.00 44.66  ? 103 PRO A CG  1 
ATOM   697  C  CD  . PRO A 1 88  ? 12.359  -4.606  10.991  1.00 57.65  ? 103 PRO A CD  1 
ATOM   698  N  N   . LYS A 1 89  ? 9.345   -2.927  14.132  1.00 54.42  ? 104 LYS A N   1 
ATOM   699  C  CA  . LYS A 1 89  ? 8.256   -3.344  15.014  1.00 45.76  ? 104 LYS A CA  1 
ATOM   700  C  C   . LYS A 1 89  ? 7.102   -3.890  14.188  1.00 60.83  ? 104 LYS A C   1 
ATOM   701  O  O   . LYS A 1 89  ? 6.392   -4.814  14.587  1.00 67.82  ? 104 LYS A O   1 
ATOM   702  C  CB  . LYS A 1 89  ? 7.767   -2.128  15.804  1.00 68.31  ? 104 LYS A CB  1 
ATOM   703  C  CG  . LYS A 1 89  ? 6.395   -2.283  16.449  1.00 75.02  ? 104 LYS A CG  1 
ATOM   704  C  CD  . LYS A 1 89  ? 5.652   -0.952  16.503  1.00 60.06  ? 104 LYS A CD  1 
ATOM   705  C  CE  . LYS A 1 89  ? 4.818   -0.719  15.249  1.00 55.59  ? 104 LYS A CE  1 
ATOM   706  N  NZ  . LYS A 1 89  ? 3.625   -1.609  15.201  1.00 60.49  ? 104 LYS A NZ  1 
ATOM   707  N  N   . PHE A 1 90  ? 6.949   -3.294  13.014  1.00 58.25  ? 105 PHE A N   1 
ATOM   708  C  CA  . PHE A 1 90  ? 5.825   -3.495  12.122  1.00 61.93  ? 105 PHE A CA  1 
ATOM   709  C  C   . PHE A 1 90  ? 6.361   -4.251  10.925  1.00 52.28  ? 105 PHE A C   1 
ATOM   710  O  O   . PHE A 1 90  ? 7.559   -4.203  10.653  1.00 52.23  ? 105 PHE A O   1 
ATOM   711  C  CB  . PHE A 1 90  ? 5.367   -2.121  11.646  1.00 61.82  ? 105 PHE A CB  1 
ATOM   712  C  CG  . PHE A 1 90  ? 6.501   -1.264  11.148  1.00 75.99  ? 105 PHE A CG  1 
ATOM   713  C  CD1 . PHE A 1 90  ? 7.286   -0.539  12.036  1.00 73.20  ? 105 PHE A CD1 1 
ATOM   714  C  CD2 . PHE A 1 90  ? 6.806   -1.208  9.799   1.00 66.99  ? 105 PHE A CD2 1 
ATOM   715  C  CE1 . PHE A 1 90  ? 8.342   0.221   11.588  1.00 77.50  ? 105 PHE A CE1 1 
ATOM   716  C  CE2 . PHE A 1 90  ? 7.859   -0.437  9.344   1.00 50.42  ? 105 PHE A CE2 1 
ATOM   717  C  CZ  . PHE A 1 90  ? 8.624   0.281   10.241  1.00 75.96  ? 105 PHE A CZ  1 
ATOM   718  N  N   . LEU A 1 91  ? 5.488   -4.938  10.199  1.00 42.68  ? 106 LEU A N   1 
ATOM   719  C  CA  . LEU A 1 91  ? 5.880   -5.474  8.907   1.00 37.46  ? 106 LEU A CA  1 
ATOM   720  C  C   . LEU A 1 91  ? 5.943   -4.327  7.908   1.00 44.16  ? 106 LEU A C   1 
ATOM   721  O  O   . LEU A 1 91  ? 4.923   -3.714  7.593   1.00 41.61  ? 106 LEU A O   1 
ATOM   722  C  CB  . LEU A 1 91  ? 4.889   -6.531  8.426   1.00 23.02  ? 106 LEU A CB  1 
ATOM   723  C  CG  . LEU A 1 91  ? 5.147   -7.963  8.885   1.00 40.58  ? 106 LEU A CG  1 
ATOM   724  C  CD1 . LEU A 1 91  ? 4.086   -8.899  8.321   1.00 29.47  ? 106 LEU A CD1 1 
ATOM   725  C  CD2 . LEU A 1 91  ? 6.540   -8.421  8.467   1.00 28.77  ? 106 LEU A CD2 1 
ATOM   726  N  N   . PRO A 1 92  ? 7.150   -4.018  7.411   1.00 40.75  ? 107 PRO A N   1 
ATOM   727  C  CA  . PRO A 1 92  ? 7.255   -2.990  6.373   1.00 31.69  ? 107 PRO A CA  1 
ATOM   728  C  C   . PRO A 1 92  ? 6.766   -3.561  5.051   1.00 32.51  ? 107 PRO A C   1 
ATOM   729  O  O   . PRO A 1 92  ? 6.398   -4.737  4.994   1.00 24.30  ? 107 PRO A O   1 
ATOM   730  C  CB  . PRO A 1 92  ? 8.756   -2.706  6.320   1.00 24.26  ? 107 PRO A CB  1 
ATOM   731  C  CG  . PRO A 1 92  ? 9.378   -3.974  6.735   1.00 34.98  ? 107 PRO A CG  1 
ATOM   732  C  CD  . PRO A 1 92  ? 8.458   -4.615  7.734   1.00 28.38  ? 107 PRO A CD  1 
ATOM   733  N  N   . ASP A 1 93  ? 6.755   -2.747  4.003   1.00 26.88  ? 108 ASP A N   1 
ATOM   734  C  CA  . ASP A 1 93  ? 6.245   -3.199  2.717   1.00 35.46  ? 108 ASP A CA  1 
ATOM   735  C  C   . ASP A 1 93  ? 7.358   -3.708  1.823   1.00 34.68  ? 108 ASP A C   1 
ATOM   736  O  O   . ASP A 1 93  ? 7.235   -4.757  1.190   1.00 32.43  ? 108 ASP A O   1 
ATOM   737  C  CB  . ASP A 1 93  ? 5.490   -2.067  2.027   1.00 24.76  ? 108 ASP A CB  1 
ATOM   738  C  CG  . ASP A 1 93  ? 4.203   -1.717  2.739   1.00 28.88  ? 108 ASP A CG  1 
ATOM   739  O  OD1 . ASP A 1 93  ? 3.493   -2.654  3.158   1.00 28.03  ? 108 ASP A OD1 1 
ATOM   740  O  OD2 . ASP A 1 93  ? 3.910   -0.513  2.893   1.00 31.17  ? 108 ASP A OD2 1 
ATOM   741  N  N   . LEU A 1 94  ? 8.455   -2.964  1.780   1.00 25.39  ? 109 LEU A N   1 
ATOM   742  C  CA  . LEU A 1 94  ? 9.549   -3.322  0.894   1.00 29.74  ? 109 LEU A CA  1 
ATOM   743  C  C   . LEU A 1 94  ? 10.889  -3.260  1.600   1.00 20.56  ? 109 LEU A C   1 
ATOM   744  O  O   . LEU A 1 94  ? 10.999  -2.742  2.710   1.00 27.07  ? 109 LEU A O   1 
ATOM   745  C  CB  . LEU A 1 94  ? 9.574   -2.395  -0.319  1.00 29.14  ? 109 LEU A CB  1 
ATOM   746  C  CG  . LEU A 1 94  ? 8.322   -2.389  -1.193  1.00 24.05  ? 109 LEU A CG  1 
ATOM   747  C  CD1 . LEU A 1 94  ? 8.455   -1.358  -2.299  1.00 27.24  ? 109 LEU A CD1 1 
ATOM   748  C  CD2 . LEU A 1 94  ? 8.065   -3.768  -1.780  1.00 27.21  ? 109 LEU A CD2 1 
ATOM   749  N  N   . TYR A 1 95  ? 11.905  -3.809  0.951   1.00 28.07  ? 110 TYR A N   1 
ATOM   750  C  CA  . TYR A 1 95  ? 13.272  -3.509  1.327   1.00 28.36  ? 110 TYR A CA  1 
ATOM   751  C  C   . TYR A 1 95  ? 13.997  -3.009  0.094   1.00 29.50  ? 110 TYR A C   1 
ATOM   752  O  O   . TYR A 1 95  ? 13.835  -3.552  -1.000  1.00 27.14  ? 110 TYR A O   1 
ATOM   753  C  CB  . TYR A 1 95  ? 13.990  -4.718  1.923   1.00 28.08  ? 110 TYR A CB  1 
ATOM   754  C  CG  . TYR A 1 95  ? 15.377  -4.360  2.398   1.00 32.66  ? 110 TYR A CG  1 
ATOM   755  C  CD1 . TYR A 1 95  ? 15.566  -3.663  3.583   1.00 28.98  ? 110 TYR A CD1 1 
ATOM   756  C  CD2 . TYR A 1 95  ? 16.498  -4.694  1.650   1.00 36.50  ? 110 TYR A CD2 1 
ATOM   757  C  CE1 . TYR A 1 95  ? 16.832  -3.319  4.017   1.00 34.11  ? 110 TYR A CE1 1 
ATOM   758  C  CE2 . TYR A 1 95  ? 17.769  -4.357  2.076   1.00 31.83  ? 110 TYR A CE2 1 
ATOM   759  C  CZ  . TYR A 1 95  ? 17.928  -3.670  3.261   1.00 46.14  ? 110 TYR A CZ  1 
ATOM   760  O  OH  . TYR A 1 95  ? 19.191  -3.331  3.689   1.00 47.25  ? 110 TYR A OH  1 
ATOM   761  N  N   . ASP A 1 96  ? 14.786  -1.960  0.279   1.00 34.04  ? 111 ASP A N   1 
ATOM   762  C  CA  . ASP A 1 96  ? 15.514  -1.347  -0.817  1.00 34.19  ? 111 ASP A CA  1 
ATOM   763  C  C   . ASP A 1 96  ? 16.964  -1.809  -0.758  1.00 29.75  ? 111 ASP A C   1 
ATOM   764  O  O   . ASP A 1 96  ? 17.730  -1.343  0.084   1.00 39.35  ? 111 ASP A O   1 
ATOM   765  C  CB  . ASP A 1 96  ? 15.443  0.174   -0.687  1.00 30.82  ? 111 ASP A CB  1 
ATOM   766  C  CG  . ASP A 1 96  ? 15.821  0.891   -1.969  1.00 31.11  ? 111 ASP A CG  1 
ATOM   767  O  OD1 . ASP A 1 96  ? 16.537  0.297   -2.803  1.00 32.48  ? 111 ASP A OD1 1 
ATOM   768  O  OD2 . ASP A 1 96  ? 15.404  2.056   -2.143  1.00 35.70  ? 111 ASP A OD2 1 
ATOM   769  N  N   . TYR A 1 97  ? 17.338  -2.732  -1.640  1.00 22.09  ? 112 TYR A N   1 
ATOM   770  C  CA  . TYR A 1 97  ? 18.704  -3.251  -1.659  1.00 34.74  ? 112 TYR A CA  1 
ATOM   771  C  C   . TYR A 1 97  ? 19.712  -2.212  -2.130  1.00 39.21  ? 112 TYR A C   1 
ATOM   772  O  O   . TYR A 1 97  ? 20.914  -2.351  -1.901  1.00 53.14  ? 112 TYR A O   1 
ATOM   773  C  CB  . TYR A 1 97  ? 18.803  -4.505  -2.529  1.00 29.41  ? 112 TYR A CB  1 
ATOM   774  C  CG  . TYR A 1 97  ? 18.248  -5.745  -1.873  1.00 28.65  ? 112 TYR A CG  1 
ATOM   775  C  CD1 . TYR A 1 97  ? 18.826  -6.261  -0.721  1.00 21.08  ? 112 TYR A CD1 1 
ATOM   776  C  CD2 . TYR A 1 97  ? 17.153  -6.406  -2.407  1.00 18.62  ? 112 TYR A CD2 1 
ATOM   777  C  CE1 . TYR A 1 97  ? 18.324  -7.398  -0.117  1.00 22.01  ? 112 TYR A CE1 1 
ATOM   778  C  CE2 . TYR A 1 97  ? 16.644  -7.543  -1.811  1.00 29.44  ? 112 TYR A CE2 1 
ATOM   779  C  CZ  . TYR A 1 97  ? 17.233  -8.034  -0.668  1.00 36.72  ? 112 TYR A CZ  1 
ATOM   780  O  OH  . TYR A 1 97  ? 16.725  -9.165  -0.075  1.00 38.09  ? 112 TYR A OH  1 
ATOM   781  N  N   . LYS A 1 98  ? 19.217  -1.172  -2.789  1.00 38.07  ? 113 LYS A N   1 
ATOM   782  C  CA  . LYS A 1 98  ? 20.077  -0.126  -3.323  1.00 35.35  ? 113 LYS A CA  1 
ATOM   783  C  C   . LYS A 1 98  ? 20.380  0.923   -2.260  1.00 29.19  ? 113 LYS A C   1 
ATOM   784  O  O   . LYS A 1 98  ? 21.533  1.309   -2.067  1.00 42.57  ? 113 LYS A O   1 
ATOM   785  C  CB  . LYS A 1 98  ? 19.415  0.521   -4.538  1.00 44.78  ? 113 LYS A CB  1 
ATOM   786  C  CG  . LYS A 1 98  ? 20.217  1.641   -5.168  1.00 40.69  ? 113 LYS A CG  1 
ATOM   787  C  CD  . LYS A 1 98  ? 19.652  2.000   -6.534  1.00 47.28  ? 113 LYS A CD  1 
ATOM   788  C  CE  . LYS A 1 98  ? 20.366  3.202   -7.130  1.00 48.18  ? 113 LYS A CE  1 
ATOM   789  N  NZ  . LYS A 1 98  ? 20.112  4.440   -6.344  1.00 54.20  ? 113 LYS A NZ  1 
ATOM   790  N  N   . GLU A 1 99  ? 19.338  1.372   -1.568  1.00 42.66  ? 114 GLU A N   1 
ATOM   791  C  CA  . GLU A 1 99  ? 19.482  2.397   -0.542  1.00 29.61  ? 114 GLU A CA  1 
ATOM   792  C  C   . GLU A 1 99  ? 19.603  1.786   0.852   1.00 33.09  ? 114 GLU A C   1 
ATOM   793  O  O   . GLU A 1 99  ? 19.782  2.505   1.837   1.00 45.41  ? 114 GLU A O   1 
ATOM   794  C  CB  . GLU A 1 99  ? 18.305  3.373   -0.599  1.00 43.96  ? 114 GLU A CB  1 
ATOM   795  C  CG  . GLU A 1 99  ? 18.240  4.182   -1.887  1.00 43.31  ? 114 GLU A CG  1 
ATOM   796  C  CD  . GLU A 1 99  ? 19.348  5.216   -1.980  1.00 62.15  ? 114 GLU A CD  1 
ATOM   797  O  OE1 . GLU A 1 99  ? 19.777  5.535   -3.110  1.00 61.07  ? 114 GLU A OE1 1 
ATOM   798  O  OE2 . GLU A 1 99  ? 19.785  5.717   -0.922  1.00 53.86  ? 114 GLU A OE2 1 
ATOM   799  N  N   . ASN A 1 100 ? 19.496  0.461   0.921   1.00 34.60  ? 115 ASN A N   1 
ATOM   800  C  CA  . ASN A 1 100 ? 19.713  -0.282  2.163   1.00 43.73  ? 115 ASN A CA  1 
ATOM   801  C  C   . ASN A 1 100 ? 18.764  0.121   3.284   1.00 40.49  ? 115 ASN A C   1 
ATOM   802  O  O   . ASN A 1 100 ? 19.192  0.420   4.399   1.00 45.19  ? 115 ASN A O   1 
ATOM   803  C  CB  . ASN A 1 100 ? 21.169  -0.154  2.609   1.00 41.51  ? 115 ASN A CB  1 
ATOM   804  C  CG  . ASN A 1 100 ? 22.141  -0.452  1.488   1.00 50.10  ? 115 ASN A CG  1 
ATOM   805  O  OD1 . ASN A 1 100 ? 22.878  0.427   1.038   1.00 43.69  ? 115 ASN A OD1 1 
ATOM   806  N  ND2 . ASN A 1 100 ? 22.132  -1.694  1.016   1.00 42.61  ? 115 ASN A ND2 1 
ATOM   807  N  N   . ARG A 1 101 ? 17.470  0.108   2.986   1.00 36.71  ? 116 ARG A N   1 
ATOM   808  C  CA  . ARG A 1 101 ? 16.466  0.500   3.965   1.00 32.57  ? 116 ARG A CA  1 
ATOM   809  C  C   . ARG A 1 101 ? 15.122  -0.143  3.669   1.00 32.89  ? 116 ARG A C   1 
ATOM   810  O  O   . ARG A 1 101 ? 14.831  -0.505  2.525   1.00 40.65  ? 116 ARG A O   1 
ATOM   811  C  CB  . ARG A 1 101 ? 16.317  2.021   3.987   1.00 16.82  ? 116 ARG A CB  1 
ATOM   812  C  CG  . ARG A 1 101 ? 15.900  2.614   2.650   1.00 31.13  ? 116 ARG A CG  1 
ATOM   813  C  CD  . ARG A 1 101 ? 16.180  4.102   2.603   1.00 23.69  ? 116 ARG A CD  1 
ATOM   814  N  NE  . ARG A 1 101 ? 15.732  4.710   1.353   1.00 25.13  ? 116 ARG A NE  1 
ATOM   815  C  CZ  . ARG A 1 101 ? 16.068  5.932   0.953   1.00 27.58  ? 116 ARG A CZ  1 
ATOM   816  N  NH1 . ARG A 1 101 ? 16.869  6.678   1.702   1.00 21.48  ? 116 ARG A NH1 1 
ATOM   817  N  NH2 . ARG A 1 101 ? 15.611  6.406   -0.199  1.00 21.44  ? 116 ARG A NH2 1 
ATOM   818  N  N   . PHE A 1 102 ? 14.310  -0.289  4.710   1.00 32.38  ? 117 PHE A N   1 
ATOM   819  C  CA  . PHE A 1 102 ? 12.945  -0.754  4.544   1.00 30.19  ? 117 PHE A CA  1 
ATOM   820  C  C   . PHE A 1 102 ? 12.072  0.403   4.084   1.00 25.84  ? 117 PHE A C   1 
ATOM   821  O  O   . PHE A 1 102 ? 12.328  1.563   4.416   1.00 25.59  ? 117 PHE A O   1 
ATOM   822  C  CB  . PHE A 1 102 ? 12.402  -1.326  5.853   1.00 31.51  ? 117 PHE A CB  1 
ATOM   823  C  CG  . PHE A 1 102 ? 12.990  -2.655  6.225   1.00 27.84  ? 117 PHE A CG  1 
ATOM   824  C  CD1 . PHE A 1 102 ? 12.574  -3.811  5.590   1.00 26.27  ? 117 PHE A CD1 1 
ATOM   825  C  CD2 . PHE A 1 102 ? 13.952  -2.750  7.213   1.00 34.74  ? 117 PHE A CD2 1 
ATOM   826  C  CE1 . PHE A 1 102 ? 13.107  -5.036  5.935   1.00 31.61  ? 117 PHE A CE1 1 
ATOM   827  C  CE2 . PHE A 1 102 ? 14.487  -3.975  7.558   1.00 37.84  ? 117 PHE A CE2 1 
ATOM   828  C  CZ  . PHE A 1 102 ? 14.064  -5.116  6.917   1.00 28.32  ? 117 PHE A CZ  1 
ATOM   829  N  N   . ILE A 1 103 ? 11.042  0.077   3.313   1.00 21.71  ? 118 ILE A N   1 
ATOM   830  C  CA  . ILE A 1 103 ? 10.121  1.074   2.800   1.00 21.96  ? 118 ILE A CA  1 
ATOM   831  C  C   . ILE A 1 103 ? 8.702   0.772   3.253   1.00 21.64  ? 118 ILE A C   1 
ATOM   832  O  O   . ILE A 1 103 ? 8.208   -0.352  3.096   1.00 28.00  ? 118 ILE A O   1 
ATOM   833  C  CB  . ILE A 1 103 ? 10.140  1.123   1.262   1.00 22.48  ? 118 ILE A CB  1 
ATOM   834  C  CG1 . ILE A 1 103 ? 11.540  1.447   0.750   1.00 32.89  ? 118 ILE A CG1 1 
ATOM   835  C  CG2 . ILE A 1 103 ? 9.129   2.139   0.752   1.00 18.81  ? 118 ILE A CG2 1 
ATOM   836  C  CD1 . ILE A 1 103 ? 11.657  1.432   -0.758  1.00 20.57  ? 118 ILE A CD1 1 
ATOM   837  N  N   . GLU A 1 104 ? 8.056   1.785   3.818   1.00 28.20  ? 119 GLU A N   1 
ATOM   838  C  CA  . GLU A 1 104 ? 6.639   1.728   4.128   1.00 25.17  ? 119 GLU A CA  1 
ATOM   839  C  C   . GLU A 1 104 ? 5.880   2.608   3.142   1.00 24.89  ? 119 GLU A C   1 
ATOM   840  O  O   . GLU A 1 104 ? 6.158   3.810   3.003   1.00 21.75  ? 119 GLU A O   1 
ATOM   841  C  CB  . GLU A 1 104 ? 6.376   2.186   5.562   1.00 23.88  ? 119 GLU A CB  1 
ATOM   842  C  CG  . GLU A 1 104 ? 4.946   1.970   6.016   1.00 37.04  ? 119 GLU A CG  1 
ATOM   843  C  CD  . GLU A 1 104 ? 4.570   0.502   6.054   1.00 39.20  ? 119 GLU A CD  1 
ATOM   844  O  OE1 . GLU A 1 104 ? 5.423   -0.322  6.445   1.00 44.80  ? 119 GLU A OE1 1 
ATOM   845  O  OE2 . GLU A 1 104 ? 3.425   0.168   5.689   1.00 40.74  ? 119 GLU A OE2 1 
ATOM   846  N  N   . ILE A 1 105 ? 4.931   1.994   2.446   1.00 18.30  ? 120 ILE A N   1 
ATOM   847  C  CA  . ILE A 1 105 ? 4.097   2.689   1.478   1.00 15.97  ? 120 ILE A CA  1 
ATOM   848  C  C   . ILE A 1 105 ? 2.769   3.028   2.142   1.00 23.18  ? 120 ILE A C   1 
ATOM   849  O  O   . ILE A 1 105 ? 2.269   2.270   2.977   1.00 30.08  ? 120 ILE A O   1 
ATOM   850  C  CB  . ILE A 1 105 ? 3.838   1.808   0.239   1.00 23.79  ? 120 ILE A CB  1 
ATOM   851  C  CG1 . ILE A 1 105 ? 5.154   1.304   -0.347  1.00 32.82  ? 120 ILE A CG1 1 
ATOM   852  C  CG2 . ILE A 1 105 ? 3.060   2.571   -0.823  1.00 20.45  ? 120 ILE A CG2 1 
ATOM   853  C  CD1 . ILE A 1 105 ? 5.979   2.376   -1.005  1.00 31.40  ? 120 ILE A CD1 1 
ATOM   854  N  N   . GLY A 1 106 ? 2.207   4.176   1.785   1.00 20.01  ? 121 GLY A N   1 
ATOM   855  C  CA  . GLY A 1 106 ? 0.890   4.553   2.260   1.00 26.86  ? 121 GLY A CA  1 
ATOM   856  C  C   . GLY A 1 106 ? 0.059   5.065   1.104   1.00 23.35  ? 121 GLY A C   1 
ATOM   857  O  O   . GLY A 1 106 ? 0.581   5.713   0.202   1.00 23.14  ? 121 GLY A O   1 
ATOM   858  N  N   . VAL A 1 107 ? -1.232  4.756   1.116   1.00 26.68  ? 122 VAL A N   1 
ATOM   859  C  CA  . VAL A 1 107 ? -2.152  5.278   0.112   1.00 23.26  ? 122 VAL A CA  1 
ATOM   860  C  C   . VAL A 1 107 ? -3.330  5.891   0.847   1.00 33.97  ? 122 VAL A C   1 
ATOM   861  O  O   . VAL A 1 107 ? -3.991  5.210   1.637   1.00 38.03  ? 122 VAL A O   1 
ATOM   862  C  CB  . VAL A 1 107 ? -2.655  4.172   -0.830  1.00 21.36  ? 122 VAL A CB  1 
ATOM   863  C  CG1 . VAL A 1 107 ? -3.649  4.739   -1.836  1.00 19.73  ? 122 VAL A CG1 1 
ATOM   864  C  CG2 . VAL A 1 107 ? -1.488  3.507   -1.547  1.00 20.66  ? 122 VAL A CG2 1 
ATOM   865  N  N   . THR A 1 108 ? -3.599  7.171   0.610   1.00 28.65  ? 123 THR A N   1 
ATOM   866  C  CA  . THR A 1 108 ? -4.617  7.838   1.418   1.00 31.38  ? 123 THR A CA  1 
ATOM   867  C  C   . THR A 1 108 ? -5.627  8.695   0.653   1.00 39.37  ? 123 THR A C   1 
ATOM   868  O  O   . THR A 1 108 ? -5.301  9.329   -0.354  1.00 25.52  ? 123 THR A O   1 
ATOM   869  C  CB  . THR A 1 108 ? -3.977  8.671   2.551   1.00 37.28  ? 123 THR A CB  1 
ATOM   870  O  OG1 . THR A 1 108 ? -4.998  9.134   3.443   1.00 46.43  ? 123 THR A OG1 1 
ATOM   871  C  CG2 . THR A 1 108 ? -3.213  9.862   1.987   1.00 22.45  ? 123 THR A CG2 1 
ATOM   872  N  N   . ARG A 1 109 ? -6.861  8.690   1.152   1.00 45.06  ? 124 ARG A N   1 
ATOM   873  C  CA  . ARG A 1 109 ? -7.923  9.548   0.644   1.00 41.65  ? 124 ARG A CA  1 
ATOM   874  C  C   . ARG A 1 109 ? -7.887  10.876  1.390   1.00 31.91  ? 124 ARG A C   1 
ATOM   875  O  O   . ARG A 1 109 ? -8.646  11.798  1.086   1.00 34.61  ? 124 ARG A O   1 
ATOM   876  C  CB  . ARG A 1 109 ? -9.292  8.888   0.830   1.00 41.27  ? 124 ARG A CB  1 
ATOM   877  C  CG  . ARG A 1 109 ? -9.539  7.677   -0.063  1.00 31.55  ? 124 ARG A CG  1 
ATOM   878  C  CD  . ARG A 1 109 ? -9.048  6.384   0.571   1.00 42.87  ? 124 ARG A CD  1 
ATOM   879  N  NE  . ARG A 1 109 ? -10.093 5.706   1.334   1.00 42.95  ? 124 ARG A NE  1 
ATOM   880  C  CZ  . ARG A 1 109 ? -9.871  4.716   2.195   1.00 44.76  ? 124 ARG A CZ  1 
ATOM   881  N  NH1 . ARG A 1 109 ? -8.635  4.290   2.416   1.00 39.52  ? 124 ARG A NH1 1 
ATOM   882  N  NH2 . ARG A 1 109 ? -10.887 4.158   2.841   1.00 33.60  ? 124 ARG A NH2 1 
ATOM   883  N  N   . ARG A 1 110 ? -7.003  10.961  2.377   1.00 36.10  ? 125 ARG A N   1 
ATOM   884  C  CA  . ARG A 1 110 ? -6.874  12.162  3.187   1.00 35.74  ? 125 ARG A CA  1 
ATOM   885  C  C   . ARG A 1 110 ? -5.707  13.016  2.710   1.00 38.03  ? 125 ARG A C   1 
ATOM   886  O  O   . ARG A 1 110 ? -5.109  12.740  1.667   1.00 41.56  ? 125 ARG A O   1 
ATOM   887  C  CB  . ARG A 1 110 ? -6.693  11.786  4.657   1.00 27.53  ? 125 ARG A CB  1 
ATOM   888  C  CG  . ARG A 1 110 ? -7.868  11.007  5.235   1.00 37.26  ? 125 ARG A CG  1 
ATOM   889  C  CD  . ARG A 1 110 ? -7.487  10.331  6.538   1.00 30.14  ? 125 ARG A CD  1 
ATOM   890  N  NE  . ARG A 1 110 ? -7.018  11.289  7.533   1.00 38.83  ? 125 ARG A NE  1 
ATOM   891  C  CZ  . ARG A 1 110 ? -6.243  10.974  8.563   1.00 46.54  ? 125 ARG A CZ  1 
ATOM   892  N  NH1 . ARG A 1 110 ? -5.841  9.720   8.734   1.00 56.49  ? 125 ARG A NH1 1 
ATOM   893  N  NH2 . ARG A 1 110 ? -5.862  11.911  9.419   1.00 29.32  ? 125 ARG A NH2 1 
ATOM   894  N  N   . GLU A 1 111 ? -5.388  14.053  3.475   1.00 27.11  ? 126 GLU A N   1 
ATOM   895  C  CA  . GLU A 1 111 ? -4.285  14.941  3.134   1.00 31.41  ? 126 GLU A CA  1 
ATOM   896  C  C   . GLU A 1 111 ? -2.968  14.237  3.444   1.00 40.27  ? 126 GLU A C   1 
ATOM   897  O  O   . GLU A 1 111 ? -2.783  13.699  4.541   1.00 44.50  ? 126 GLU A O   1 
ATOM   898  C  CB  . GLU A 1 111 ? -4.406  16.260  3.902   1.00 24.19  ? 126 GLU A CB  1 
ATOM   899  C  CG  . GLU A 1 111 ? -3.684  17.435  3.261   1.00 29.53  ? 126 GLU A CG  1 
ATOM   900  C  CD  . GLU A 1 111 ? -2.194  17.423  3.546   1.00 40.33  ? 126 GLU A CD  1 
ATOM   901  O  OE1 . GLU A 1 111 ? -1.782  16.755  4.517   1.00 41.14  ? 126 GLU A OE1 1 
ATOM   902  O  OE2 . GLU A 1 111 ? -1.439  18.083  2.803   1.00 56.91  ? 126 GLU A OE2 1 
ATOM   903  N  N   . VAL A 1 112 ? -2.054  14.248  2.477   1.00 34.47  ? 127 VAL A N   1 
ATOM   904  C  CA  . VAL A 1 112 ? -0.854  13.412  2.545   1.00 31.93  ? 127 VAL A CA  1 
ATOM   905  C  C   . VAL A 1 112 ? 0.156   13.784  3.634   1.00 23.61  ? 127 VAL A C   1 
ATOM   906  O  O   . VAL A 1 112 ? 0.862   12.909  4.131   1.00 32.77  ? 127 VAL A O   1 
ATOM   907  C  CB  . VAL A 1 112 ? -0.132  13.325  1.182   1.00 34.20  ? 127 VAL A CB  1 
ATOM   908  C  CG1 . VAL A 1 112 ? -1.060  12.748  0.127   1.00 31.72  ? 127 VAL A CG1 1 
ATOM   909  C  CG2 . VAL A 1 112 ? 0.375   14.694  0.758   1.00 30.97  ? 127 VAL A CG2 1 
ATOM   910  N  N   . HIS A 1 113 ? 0.240   15.060  3.997   1.00 27.18  ? 128 HIS A N   1 
ATOM   911  C  CA  . HIS A 1 113 ? 1.190   15.477  5.027   1.00 25.73  ? 128 HIS A CA  1 
ATOM   912  C  C   . HIS A 1 113 ? 0.782   14.929  6.389   1.00 29.82  ? 128 HIS A C   1 
ATOM   913  O  O   . HIS A 1 113 ? 1.594   14.321  7.097   1.00 29.71  ? 128 HIS A O   1 
ATOM   914  C  CB  . HIS A 1 113 ? 1.318   17.001  5.081   1.00 34.36  ? 128 HIS A CB  1 
ATOM   915  C  CG  . HIS A 1 113 ? 1.941   17.599  3.860   1.00 50.30  ? 128 HIS A CG  1 
ATOM   916  N  ND1 . HIS A 1 113 ? 1.199   18.154  2.840   1.00 51.34  ? 128 HIS A ND1 1 
ATOM   917  C  CD2 . HIS A 1 113 ? 3.238   17.725  3.492   1.00 56.29  ? 128 HIS A CD2 1 
ATOM   918  C  CE1 . HIS A 1 113 ? 2.012   18.599  1.900   1.00 58.86  ? 128 HIS A CE1 1 
ATOM   919  N  NE2 . HIS A 1 113 ? 3.255   18.350  2.271   1.00 63.87  ? 128 HIS A NE2 1 
ATOM   920  N  N   . ILE A 1 114 ? -0.481  15.146  6.744   1.00 27.45  ? 129 ILE A N   1 
ATOM   921  C  CA  . ILE A 1 114 ? -1.026  14.637  7.994   1.00 27.59  ? 129 ILE A CA  1 
ATOM   922  C  C   . ILE A 1 114 ? -0.889  13.120  8.048   1.00 27.82  ? 129 ILE A C   1 
ATOM   923  O  O   . ILE A 1 114 ? -0.460  12.559  9.063   1.00 25.08  ? 129 ILE A O   1 
ATOM   924  C  CB  . ILE A 1 114 ? -2.504  15.024  8.153   1.00 27.98  ? 129 ILE A CB  1 
ATOM   925  C  CG1 . ILE A 1 114 ? -2.662  16.542  8.136   1.00 33.39  ? 129 ILE A CG1 1 
ATOM   926  C  CG2 . ILE A 1 114 ? -3.072  14.447  9.439   1.00 27.41  ? 129 ILE A CG2 1 
ATOM   927  C  CD1 . ILE A 1 114 ? -1.964  17.245  9.270   1.00 29.80  ? 129 ILE A CD1 1 
ATOM   928  N  N   . TYR A 1 115 ? -1.238  12.464  6.944   1.00 23.42  ? 130 TYR A N   1 
ATOM   929  C  CA  . TYR A 1 115 ? -1.157  11.010  6.857   1.00 27.29  ? 130 TYR A CA  1 
ATOM   930  C  C   . TYR A 1 115 ? 0.278   10.538  7.040   1.00 25.35  ? 130 TYR A C   1 
ATOM   931  O  O   . TYR A 1 115 ? 0.524   9.502   7.658   1.00 30.00  ? 130 TYR A O   1 
ATOM   932  C  CB  . TYR A 1 115 ? -1.702  10.510  5.517   1.00 36.40  ? 130 TYR A CB  1 
ATOM   933  C  CG  . TYR A 1 115 ? -1.772  9.003   5.438   1.00 40.97  ? 130 TYR A CG  1 
ATOM   934  C  CD1 . TYR A 1 115 ? -2.902  8.320   5.861   1.00 30.63  ? 130 TYR A CD1 1 
ATOM   935  C  CD2 . TYR A 1 115 ? -0.704  8.263   4.951   1.00 31.07  ? 130 TYR A CD2 1 
ATOM   936  C  CE1 . TYR A 1 115 ? -2.970  6.940   5.796   1.00 41.85  ? 130 TYR A CE1 1 
ATOM   937  C  CE2 . TYR A 1 115 ? -0.761  6.883   4.884   1.00 33.32  ? 130 TYR A CE2 1 
ATOM   938  C  CZ  . TYR A 1 115 ? -1.896  6.228   5.307   1.00 45.57  ? 130 TYR A CZ  1 
ATOM   939  O  OH  . TYR A 1 115 ? -1.955  4.856   5.238   1.00 36.51  ? 130 TYR A OH  1 
ATOM   940  N  N   . TYR A 1 116 ? 1.219   11.299  6.487   1.00 34.72  ? 131 TYR A N   1 
ATOM   941  C  CA  . TYR A 1 116 ? 2.637   10.995  6.627   1.00 23.32  ? 131 TYR A CA  1 
ATOM   942  C  C   . TYR A 1 116 ? 3.033   11.063  8.094   1.00 33.96  ? 131 TYR A C   1 
ATOM   943  O  O   . TYR A 1 116 ? 3.728   10.183  8.599   1.00 28.24  ? 131 TYR A O   1 
ATOM   944  C  CB  . TYR A 1 116 ? 3.488   11.970  5.803   1.00 21.24  ? 131 TYR A CB  1 
ATOM   945  C  CG  . TYR A 1 116 ? 4.977   11.777  5.985   1.00 32.22  ? 131 TYR A CG  1 
ATOM   946  C  CD1 . TYR A 1 116 ? 5.661   12.408  7.016   1.00 29.51  ? 131 TYR A CD1 1 
ATOM   947  C  CD2 . TYR A 1 116 ? 5.703   10.968  5.122   1.00 26.55  ? 131 TYR A CD2 1 
ATOM   948  C  CE1 . TYR A 1 116 ? 7.019   12.233  7.190   1.00 26.09  ? 131 TYR A CE1 1 
ATOM   949  C  CE2 . TYR A 1 116 ? 7.066   10.788  5.287   1.00 23.39  ? 131 TYR A CE2 1 
ATOM   950  C  CZ  . TYR A 1 116 ? 7.716   11.424  6.323   1.00 30.94  ? 131 TYR A CZ  1 
ATOM   951  O  OH  . TYR A 1 116 ? 9.069   11.252  6.496   1.00 41.61  ? 131 TYR A OH  1 
ATOM   952  N  N   . LEU A 1 117 ? 2.595   12.123  8.768   1.00 27.91  ? 132 LEU A N   1 
ATOM   953  C  CA  . LEU A 1 117 ? 2.901   12.305  10.184  1.00 27.80  ? 132 LEU A CA  1 
ATOM   954  C  C   . LEU A 1 117 ? 2.350   11.161  11.032  1.00 35.86  ? 132 LEU A C   1 
ATOM   955  O  O   . LEU A 1 117 ? 3.041   10.631  11.909  1.00 37.27  ? 132 LEU A O   1 
ATOM   956  C  CB  . LEU A 1 117 ? 2.358   13.650  10.670  1.00 36.12  ? 132 LEU A CB  1 
ATOM   957  C  CG  . LEU A 1 117 ? 2.996   14.849  9.970   1.00 42.70  ? 132 LEU A CG  1 
ATOM   958  C  CD1 . LEU A 1 117 ? 2.386   16.165  10.442  1.00 23.81  ? 132 LEU A CD1 1 
ATOM   959  C  CD2 . LEU A 1 117 ? 4.504   14.845  10.183  1.00 20.62  ? 132 LEU A CD2 1 
ATOM   960  N  N   . GLU A 1 118 ? 1.106   10.780  10.756  1.00 22.20  ? 133 GLU A N   1 
ATOM   961  C  CA  . GLU A 1 118 ? 0.461   9.694   11.486  1.00 35.42  ? 133 GLU A CA  1 
ATOM   962  C  C   . GLU A 1 118 ? 1.142   8.356   11.229  1.00 42.32  ? 133 GLU A C   1 
ATOM   963  O  O   . GLU A 1 118 ? 1.272   7.537   12.133  1.00 42.23  ? 133 GLU A O   1 
ATOM   964  C  CB  . GLU A 1 118 ? -1.027  9.626   11.137  1.00 23.33  ? 133 GLU A CB  1 
ATOM   965  C  CG  . GLU A 1 118 ? -1.793  10.878  11.526  1.00 28.58  ? 133 GLU A CG  1 
ATOM   966  C  CD  . GLU A 1 118 ? -3.259  10.820  11.128  1.00 38.03  ? 133 GLU A CD  1 
ATOM   967  O  OE1 . GLU A 1 118 ? -3.704  9.766   10.626  1.00 45.58  ? 133 GLU A OE1 1 
ATOM   968  O  OE2 . GLU A 1 118 ? -3.966  11.834  11.317  1.00 38.47  ? 133 GLU A OE2 1 
ATOM   969  N  N   . LYS A 1 119 ? 1.580   8.144   9.991   1.00 34.41  ? 134 LYS A N   1 
ATOM   970  C  CA  . LYS A 1 119 ? 2.258   6.908   9.606   1.00 40.39  ? 134 LYS A CA  1 
ATOM   971  C  C   . LYS A 1 119 ? 3.613   6.792   10.299  1.00 40.22  ? 134 LYS A C   1 
ATOM   972  O  O   . LYS A 1 119 ? 3.947   5.753   10.892  1.00 42.63  ? 134 LYS A O   1 
ATOM   973  C  CB  . LYS A 1 119 ? 2.443   6.874   8.087   1.00 36.78  ? 134 LYS A CB  1 
ATOM   974  C  CG  . LYS A 1 119 ? 2.813   5.517   7.528   1.00 36.40  ? 134 LYS A CG  1 
ATOM   975  C  CD  . LYS A 1 119 ? 1.903   4.444   8.093   1.00 50.04  ? 134 LYS A CD  1 
ATOM   976  C  CE  . LYS A 1 119 ? 1.750   3.296   7.125   1.00 51.00  ? 134 LYS A CE  1 
ATOM   977  N  NZ  . LYS A 1 119 ? 0.849   3.658   6.002   1.00 42.59  ? 134 LYS A NZ  1 
ATOM   978  N  N   . ALA A 1 120 ? 4.382   7.875   10.213  1.00 29.35  ? 135 ALA A N   1 
ATOM   979  C  CA  . ALA A 1 120 ? 5.694   7.963   10.838  1.00 34.59  ? 135 ALA A CA  1 
ATOM   980  C  C   . ALA A 1 120 ? 5.590   7.729   12.334  1.00 42.01  ? 135 ALA A C   1 
ATOM   981  O  O   . ALA A 1 120 ? 6.346   6.939   12.900  1.00 60.83  ? 135 ALA A O   1 
ATOM   982  C  CB  . ALA A 1 120 ? 6.325   9.314   10.556  1.00 24.04  ? 135 ALA A CB  1 
ATOM   983  N  N   . ASN A 1 121 ? 4.646   8.414   12.971  1.00 44.12  ? 136 ASN A N   1 
ATOM   984  C  CA  . ASN A 1 121 ? 4.428   8.234   14.400  1.00 47.25  ? 136 ASN A CA  1 
ATOM   985  C  C   . ASN A 1 121 ? 3.975   6.816   14.725  1.00 33.86  ? 136 ASN A C   1 
ATOM   986  O  O   . ASN A 1 121 ? 4.304   6.277   15.780  1.00 51.77  ? 136 ASN A O   1 
ATOM   987  C  CB  . ASN A 1 121 ? 3.416   9.250   14.930  1.00 49.01  ? 136 ASN A CB  1 
ATOM   988  C  CG  . ASN A 1 121 ? 3.289   9.209   16.439  1.00 52.04  ? 136 ASN A CG  1 
ATOM   989  O  OD1 . ASN A 1 121 ? 4.219   9.575   17.161  1.00 70.95  ? 136 ASN A OD1 1 
ATOM   990  N  ND2 . ASN A 1 121 ? 2.132   8.772   16.924  1.00 52.01  ? 136 ASN A ND2 1 
ATOM   991  N  N   . LYS A 1 122 ? 3.233   6.210   13.803  1.00 42.92  ? 137 LYS A N   1 
ATOM   992  C  CA  . LYS A 1 122 ? 2.696   4.871   14.008  1.00 33.68  ? 137 LYS A CA  1 
ATOM   993  C  C   . LYS A 1 122 ? 3.763   3.787   13.874  1.00 61.05  ? 137 LYS A C   1 
ATOM   994  O  O   . LYS A 1 122 ? 3.600   2.686   14.403  1.00 68.62  ? 137 LYS A O   1 
ATOM   995  C  CB  . LYS A 1 122 ? 1.541   4.600   13.041  1.00 57.70  ? 137 LYS A CB  1 
ATOM   996  C  CG  . LYS A 1 122 ? 0.754   3.339   13.343  1.00 46.45  ? 137 LYS A CG  1 
ATOM   997  C  CD  . LYS A 1 122 ? -0.534  3.293   12.544  1.00 71.62  ? 137 LYS A CD  1 
ATOM   998  C  CE  . LYS A 1 122 ? -1.320  2.034   12.854  1.00 69.66  ? 137 LYS A CE  1 
ATOM   999  N  NZ  . LYS A 1 122 ? -2.628  2.046   12.151  1.00 51.21  ? 137 LYS A NZ  1 
ATOM   1000 N  N   . ILE A 1 123 ? 4.857   4.084   13.177  1.00 63.78  ? 138 ILE A N   1 
ATOM   1001 C  CA  . ILE A 1 123 ? 5.892   3.060   13.016  1.00 61.36  ? 138 ILE A CA  1 
ATOM   1002 C  C   . ILE A 1 123 ? 7.117   3.198   13.936  1.00 59.33  ? 138 ILE A C   1 
ATOM   1003 O  O   . ILE A 1 123 ? 7.820   2.213   14.178  1.00 72.97  ? 138 ILE A O   1 
ATOM   1004 C  CB  . ILE A 1 123 ? 6.309   2.874   11.538  1.00 65.71  ? 138 ILE A CB  1 
ATOM   1005 C  CG1 . ILE A 1 123 ? 7.011   4.116   10.997  1.00 39.62  ? 138 ILE A CG1 1 
ATOM   1006 C  CG2 . ILE A 1 123 ? 5.097   2.507   10.692  1.00 59.46  ? 138 ILE A CG2 1 
ATOM   1007 C  CD1 . ILE A 1 123 ? 7.446   3.969   9.556   1.00 49.30  ? 138 ILE A CD1 1 
ATOM   1008 N  N   . LYS A 1 124 ? 7.352   4.405   14.452  1.00 49.14  ? 139 LYS A N   1 
ATOM   1009 C  CA  . LYS A 1 124 ? 8.470   4.672   15.366  1.00 77.94  ? 139 LYS A CA  1 
ATOM   1010 C  C   . LYS A 1 124 ? 9.793   4.094   14.866  1.00 67.87  ? 139 LYS A C   1 
ATOM   1011 O  O   . LYS A 1 124 ? 10.388  3.230   15.512  1.00 71.69  ? 139 LYS A O   1 
ATOM   1012 C  CB  . LYS A 1 124 ? 8.172   4.151   16.778  1.00 82.37  ? 139 LYS A CB  1 
ATOM   1013 C  CG  . LYS A 1 124 ? 6.918   4.738   17.412  1.00 83.16  ? 139 LYS A CG  1 
ATOM   1014 C  CD  . LYS A 1 124 ? 6.979   6.256   17.497  1.00 82.50  ? 139 LYS A CD  1 
ATOM   1015 C  CE  . LYS A 1 124 ? 7.747   6.732   18.720  1.00 79.69  ? 139 LYS A CE  1 
ATOM   1016 N  NZ  . LYS A 1 124 ? 7.721   8.221   18.826  1.00 74.62  ? 139 LYS A NZ  1 
ATOM   1017 N  N   . SER A 1 125 ? 10.239  4.568   13.708  1.00 64.48  ? 140 SER A N   1 
ATOM   1018 C  CA  . SER A 1 125 ? 11.492  4.108   13.127  1.00 55.69  ? 140 SER A CA  1 
ATOM   1019 C  C   . SER A 1 125 ? 12.153  5.225   12.333  1.00 59.50  ? 140 SER A C   1 
ATOM   1020 O  O   . SER A 1 125 ? 11.559  5.775   11.403  1.00 68.71  ? 140 SER A O   1 
ATOM   1021 C  CB  . SER A 1 125 ? 11.257  2.891   12.229  1.00 56.75  ? 140 SER A CB  1 
ATOM   1022 O  OG  . SER A 1 125 ? 10.796  1.780   12.978  1.00 76.52  ? 140 SER A OG  1 
ATOM   1023 N  N   . GLU A 1 126 ? 13.385  5.555   12.703  1.00 63.95  ? 141 GLU A N   1 
ATOM   1024 C  CA  . GLU A 1 126 ? 14.113  6.629   12.045  1.00 68.43  ? 141 GLU A CA  1 
ATOM   1025 C  C   . GLU A 1 126 ? 14.845  6.115   10.804  1.00 61.91  ? 141 GLU A C   1 
ATOM   1026 O  O   . GLU A 1 126 ? 15.325  6.898   9.984   1.00 69.77  ? 141 GLU A O   1 
ATOM   1027 C  CB  . GLU A 1 126 ? 15.090  7.282   13.028  1.00 75.13  ? 141 GLU A CB  1 
ATOM   1028 C  CG  . GLU A 1 126 ? 15.497  8.701   12.667  1.00 88.93  ? 141 GLU A CG  1 
ATOM   1029 C  CD  . GLU A 1 126 ? 16.683  8.746   11.728  1.00 100.70 ? 141 GLU A CD  1 
ATOM   1030 O  OE1 . GLU A 1 126 ? 17.626  7.953   11.930  1.00 84.36  ? 141 GLU A OE1 1 
ATOM   1031 O  OE2 . GLU A 1 126 ? 16.665  9.562   10.782  1.00 104.96 ? 141 GLU A OE2 1 
ATOM   1032 N  N   . LYS A 1 127 ? 14.912  4.795   10.659  1.00 56.57  ? 142 LYS A N   1 
ATOM   1033 C  CA  . LYS A 1 127 ? 15.622  4.191   9.534   1.00 57.53  ? 142 LYS A CA  1 
ATOM   1034 C  C   . LYS A 1 127 ? 14.714  3.820   8.368   1.00 43.64  ? 142 LYS A C   1 
ATOM   1035 O  O   . LYS A 1 127 ? 15.171  3.718   7.231   1.00 52.06  ? 142 LYS A O   1 
ATOM   1036 C  CB  . LYS A 1 127 ? 16.410  2.962   9.986   1.00 59.70  ? 142 LYS A CB  1 
ATOM   1037 C  CG  . LYS A 1 127 ? 17.764  3.284   10.580  1.00 66.27  ? 142 LYS A CG  1 
ATOM   1038 C  CD  . LYS A 1 127 ? 18.784  2.237   10.180  1.00 85.46  ? 142 LYS A CD  1 
ATOM   1039 C  CE  . LYS A 1 127 ? 20.093  2.440   10.914  1.00 86.29  ? 142 LYS A CE  1 
ATOM   1040 N  NZ  . LYS A 1 127 ? 20.487  1.204   11.639  1.00 89.24  ? 142 LYS A NZ  1 
ATOM   1041 N  N   . THR A 1 128 ? 13.432  3.609   8.648   1.00 42.58  ? 143 THR A N   1 
ATOM   1042 C  CA  . THR A 1 128 ? 12.489  3.230   7.601   1.00 31.41  ? 143 THR A CA  1 
ATOM   1043 C  C   . THR A 1 128 ? 12.103  4.440   6.756   1.00 35.77  ? 143 THR A C   1 
ATOM   1044 O  O   . THR A 1 128 ? 11.827  5.523   7.285   1.00 39.53  ? 143 THR A O   1 
ATOM   1045 C  CB  . THR A 1 128 ? 11.224  2.566   8.178   1.00 37.18  ? 143 THR A CB  1 
ATOM   1046 O  OG1 . THR A 1 128 ? 11.595  1.410   8.939   1.00 43.27  ? 143 THR A OG1 1 
ATOM   1047 C  CG2 . THR A 1 128 ? 10.282  2.136   7.061   1.00 19.97  ? 143 THR A CG2 1 
ATOM   1048 N  N   . HIS A 1 129 ? 12.100  4.254   5.439   1.00 24.90  ? 144 HIS A N   1 
ATOM   1049 C  CA  . HIS A 1 129 ? 11.706  5.306   4.514   1.00 21.57  ? 144 HIS A CA  1 
ATOM   1050 C  C   . HIS A 1 129 ? 10.199  5.238   4.294   1.00 19.46  ? 144 HIS A C   1 
ATOM   1051 O  O   . HIS A 1 129 ? 9.635   4.155   4.167   1.00 25.93  ? 144 HIS A O   1 
ATOM   1052 C  CB  . HIS A 1 129 ? 12.439  5.139   3.186   1.00 18.17  ? 144 HIS A CB  1 
ATOM   1053 C  CG  . HIS A 1 129 ? 12.647  6.422   2.448   1.00 26.49  ? 144 HIS A CG  1 
ATOM   1054 N  ND1 . HIS A 1 129 ? 13.522  7.392   2.882   1.00 27.06  ? 144 HIS A ND1 1 
ATOM   1055 C  CD2 . HIS A 1 129 ? 12.091  6.896   1.308   1.00 15.46  ? 144 HIS A CD2 1 
ATOM   1056 C  CE1 . HIS A 1 129 ? 13.499  8.409   2.039   1.00 22.00  ? 144 HIS A CE1 1 
ATOM   1057 N  NE2 . HIS A 1 129 ? 12.638  8.134   1.076   1.00 30.81  ? 144 HIS A NE2 1 
ATOM   1058 N  N   . ILE A 1 130 ? 9.549   6.395   4.251   1.00 18.39  ? 145 ILE A N   1 
ATOM   1059 C  CA  . ILE A 1 130 ? 8.100   6.440   4.102   1.00 24.29  ? 145 ILE A CA  1 
ATOM   1060 C  C   . ILE A 1 130 ? 7.693   7.149   2.819   1.00 13.43  ? 145 ILE A C   1 
ATOM   1061 O  O   . ILE A 1 130 ? 8.120   8.275   2.562   1.00 22.76  ? 145 ILE A O   1 
ATOM   1062 C  CB  . ILE A 1 130 ? 7.441   7.147   5.291   1.00 18.29  ? 145 ILE A CB  1 
ATOM   1063 C  CG1 . ILE A 1 130 ? 7.614   6.315   6.557   1.00 25.47  ? 145 ILE A CG1 1 
ATOM   1064 C  CG2 . ILE A 1 130 ? 5.963   7.409   5.009   1.00 24.80  ? 145 ILE A CG2 1 
ATOM   1065 C  CD1 . ILE A 1 130 ? 7.247   7.048   7.809   1.00 17.32  ? 145 ILE A CD1 1 
ATOM   1066 N  N   . HIS A 1 131 ? 6.858   6.488   2.023   1.00 16.53  ? 146 HIS A N   1 
ATOM   1067 C  CA  . HIS A 1 131 ? 6.373   7.086   0.787   1.00 19.96  ? 146 HIS A CA  1 
ATOM   1068 C  C   . HIS A 1 131 ? 4.846   7.050   0.731   1.00 19.01  ? 146 HIS A C   1 
ATOM   1069 O  O   . HIS A 1 131 ? 4.234   5.982   0.768   1.00 18.54  ? 146 HIS A O   1 
ATOM   1070 C  CB  . HIS A 1 131 ? 6.983   6.378   -0.423  1.00 19.84  ? 146 HIS A CB  1 
ATOM   1071 C  CG  . HIS A 1 131 ? 6.859   7.149   -1.701  1.00 34.39  ? 146 HIS A CG  1 
ATOM   1072 N  ND1 . HIS A 1 131 ? 7.817   7.110   -2.690  1.00 17.91  ? 146 HIS A ND1 1 
ATOM   1073 C  CD2 . HIS A 1 131 ? 5.886   7.975   -2.154  1.00 26.41  ? 146 HIS A CD2 1 
ATOM   1074 C  CE1 . HIS A 1 131 ? 7.442   7.881   -3.695  1.00 22.86  ? 146 HIS A CE1 1 
ATOM   1075 N  NE2 . HIS A 1 131 ? 6.273   8.416   -3.395  1.00 26.85  ? 146 HIS A NE2 1 
ATOM   1076 N  N   . ILE A 1 132 ? 4.241   8.231   0.642   1.00 22.08  ? 147 ILE A N   1 
ATOM   1077 C  CA  . ILE A 1 132 ? 2.791   8.370   0.659   1.00 19.80  ? 147 ILE A CA  1 
ATOM   1078 C  C   . ILE A 1 132 ? 2.254   8.843   -0.687  1.00 25.77  ? 147 ILE A C   1 
ATOM   1079 O  O   . ILE A 1 132 ? 2.712   9.850   -1.228  1.00 25.55  ? 147 ILE A O   1 
ATOM   1080 C  CB  . ILE A 1 132 ? 2.343   9.376   1.737   1.00 37.99  ? 147 ILE A CB  1 
ATOM   1081 C  CG1 . ILE A 1 132 ? 2.858   8.955   3.110   1.00 27.81  ? 147 ILE A CG1 1 
ATOM   1082 C  CG2 . ILE A 1 132 ? 0.826   9.525   1.740   1.00 25.09  ? 147 ILE A CG2 1 
ATOM   1083 C  CD1 . ILE A 1 132 ? 2.499   7.542   3.489   1.00 15.14  ? 147 ILE A CD1 1 
ATOM   1084 N  N   . PHE A 1 133 ? 1.282   8.101   -1.213  1.00 25.94  ? 148 PHE A N   1 
ATOM   1085 C  CA  . PHE A 1 133 ? 0.543   8.487   -2.405  1.00 21.54  ? 148 PHE A CA  1 
ATOM   1086 C  C   . PHE A 1 133 ? -0.893  8.824   -2.024  1.00 31.96  ? 148 PHE A C   1 
ATOM   1087 O  O   . PHE A 1 133 ? -1.454  8.254   -1.079  1.00 30.45  ? 148 PHE A O   1 
ATOM   1088 C  CB  . PHE A 1 133 ? 0.505   7.342   -3.422  1.00 21.65  ? 148 PHE A CB  1 
ATOM   1089 C  CG  . PHE A 1 133 ? 1.848   6.948   -3.960  1.00 29.28  ? 148 PHE A CG  1 
ATOM   1090 C  CD1 . PHE A 1 133 ? 2.365   7.557   -5.089  1.00 31.62  ? 148 PHE A CD1 1 
ATOM   1091 C  CD2 . PHE A 1 133 ? 2.581   5.943   -3.357  1.00 14.91  ? 148 PHE A CD2 1 
ATOM   1092 C  CE1 . PHE A 1 133 ? 3.593   7.184   -5.592  1.00 21.83  ? 148 PHE A CE1 1 
ATOM   1093 C  CE2 . PHE A 1 133 ? 3.809   5.570   -3.858  1.00 22.98  ? 148 PHE A CE2 1 
ATOM   1094 C  CZ  . PHE A 1 133 ? 4.313   6.190   -4.974  1.00 21.45  ? 148 PHE A CZ  1 
ATOM   1095 N  N   . SER A 1 134 ? -1.490  9.745   -2.770  1.00 30.33  ? 149 SER A N   1 
ATOM   1096 C  CA  . SER A 1 134 ? -2.921  9.992   -2.670  1.00 25.99  ? 149 SER A CA  1 
ATOM   1097 C  C   . SER A 1 134 ? -3.579  9.598   -3.984  1.00 32.22  ? 149 SER A C   1 
ATOM   1098 O  O   . SER A 1 134 ? -2.897  9.211   -4.935  1.00 40.63  ? 149 SER A O   1 
ATOM   1099 C  CB  . SER A 1 134 ? -3.204  11.460  -2.359  1.00 30.46  ? 149 SER A CB  1 
ATOM   1100 O  OG  . SER A 1 134 ? -2.680  12.308  -3.364  1.00 41.54  ? 149 SER A OG  1 
ATOM   1101 N  N   . PHE A 1 135 ? -4.903  9.697   -4.035  1.00 29.70  ? 150 PHE A N   1 
ATOM   1102 C  CA  . PHE A 1 135 ? -5.643  9.398   -5.255  1.00 21.36  ? 150 PHE A CA  1 
ATOM   1103 C  C   . PHE A 1 135 ? -5.717  10.622  -6.164  1.00 28.62  ? 150 PHE A C   1 
ATOM   1104 O  O   . PHE A 1 135 ? -6.227  10.546  -7.282  1.00 36.06  ? 150 PHE A O   1 
ATOM   1105 C  CB  . PHE A 1 135 ? -7.052  8.902   -4.921  1.00 30.13  ? 150 PHE A CB  1 
ATOM   1106 C  CG  . PHE A 1 135 ? -7.087  7.519   -4.338  1.00 19.71  ? 150 PHE A CG  1 
ATOM   1107 C  CD1 . PHE A 1 135 ? -6.906  7.318   -2.981  1.00 20.77  ? 150 PHE A CD1 1 
ATOM   1108 C  CD2 . PHE A 1 135 ? -7.300  6.416   -5.149  1.00 18.95  ? 150 PHE A CD2 1 
ATOM   1109 C  CE1 . PHE A 1 135 ? -6.939  6.044   -2.446  1.00 22.73  ? 150 PHE A CE1 1 
ATOM   1110 C  CE2 . PHE A 1 135 ? -7.332  5.144   -4.616  1.00 22.82  ? 150 PHE A CE2 1 
ATOM   1111 C  CZ  . PHE A 1 135 ? -7.151  4.960   -3.265  1.00 23.62  ? 150 PHE A CZ  1 
ATOM   1112 N  N   . THR A 1 136 ? -5.198  11.746  -5.681  1.00 33.12  ? 151 THR A N   1 
ATOM   1113 C  CA  . THR A 1 136 ? -5.278  13.005  -6.414  1.00 30.26  ? 151 THR A CA  1 
ATOM   1114 C  C   . THR A 1 136 ? -3.946  13.404  -7.047  1.00 33.57  ? 151 THR A C   1 
ATOM   1115 O  O   . THR A 1 136 ? -3.839  14.467  -7.660  1.00 32.60  ? 151 THR A O   1 
ATOM   1116 C  CB  . THR A 1 136 ? -5.788  14.153  -5.516  1.00 30.49  ? 151 THR A CB  1 
ATOM   1117 O  OG1 . THR A 1 136 ? -4.918  14.298  -4.386  1.00 38.39  ? 151 THR A OG1 1 
ATOM   1118 C  CG2 . THR A 1 136 ? -7.200  13.856  -5.025  1.00 41.97  ? 151 THR A CG2 1 
ATOM   1119 N  N   . GLY A 1 137 ? -2.932  12.557  -6.889  1.00 23.86  ? 152 GLY A N   1 
ATOM   1120 C  CA  . GLY A 1 137 ? -1.641  12.790  -7.517  1.00 23.98  ? 152 GLY A CA  1 
ATOM   1121 C  C   . GLY A 1 137 ? -0.604  13.399  -6.594  1.00 36.95  ? 152 GLY A C   1 
ATOM   1122 O  O   . GLY A 1 137 ? 0.576   13.478  -6.939  1.00 38.40  ? 152 GLY A O   1 
ATOM   1123 N  N   . GLU A 1 138 ? -1.043  13.839  -5.419  1.00 33.44  ? 153 GLU A N   1 
ATOM   1124 C  CA  . GLU A 1 138 ? -0.140  14.416  -4.435  1.00 31.06  ? 153 GLU A CA  1 
ATOM   1125 C  C   . GLU A 1 138 ? 0.643   13.297  -3.759  1.00 24.46  ? 153 GLU A C   1 
ATOM   1126 O  O   . GLU A 1 138 ? 0.144   12.175  -3.619  1.00 30.48  ? 153 GLU A O   1 
ATOM   1127 C  CB  . GLU A 1 138 ? -0.941  15.198  -3.394  1.00 38.32  ? 153 GLU A CB  1 
ATOM   1128 C  CG  . GLU A 1 138 ? -0.194  16.362  -2.768  1.00 58.38  ? 153 GLU A CG  1 
ATOM   1129 C  CD  . GLU A 1 138 ? -1.094  17.219  -1.896  1.00 77.19  ? 153 GLU A CD  1 
ATOM   1130 O  OE1 . GLU A 1 138 ? -2.317  16.967  -1.883  1.00 82.58  ? 153 GLU A OE1 1 
ATOM   1131 O  OE2 . GLU A 1 138 ? -0.582  18.142  -1.226  1.00 63.07  ? 153 GLU A OE2 1 
ATOM   1132 N  N   . GLU A 1 139 ? 1.873   13.590  -3.351  1.00 29.15  ? 154 GLU A N   1 
ATOM   1133 C  CA  . GLU A 1 139 ? 2.679   12.592  -2.656  1.00 35.11  ? 154 GLU A CA  1 
ATOM   1134 C  C   . GLU A 1 139 ? 3.583   13.216  -1.601  1.00 33.18  ? 154 GLU A C   1 
ATOM   1135 O  O   . GLU A 1 139 ? 3.781   14.433  -1.576  1.00 28.37  ? 154 GLU A O   1 
ATOM   1136 C  CB  . GLU A 1 139 ? 3.491   11.751  -3.644  1.00 20.98  ? 154 GLU A CB  1 
ATOM   1137 C  CG  . GLU A 1 139 ? 4.516   12.528  -4.438  1.00 39.47  ? 154 GLU A CG  1 
ATOM   1138 C  CD  . GLU A 1 139 ? 5.095   11.717  -5.586  1.00 39.28  ? 154 GLU A CD  1 
ATOM   1139 O  OE1 . GLU A 1 139 ? 5.418   12.317  -6.632  1.00 36.39  ? 154 GLU A OE1 1 
ATOM   1140 O  OE2 . GLU A 1 139 ? 5.227   10.483  -5.443  1.00 27.09  ? 154 GLU A OE2 1 
ATOM   1141 N  N   . MET A 1 140 ? 4.122   12.378  -0.724  1.00 24.71  ? 155 MET A N   1 
ATOM   1142 C  CA  . MET A 1 140 ? 4.979   12.864  0.352   1.00 22.82  ? 155 MET A CA  1 
ATOM   1143 C  C   . MET A 1 140 ? 5.952   11.789  0.813   1.00 25.03  ? 155 MET A C   1 
ATOM   1144 O  O   . MET A 1 140 ? 5.538   10.722  1.266   1.00 27.43  ? 155 MET A O   1 
ATOM   1145 C  CB  . MET A 1 140 ? 4.133   13.342  1.534   1.00 25.79  ? 155 MET A CB  1 
ATOM   1146 C  CG  . MET A 1 140 ? 4.953   13.790  2.737   1.00 20.76  ? 155 MET A CG  1 
ATOM   1147 S  SD  . MET A 1 140 ? 6.117   15.101  2.300   1.00 42.91  ? 155 MET A SD  1 
ATOM   1148 C  CE  . MET A 1 140 ? 7.124   15.186  3.784   1.00 44.15  ? 155 MET A CE  1 
ATOM   1149 N  N   . ALA A 1 141 ? 7.244   12.075  0.710   1.00 25.42  ? 156 ALA A N   1 
ATOM   1150 C  CA  . ALA A 1 141 ? 8.255   11.083  1.060   1.00 23.03  ? 156 ALA A CA  1 
ATOM   1151 C  C   . ALA A 1 141 ? 9.218   11.573  2.135   1.00 21.60  ? 156 ALA A C   1 
ATOM   1152 O  O   . ALA A 1 141 ? 9.320   12.774  2.397   1.00 33.32  ? 156 ALA A O   1 
ATOM   1153 C  CB  . ALA A 1 141 ? 9.011   10.639  -0.178  1.00 23.23  ? 156 ALA A CB  1 
ATOM   1154 N  N   . THR A 1 142 ? 9.925   10.630  2.749   1.00 29.06  ? 157 THR A N   1 
ATOM   1155 C  CA  . THR A 1 142 ? 10.884  10.940  3.803   1.00 18.58  ? 157 THR A CA  1 
ATOM   1156 C  C   . THR A 1 142 ? 12.058  11.746  3.257   1.00 26.69  ? 157 THR A C   1 
ATOM   1157 O  O   . THR A 1 142 ? 12.759  11.303  2.341   1.00 24.01  ? 157 THR A O   1 
ATOM   1158 C  CB  . THR A 1 142 ? 11.409  9.660   4.478   1.00 21.39  ? 157 THR A CB  1 
ATOM   1159 O  OG1 . THR A 1 142 ? 10.313  8.940   5.056   1.00 28.94  ? 157 THR A OG1 1 
ATOM   1160 C  CG2 . THR A 1 142 ? 12.412  9.994   5.569   1.00 23.23  ? 157 THR A CG2 1 
ATOM   1161 N  N   . LYS A 1 143 ? 12.256  12.934  3.825   1.00 30.28  ? 158 LYS A N   1 
ATOM   1162 C  CA  . LYS A 1 143 ? 13.356  13.822  3.448   1.00 28.07  ? 158 LYS A CA  1 
ATOM   1163 C  C   . LYS A 1 143 ? 13.362  14.166  1.960   1.00 22.98  ? 158 LYS A C   1 
ATOM   1164 O  O   . LYS A 1 143 ? 14.426  14.346  1.359   1.00 37.54  ? 158 LYS A O   1 
ATOM   1165 C  CB  . LYS A 1 143 ? 14.705  13.237  3.882   1.00 27.04  ? 158 LYS A CB  1 
ATOM   1166 C  CG  . LYS A 1 143 ? 14.851  13.072  5.391   1.00 40.35  ? 158 LYS A CG  1 
ATOM   1167 C  CD  . LYS A 1 143 ? 16.303  12.857  5.784   1.00 39.12  ? 158 LYS A CD  1 
ATOM   1168 C  CE  . LYS A 1 143 ? 16.879  11.619  5.121   1.00 61.97  ? 158 LYS A CE  1 
ATOM   1169 N  NZ  . LYS A 1 143 ? 16.171  10.392  5.563   1.00 56.56  ? 158 LYS A NZ  1 
ATOM   1170 N  N   . ALA A 1 144 ? 12.164  14.253  1.383   1.00 28.52  ? 159 ALA A N   1 
ATOM   1171 C  CA  . ALA A 1 144 ? 11.982  14.641  -0.018  1.00 35.31  ? 159 ALA A CA  1 
ATOM   1172 C  C   . ALA A 1 144 ? 12.680  13.704  -1.001  1.00 29.56  ? 159 ALA A C   1 
ATOM   1173 O  O   . ALA A 1 144 ? 12.893  14.057  -2.163  1.00 20.23  ? 159 ALA A O   1 
ATOM   1174 C  CB  . ALA A 1 144 ? 12.427  16.086  -0.239  1.00 24.61  ? 159 ALA A CB  1 
ATOM   1175 N  N   . ASP A 1 145 ? 13.021  12.509  -0.532  1.00 25.40  ? 160 ASP A N   1 
ATOM   1176 C  CA  . ASP A 1 145 ? 13.623  11.489  -1.379  1.00 28.93  ? 160 ASP A CA  1 
ATOM   1177 C  C   . ASP A 1 145 ? 12.523  10.544  -1.854  1.00 33.75  ? 160 ASP A C   1 
ATOM   1178 O  O   . ASP A 1 145 ? 12.014  9.726   -1.082  1.00 26.75  ? 160 ASP A O   1 
ATOM   1179 C  CB  . ASP A 1 145 ? 14.701  10.725  -0.605  1.00 21.29  ? 160 ASP A CB  1 
ATOM   1180 C  CG  . ASP A 1 145 ? 15.421  9.694   -1.462  1.00 31.10  ? 160 ASP A CG  1 
ATOM   1181 O  OD1 . ASP A 1 145 ? 15.226  9.691   -2.696  1.00 41.00  ? 160 ASP A OD1 1 
ATOM   1182 O  OD2 . ASP A 1 145 ? 16.194  8.889   -0.900  1.00 33.43  ? 160 ASP A OD2 1 
ATOM   1183 N  N   . TYR A 1 146 ? 12.158  10.669  -3.127  1.00 24.38  ? 161 TYR A N   1 
ATOM   1184 C  CA  . TYR A 1 146 ? 11.016  9.946   -3.674  1.00 23.04  ? 161 TYR A CA  1 
ATOM   1185 C  C   . TYR A 1 146 ? 11.411  8.632   -4.341  1.00 27.33  ? 161 TYR A C   1 
ATOM   1186 O  O   . TYR A 1 146 ? 10.586  7.978   -4.988  1.00 25.76  ? 161 TYR A O   1 
ATOM   1187 C  CB  . TYR A 1 146 ? 10.230  10.850  -4.629  1.00 24.84  ? 161 TYR A CB  1 
ATOM   1188 C  CG  . TYR A 1 146 ? 9.550   11.995  -3.911  1.00 32.74  ? 161 TYR A CG  1 
ATOM   1189 C  CD1 . TYR A 1 146 ? 10.246  13.149  -3.584  1.00 32.40  ? 161 TYR A CD1 1 
ATOM   1190 C  CD2 . TYR A 1 146 ? 8.214   11.910  -3.542  1.00 35.03  ? 161 TYR A CD2 1 
ATOM   1191 C  CE1 . TYR A 1 146 ? 9.630   14.191  -2.916  1.00 26.28  ? 161 TYR A CE1 1 
ATOM   1192 C  CE2 . TYR A 1 146 ? 7.590   12.947  -2.876  1.00 46.42  ? 161 TYR A CE2 1 
ATOM   1193 C  CZ  . TYR A 1 146 ? 8.302   14.084  -2.569  1.00 39.47  ? 161 TYR A CZ  1 
ATOM   1194 O  OH  . TYR A 1 146 ? 7.676   15.115  -1.905  1.00 37.86  ? 161 TYR A OH  1 
ATOM   1195 N  N   . THR A 1 147 ? 12.681  8.262   -4.185  1.00 20.66  ? 162 THR A N   1 
ATOM   1196 C  CA  . THR A 1 147 ? 13.183  6.940   -4.569  1.00 16.37  ? 162 THR A CA  1 
ATOM   1197 C  C   . THR A 1 147 ? 13.071  6.596   -6.062  1.00 16.39  ? 162 THR A C   1 
ATOM   1198 O  O   . THR A 1 147 ? 14.073  6.263   -6.696  1.00 33.33  ? 162 THR A O   1 
ATOM   1199 C  CB  . THR A 1 147 ? 12.544  5.821   -3.717  1.00 27.79  ? 162 THR A CB  1 
ATOM   1200 O  OG1 . THR A 1 147 ? 12.885  6.018   -2.338  1.00 33.20  ? 162 THR A OG1 1 
ATOM   1201 C  CG2 . THR A 1 147 ? 13.046  4.458   -4.158  1.00 21.10  ? 162 THR A CG2 1 
ATOM   1202 N  N   . LEU A 1 148 ? 11.866  6.665   -6.617  1.00 24.64  ? 163 LEU A N   1 
ATOM   1203 C  CA  . LEU A 1 148 ? 11.665  6.326   -8.024  1.00 15.41  ? 163 LEU A CA  1 
ATOM   1204 C  C   . LEU A 1 148 ? 11.542  7.577   -8.888  1.00 25.34  ? 163 LEU A C   1 
ATOM   1205 O  O   . LEU A 1 148 ? 11.155  8.644   -8.400  1.00 23.16  ? 163 LEU A O   1 
ATOM   1206 C  CB  . LEU A 1 148 ? 10.420  5.457   -8.187  1.00 14.00  ? 163 LEU A CB  1 
ATOM   1207 C  CG  . LEU A 1 148 ? 10.281  4.263   -7.245  1.00 29.57  ? 163 LEU A CG  1 
ATOM   1208 C  CD1 . LEU A 1 148 ? 8.915   3.608   -7.414  1.00 22.77  ? 163 LEU A CD1 1 
ATOM   1209 C  CD2 . LEU A 1 148 ? 11.391  3.244   -7.471  1.00 22.78  ? 163 LEU A CD2 1 
ATOM   1210 N  N   . ASP A 1 149 ? 11.858  7.439   -10.172 1.00 35.44  ? 164 ASP A N   1 
ATOM   1211 C  CA  . ASP A 1 149 ? 11.778  8.565   -11.096 1.00 25.77  ? 164 ASP A CA  1 
ATOM   1212 C  C   . ASP A 1 149 ? 10.328  8.959   -11.366 1.00 31.84  ? 164 ASP A C   1 
ATOM   1213 O  O   . ASP A 1 149 ? 9.401   8.209   -11.049 1.00 33.02  ? 164 ASP A O   1 
ATOM   1214 C  CB  . ASP A 1 149 ? 12.499  8.243   -12.406 1.00 26.74  ? 164 ASP A CB  1 
ATOM   1215 C  CG  . ASP A 1 149 ? 11.903  7.046   -13.120 1.00 28.50  ? 164 ASP A CG  1 
ATOM   1216 O  OD1 . ASP A 1 149 ? 10.906  7.229   -13.847 1.00 37.14  ? 164 ASP A OD1 1 
ATOM   1217 O  OD2 . ASP A 1 149 ? 12.436  5.928   -12.964 1.00 57.29  ? 164 ASP A OD2 1 
ATOM   1218 N  N   . GLU A 1 150 ? 10.145  10.144  -11.944 1.00 27.39  ? 165 GLU A N   1 
ATOM   1219 C  CA  . GLU A 1 150 ? 8.818   10.711  -12.172 1.00 30.40  ? 165 GLU A CA  1 
ATOM   1220 C  C   . GLU A 1 150 ? 7.898   9.808   -12.988 1.00 32.64  ? 165 GLU A C   1 
ATOM   1221 O  O   . GLU A 1 150 ? 6.691   9.772   -12.756 1.00 30.84  ? 165 GLU A O   1 
ATOM   1222 C  CB  . GLU A 1 150 ? 8.943   12.080  -12.845 1.00 25.96  ? 165 GLU A CB  1 
ATOM   1223 C  CG  . GLU A 1 150 ? 9.575   13.143  -11.963 1.00 30.74  ? 165 GLU A CG  1 
ATOM   1224 C  CD  . GLU A 1 150 ? 8.689   13.516  -10.791 1.00 39.59  ? 165 GLU A CD  1 
ATOM   1225 O  OE1 . GLU A 1 150 ? 7.450   13.469  -10.946 1.00 28.88  ? 165 GLU A OE1 1 
ATOM   1226 O  OE2 . GLU A 1 150 ? 9.228   13.851  -9.715  1.00 39.65  ? 165 GLU A OE2 1 
ATOM   1227 N  N   . GLU A 1 151 ? 8.473   9.076   -13.935 1.00 26.61  ? 166 GLU A N   1 
ATOM   1228 C  CA  . GLU A 1 151 ? 7.690   8.212   -14.818 1.00 41.69  ? 166 GLU A CA  1 
ATOM   1229 C  C   . GLU A 1 151 ? 7.023   7.052   -14.073 1.00 33.03  ? 166 GLU A C   1 
ATOM   1230 O  O   . GLU A 1 151 ? 5.827   6.796   -14.249 1.00 35.26  ? 166 GLU A O   1 
ATOM   1231 C  CB  . GLU A 1 151 ? 8.570   7.678   -15.949 1.00 32.20  ? 166 GLU A CB  1 
ATOM   1232 C  CG  . GLU A 1 151 ? 7.848   6.745   -16.899 1.00 60.59  ? 166 GLU A CG  1 
ATOM   1233 C  CD  . GLU A 1 151 ? 8.785   6.106   -17.903 1.00 88.78  ? 166 GLU A CD  1 
ATOM   1234 O  OE1 . GLU A 1 151 ? 10.010  6.336   -17.805 1.00 101.94 ? 166 GLU A OE1 1 
ATOM   1235 O  OE2 . GLU A 1 151 ? 8.297   5.370   -18.788 1.00 88.25  ? 166 GLU A OE2 1 
ATOM   1236 N  N   . SER A 1 152 ? 7.798   6.356   -13.245 1.00 18.84  ? 167 SER A N   1 
ATOM   1237 C  CA  . SER A 1 152 ? 7.289   5.227   -12.465 1.00 32.27  ? 167 SER A CA  1 
ATOM   1238 C  C   . SER A 1 152 ? 6.159   5.673   -11.531 1.00 25.85  ? 167 SER A C   1 
ATOM   1239 O  O   . SER A 1 152 ? 5.068   5.070   -11.487 1.00 41.78  ? 167 SER A O   1 
ATOM   1240 C  CB  . SER A 1 152 ? 8.423   4.596   -11.648 1.00 28.68  ? 167 SER A CB  1 
ATOM   1241 O  OG  . SER A 1 152 ? 9.472   4.134   -12.479 1.00 27.46  ? 167 SER A OG  1 
ATOM   1242 N  N   . ARG A 1 153 ? 6.431   6.737   -10.783 1.00 20.89  ? 168 ARG A N   1 
ATOM   1243 C  CA  . ARG A 1 153 ? 5.454   7.280   -9.850  1.00 30.33  ? 168 ARG A CA  1 
ATOM   1244 C  C   . ARG A 1 153 ? 4.222   7.776   -10.597 1.00 32.81  ? 168 ARG A C   1 
ATOM   1245 O  O   . ARG A 1 153 ? 3.117   7.743   -10.064 1.00 34.90  ? 168 ARG A O   1 
ATOM   1246 C  CB  . ARG A 1 153 ? 6.069   8.396   -9.003  1.00 16.98  ? 168 ARG A CB  1 
ATOM   1247 C  CG  . ARG A 1 153 ? 7.443   8.049   -8.432  1.00 23.51  ? 168 ARG A CG  1 
ATOM   1248 C  CD  . ARG A 1 153 ? 7.753   8.872   -7.190  1.00 25.74  ? 168 ARG A CD  1 
ATOM   1249 N  NE  . ARG A 1 153 ? 7.472   10.291  -7.382  1.00 28.16  ? 168 ARG A NE  1 
ATOM   1250 C  CZ  . ARG A 1 153 ? 8.359   11.179  -7.815  1.00 27.64  ? 168 ARG A CZ  1 
ATOM   1251 N  NH1 . ARG A 1 153 ? 9.597   10.798  -8.107  1.00 36.04  ? 168 ARG A NH1 1 
ATOM   1252 N  NH2 . ARG A 1 153 ? 8.008   12.450  -7.955  1.00 22.11  ? 168 ARG A NH2 1 
ATOM   1253 N  N   . ALA A 1 154 ? 4.415   8.228   -11.834 1.00 30.10  ? 169 ALA A N   1 
ATOM   1254 C  CA  . ALA A 1 154 ? 3.293   8.634   -12.683 1.00 33.67  ? 169 ALA A CA  1 
ATOM   1255 C  C   . ALA A 1 154 ? 2.457   7.423   -13.082 1.00 30.87  ? 169 ALA A C   1 
ATOM   1256 O  O   . ALA A 1 154 ? 1.239   7.519   -13.210 1.00 26.95  ? 169 ALA A O   1 
ATOM   1257 C  CB  . ALA A 1 154 ? 3.785   9.369   -13.916 1.00 32.15  ? 169 ALA A CB  1 
ATOM   1258 N  N   . ARG A 1 155 ? 3.116   6.286   -13.287 1.00 29.34  ? 170 ARG A N   1 
ATOM   1259 C  CA  . ARG A 1 155 ? 2.411   5.041   -13.587 1.00 29.44  ? 170 ARG A CA  1 
ATOM   1260 C  C   . ARG A 1 155 ? 1.499   4.695   -12.410 1.00 40.74  ? 170 ARG A C   1 
ATOM   1261 O  O   . ARG A 1 155 ? 0.298   4.408   -12.583 1.00 35.42  ? 170 ARG A O   1 
ATOM   1262 C  CB  . ARG A 1 155 ? 3.421   3.919   -13.835 1.00 29.98  ? 170 ARG A CB  1 
ATOM   1263 C  CG  . ARG A 1 155 ? 2.909   2.767   -14.680 1.00 61.84  ? 170 ARG A CG  1 
ATOM   1264 C  CD  . ARG A 1 155 ? 4.041   1.805   -15.025 1.00 57.13  ? 170 ARG A CD  1 
ATOM   1265 N  NE  . ARG A 1 155 ? 5.140   2.478   -15.713 1.00 70.82  ? 170 ARG A NE  1 
ATOM   1266 C  CZ  . ARG A 1 155 ? 6.401   2.477   -15.291 1.00 79.30  ? 170 ARG A CZ  1 
ATOM   1267 N  NH1 . ARG A 1 155 ? 6.734   1.831   -14.182 1.00 55.63  ? 170 ARG A NH1 1 
ATOM   1268 N  NH2 . ARG A 1 155 ? 7.333   3.120   -15.985 1.00 76.26  ? 170 ARG A NH2 1 
ATOM   1269 N  N   . ILE A 1 156 ? 2.071   4.750   -11.209 1.00 27.49  ? 171 ILE A N   1 
ATOM   1270 C  CA  . ILE A 1 156 ? 1.289   4.513   -9.991  1.00 27.42  ? 171 ILE A CA  1 
ATOM   1271 C  C   . ILE A 1 156 ? 0.113   5.493   -9.848  1.00 31.40  ? 171 ILE A C   1 
ATOM   1272 O  O   . ILE A 1 156 ? -1.028  5.084   -9.591  1.00 31.50  ? 171 ILE A O   1 
ATOM   1273 C  CB  . ILE A 1 156 ? 2.185   4.559   -8.736  1.00 30.19  ? 171 ILE A CB  1 
ATOM   1274 C  CG1 . ILE A 1 156 ? 3.190   3.407   -8.767  1.00 22.53  ? 171 ILE A CG1 1 
ATOM   1275 C  CG2 . ILE A 1 156 ? 1.341   4.506   -7.471  1.00 13.30  ? 171 ILE A CG2 1 
ATOM   1276 C  CD1 . ILE A 1 156 ? 4.215   3.441   -7.647  1.00 15.62  ? 171 ILE A CD1 1 
ATOM   1277 N  N   . LYS A 1 157 ? 0.399   6.782   -10.026 1.00 32.42  ? 172 LYS A N   1 
ATOM   1278 C  CA  . LYS A 1 157 ? -0.611  7.832   -9.898  1.00 25.59  ? 172 LYS A CA  1 
ATOM   1279 C  C   . LYS A 1 157 ? -1.750  7.653   -10.886 1.00 23.72  ? 172 LYS A C   1 
ATOM   1280 O  O   . LYS A 1 157 ? -2.913  7.886   -10.559 1.00 29.74  ? 172 LYS A O   1 
ATOM   1281 C  CB  . LYS A 1 157 ? 0.021   9.207   -10.107 1.00 20.54  ? 172 LYS A CB  1 
ATOM   1282 C  CG  . LYS A 1 157 ? 0.937   9.650   -8.986  1.00 32.19  ? 172 LYS A CG  1 
ATOM   1283 C  CD  . LYS A 1 157 ? 1.588   10.978  -9.323  1.00 32.65  ? 172 LYS A CD  1 
ATOM   1284 C  CE  . LYS A 1 157 ? 2.635   11.348  -8.289  1.00 24.26  ? 172 LYS A CE  1 
ATOM   1285 N  NZ  . LYS A 1 157 ? 3.244   12.674  -8.586  1.00 31.18  ? 172 LYS A NZ  1 
ATOM   1286 N  N   . THR A 1 158 ? -1.400  7.256   -12.104 1.00 28.35  ? 173 THR A N   1 
ATOM   1287 C  CA  . THR A 1 158 ? -2.380  7.014   -13.153 1.00 34.37  ? 173 THR A CA  1 
ATOM   1288 C  C   . THR A 1 158 ? -3.278  5.857   -12.745 1.00 33.75  ? 173 THR A C   1 
ATOM   1289 O  O   . THR A 1 158 ? -4.506  5.926   -12.892 1.00 28.90  ? 173 THR A O   1 
ATOM   1290 C  CB  . THR A 1 158 ? -1.703  6.685   -14.492 1.00 25.10  ? 173 THR A CB  1 
ATOM   1291 O  OG1 . THR A 1 158 ? -0.943  7.817   -14.934 1.00 38.55  ? 173 THR A OG1 1 
ATOM   1292 C  CG2 . THR A 1 158 ? -2.740  6.342   -15.548 1.00 20.82  ? 173 THR A CG2 1 
ATOM   1293 N  N   . ARG A 1 159 ? -2.666  4.795   -12.225 1.00 24.51  ? 174 ARG A N   1 
ATOM   1294 C  CA  . ARG A 1 159 ? -3.453  3.669   -11.718 1.00 26.55  ? 174 ARG A CA  1 
ATOM   1295 C  C   . ARG A 1 159 ? -4.449  4.109   -10.638 1.00 21.34  ? 174 ARG A C   1 
ATOM   1296 O  O   . ARG A 1 159 ? -5.631  3.743   -10.684 1.00 28.97  ? 174 ARG A O   1 
ATOM   1297 C  CB  . ARG A 1 159 ? -2.540  2.561   -11.189 1.00 31.30  ? 174 ARG A CB  1 
ATOM   1298 C  CG  . ARG A 1 159 ? -3.279  1.403   -10.536 1.00 30.87  ? 174 ARG A CG  1 
ATOM   1299 C  CD  . ARG A 1 159 ? -4.309  0.780   -11.465 1.00 24.63  ? 174 ARG A CD  1 
ATOM   1300 N  NE  . ARG A 1 159 ? -5.032  -0.311  -10.814 1.00 39.93  ? 174 ARG A NE  1 
ATOM   1301 C  CZ  . ARG A 1 159 ? -6.155  -0.854  -11.276 1.00 44.78  ? 174 ARG A CZ  1 
ATOM   1302 N  NH1 . ARG A 1 159 ? -6.701  -0.405  -12.399 1.00 34.40  ? 174 ARG A NH1 1 
ATOM   1303 N  NH2 . ARG A 1 159 ? -6.736  -1.842  -10.608 1.00 36.80  ? 174 ARG A NH2 1 
ATOM   1304 N  N   . LEU A 1 160 ? -3.973  4.905   -9.683  1.00 25.56  ? 175 LEU A N   1 
ATOM   1305 C  CA  . LEU A 1 160 ? -4.825  5.400   -8.598  1.00 33.30  ? 175 LEU A CA  1 
ATOM   1306 C  C   . LEU A 1 160 ? -5.980  6.257   -9.107  1.00 40.40  ? 175 LEU A C   1 
ATOM   1307 O  O   . LEU A 1 160 ? -7.127  6.114   -8.663  1.00 35.29  ? 175 LEU A O   1 
ATOM   1308 C  CB  . LEU A 1 160 ? -3.994  6.195   -7.594  1.00 19.19  ? 175 LEU A CB  1 
ATOM   1309 C  CG  . LEU A 1 160 ? -3.064  5.316   -6.766  1.00 31.36  ? 175 LEU A CG  1 
ATOM   1310 C  CD1 . LEU A 1 160 ? -2.211  6.150   -5.823  1.00 18.66  ? 175 LEU A CD1 1 
ATOM   1311 C  CD2 . LEU A 1 160 ? -3.888  4.295   -5.992  1.00 22.59  ? 175 LEU A CD2 1 
ATOM   1312 N  N   . PHE A 1 161 ? -5.658  7.154   -10.032 1.00 31.79  ? 176 PHE A N   1 
ATOM   1313 C  CA  . PHE A 1 161 ? -6.639  8.025   -10.661 1.00 38.72  ? 176 PHE A CA  1 
ATOM   1314 C  C   . PHE A 1 161 ? -7.721  7.193   -11.341 1.00 33.20  ? 176 PHE A C   1 
ATOM   1315 O  O   . PHE A 1 161 ? -8.911  7.492   -11.228 1.00 32.98  ? 176 PHE A O   1 
ATOM   1316 C  CB  . PHE A 1 161 ? -5.947  8.942   -11.674 1.00 29.75  ? 176 PHE A CB  1 
ATOM   1317 C  CG  . PHE A 1 161 ? -6.895  9.758   -12.503 1.00 52.87  ? 176 PHE A CG  1 
ATOM   1318 C  CD1 . PHE A 1 161 ? -7.528  10.866  -11.967 1.00 57.75  ? 176 PHE A CD1 1 
ATOM   1319 C  CD2 . PHE A 1 161 ? -7.138  9.429   -13.826 1.00 55.47  ? 176 PHE A CD2 1 
ATOM   1320 C  CE1 . PHE A 1 161 ? -8.396  11.622  -12.730 1.00 47.04  ? 176 PHE A CE1 1 
ATOM   1321 C  CE2 . PHE A 1 161 ? -8.005  10.183  -14.595 1.00 39.28  ? 176 PHE A CE2 1 
ATOM   1322 C  CZ  . PHE A 1 161 ? -8.633  11.279  -14.046 1.00 51.09  ? 176 PHE A CZ  1 
ATOM   1323 N  N   . THR A 1 162 ? -7.296  6.140   -12.035 1.00 35.25  ? 177 THR A N   1 
ATOM   1324 C  CA  . THR A 1 162 ? -8.221  5.241   -12.721 1.00 33.18  ? 177 THR A CA  1 
ATOM   1325 C  C   . THR A 1 162 ? -9.139  4.509   -11.737 1.00 40.28  ? 177 THR A C   1 
ATOM   1326 O  O   . THR A 1 162 ? -10.349 4.394   -11.971 1.00 42.63  ? 177 THR A O   1 
ATOM   1327 C  CB  . THR A 1 162 ? -7.463  4.219   -13.595 1.00 36.26  ? 177 THR A CB  1 
ATOM   1328 O  OG1 . THR A 1 162 ? -6.814  4.903   -14.674 1.00 37.79  ? 177 THR A OG1 1 
ATOM   1329 C  CG2 . THR A 1 162 ? -8.416  3.181   -14.167 1.00 30.71  ? 177 THR A CG2 1 
ATOM   1330 N  N   . ILE A 1 163 ? -8.561  4.019   -10.642 1.00 31.83  ? 178 ILE A N   1 
ATOM   1331 C  CA  . ILE A 1 163 ? -9.346  3.361   -9.598  1.00 27.08  ? 178 ILE A CA  1 
ATOM   1332 C  C   . ILE A 1 163 ? -10.406 4.312   -9.049  1.00 24.55  ? 178 ILE A C   1 
ATOM   1333 O  O   . ILE A 1 163 ? -11.563 3.929   -8.842  1.00 29.58  ? 178 ILE A O   1 
ATOM   1334 C  CB  . ILE A 1 163 ? -8.445  2.846   -8.455  1.00 26.97  ? 178 ILE A CB  1 
ATOM   1335 C  CG1 . ILE A 1 163 ? -7.626  1.649   -8.935  1.00 26.91  ? 178 ILE A CG1 1 
ATOM   1336 C  CG2 . ILE A 1 163 ? -9.276  2.468   -7.234  1.00 13.41  ? 178 ILE A CG2 1 
ATOM   1337 C  CD1 . ILE A 1 163 ? -6.686  1.087   -7.895  1.00 28.62  ? 178 ILE A CD1 1 
ATOM   1338 N  N   . ARG A 1 164 ? -10.008 5.561   -8.837  1.00 25.91  ? 179 ARG A N   1 
ATOM   1339 C  CA  . ARG A 1 164 ? -10.929 6.573   -8.334  1.00 22.70  ? 179 ARG A CA  1 
ATOM   1340 C  C   . ARG A 1 164 ? -12.053 6.897   -9.319  1.00 36.23  ? 179 ARG A C   1 
ATOM   1341 O  O   . ARG A 1 164 ? -13.212 7.036   -8.920  1.00 38.63  ? 179 ARG A O   1 
ATOM   1342 C  CB  . ARG A 1 164 ? -10.171 7.848   -7.986  1.00 27.02  ? 179 ARG A CB  1 
ATOM   1343 C  CG  . ARG A 1 164 ? -11.052 8.950   -7.454  1.00 30.95  ? 179 ARG A CG  1 
ATOM   1344 C  CD  . ARG A 1 164 ? -10.470 10.296  -7.802  1.00 41.82  ? 179 ARG A CD  1 
ATOM   1345 N  NE  . ARG A 1 164 ? -10.818 11.309  -6.816  1.00 49.19  ? 179 ARG A NE  1 
ATOM   1346 C  CZ  . ARG A 1 164 ? -10.967 12.596  -7.100  1.00 54.16  ? 179 ARG A CZ  1 
ATOM   1347 N  NH1 . ARG A 1 164 ? -11.278 13.457  -6.144  1.00 57.83  ? 179 ARG A NH1 1 
ATOM   1348 N  NH2 . ARG A 1 164 ? -10.808 13.020  -8.346  1.00 69.88  ? 179 ARG A NH2 1 
ATOM   1349 N  N   . GLN A 1 165 ? -11.716 7.023   -10.601 1.00 29.53  ? 180 GLN A N   1 
ATOM   1350 C  CA  . GLN A 1 165 ? -12.728 7.353   -11.605 1.00 39.14  ? 180 GLN A CA  1 
ATOM   1351 C  C   . GLN A 1 165 ? -13.722 6.207   -11.789 1.00 38.83  ? 180 GLN A C   1 
ATOM   1352 O  O   . GLN A 1 165 ? -14.926 6.437   -11.957 1.00 37.04  ? 180 GLN A O   1 
ATOM   1353 C  CB  . GLN A 1 165 ? -12.094 7.773   -12.942 1.00 40.90  ? 180 GLN A CB  1 
ATOM   1354 C  CG  . GLN A 1 165 ? -11.780 6.638   -13.909 1.00 45.97  ? 180 GLN A CG  1 
ATOM   1355 C  CD  . GLN A 1 165 ? -11.487 7.136   -15.314 1.00 57.94  ? 180 GLN A CD  1 
ATOM   1356 O  OE1 . GLN A 1 165 ? -11.653 8.320   -15.615 1.00 51.39  ? 180 GLN A OE1 1 
ATOM   1357 N  NE2 . GLN A 1 165 ? -11.049 6.232   -16.183 1.00 45.97  ? 180 GLN A NE2 1 
ATOM   1358 N  N   . GLU A 1 166 ? -13.223 4.975   -11.730 1.00 30.17  ? 181 GLU A N   1 
ATOM   1359 C  CA  . GLU A 1 166 ? -14.099 3.817   -11.858 1.00 37.03  ? 181 GLU A CA  1 
ATOM   1360 C  C   . GLU A 1 166 ? -14.950 3.618   -10.608 1.00 38.21  ? 181 GLU A C   1 
ATOM   1361 O  O   . GLU A 1 166 ? -16.069 3.113   -10.689 1.00 44.67  ? 181 GLU A O   1 
ATOM   1362 C  CB  . GLU A 1 166 ? -13.306 2.556   -12.200 1.00 36.70  ? 181 GLU A CB  1 
ATOM   1363 C  CG  . GLU A 1 166 ? -13.304 2.254   -13.688 1.00 61.82  ? 181 GLU A CG  1 
ATOM   1364 C  CD  . GLU A 1 166 ? -12.359 1.132   -14.060 1.00 69.77  ? 181 GLU A CD  1 
ATOM   1365 O  OE1 . GLU A 1 166 ? -11.791 0.499   -13.146 1.00 71.05  ? 181 GLU A OE1 1 
ATOM   1366 O  OE2 . GLU A 1 166 ? -12.179 0.887   -15.272 1.00 60.26  ? 181 GLU A OE2 1 
ATOM   1367 N  N   . MET A 1 167 ? -14.420 4.021   -9.458  1.00 30.66  ? 182 MET A N   1 
ATOM   1368 C  CA  . MET A 1 167 ? -15.209 4.027   -8.232  1.00 27.87  ? 182 MET A CA  1 
ATOM   1369 C  C   . MET A 1 167 ? -16.334 5.046   -8.327  1.00 34.76  ? 182 MET A C   1 
ATOM   1370 O  O   . MET A 1 167 ? -17.475 4.769   -7.952  1.00 27.40  ? 182 MET A O   1 
ATOM   1371 C  CB  . MET A 1 167 ? -14.334 4.351   -7.023  1.00 30.68  ? 182 MET A CB  1 
ATOM   1372 C  CG  . MET A 1 167 ? -13.620 3.156   -6.429  1.00 33.78  ? 182 MET A CG  1 
ATOM   1373 S  SD  . MET A 1 167 ? -12.859 3.575   -4.848  1.00 32.44  ? 182 MET A SD  1 
ATOM   1374 C  CE  . MET A 1 167 ? -12.142 1.994   -4.397  1.00 28.72  ? 182 MET A CE  1 
ATOM   1375 N  N   . ALA A 1 168 ? -16.000 6.229   -8.832  1.00 26.49  ? 183 ALA A N   1 
ATOM   1376 C  CA  . ALA A 1 168 ? -16.954 7.330   -8.915  1.00 30.06  ? 183 ALA A CA  1 
ATOM   1377 C  C   . ALA A 1 168 ? -18.060 7.075   -9.936  1.00 28.48  ? 183 ALA A C   1 
ATOM   1378 O  O   . ALA A 1 168 ? -19.208 7.464   -9.718  1.00 35.54  ? 183 ALA A O   1 
ATOM   1379 C  CB  . ALA A 1 168 ? -16.236 8.634   -9.213  1.00 25.88  ? 183 ALA A CB  1 
ATOM   1380 N  N   . SER A 1 169 ? -17.722 6.420   -11.044 1.00 23.02  ? 184 SER A N   1 
ATOM   1381 C  CA  . SER A 1 169 ? -18.730 6.111   -12.058 1.00 30.07  ? 184 SER A CA  1 
ATOM   1382 C  C   . SER A 1 169 ? -19.715 5.056   -11.554 1.00 35.90  ? 184 SER A C   1 
ATOM   1383 O  O   . SER A 1 169 ? -20.799 4.888   -12.113 1.00 41.68  ? 184 SER A O   1 
ATOM   1384 C  CB  . SER A 1 169 ? -18.079 5.650   -13.365 1.00 24.40  ? 184 SER A CB  1 
ATOM   1385 O  OG  . SER A 1 169 ? -17.768 4.269   -13.331 1.00 52.36  ? 184 SER A OG  1 
ATOM   1386 N  N   . ARG A 1 170 ? -19.332 4.353   -10.492 1.00 34.10  ? 185 ARG A N   1 
ATOM   1387 C  CA  . ARG A 1 170 ? -20.197 3.355   -9.876  1.00 31.44  ? 185 ARG A CA  1 
ATOM   1388 C  C   . ARG A 1 170 ? -20.837 3.897   -8.601  1.00 37.11  ? 185 ARG A C   1 
ATOM   1389 O  O   . ARG A 1 170 ? -21.557 3.181   -7.898  1.00 27.75  ? 185 ARG A O   1 
ATOM   1390 C  CB  . ARG A 1 170 ? -19.404 2.077   -9.588  1.00 31.02  ? 185 ARG A CB  1 
ATOM   1391 C  CG  . ARG A 1 170 ? -19.075 1.270   -10.835 1.00 26.46  ? 185 ARG A CG  1 
ATOM   1392 C  CD  . ARG A 1 170 ? -18.020 0.210   -10.566 1.00 35.79  ? 185 ARG A CD  1 
ATOM   1393 N  NE  . ARG A 1 170 ? -17.814 -0.658  -11.723 1.00 40.28  ? 185 ARG A NE  1 
ATOM   1394 C  CZ  . ARG A 1 170 ? -16.989 -0.385  -12.728 1.00 63.45  ? 185 ARG A CZ  1 
ATOM   1395 N  NH1 . ARG A 1 170 ? -16.283 0.738   -12.726 1.00 62.96  ? 185 ARG A NH1 1 
ATOM   1396 N  NH2 . ARG A 1 170 ? -16.868 -1.236  -13.739 1.00 54.78  ? 185 ARG A NH2 1 
ATOM   1397 N  N   . GLY A 1 171 ? -20.569 5.169   -8.314  1.00 22.75  ? 186 GLY A N   1 
ATOM   1398 C  CA  . GLY A 1 171 ? -21.112 5.835   -7.142  1.00 22.67  ? 186 GLY A CA  1 
ATOM   1399 C  C   . GLY A 1 171 ? -20.430 5.427   -5.849  1.00 32.28  ? 186 GLY A C   1 
ATOM   1400 O  O   . GLY A 1 171 ? -20.874 5.796   -4.761  1.00 28.43  ? 186 GLY A O   1 
ATOM   1401 N  N   . LEU A 1 172 ? -19.340 4.676   -5.971  1.00 27.50  ? 187 LEU A N   1 
ATOM   1402 C  CA  . LEU A 1 172 ? -18.664 4.103   -4.813  1.00 24.41  ? 187 LEU A CA  1 
ATOM   1403 C  C   . LEU A 1 172 ? -17.680 5.057   -4.154  1.00 20.79  ? 187 LEU A C   1 
ATOM   1404 O  O   . LEU A 1 172 ? -17.314 4.866   -2.993  1.00 29.79  ? 187 LEU A O   1 
ATOM   1405 C  CB  . LEU A 1 172 ? -17.929 2.828   -5.224  1.00 18.59  ? 187 LEU A CB  1 
ATOM   1406 C  CG  . LEU A 1 172 ? -18.800 1.673   -5.705  1.00 42.46  ? 187 LEU A CG  1 
ATOM   1407 C  CD1 . LEU A 1 172 ? -17.938 0.566   -6.287  1.00 28.35  ? 187 LEU A CD1 1 
ATOM   1408 C  CD2 . LEU A 1 172 ? -19.640 1.141   -4.558  1.00 34.09  ? 187 LEU A CD2 1 
ATOM   1409 N  N   . TRP A 1 173 ? -17.254 6.079   -4.890  1.00 23.40  ? 188 TRP A N   1 
ATOM   1410 C  CA  . TRP A 1 173 ? -16.142 6.918   -4.446  1.00 19.67  ? 188 TRP A CA  1 
ATOM   1411 C  C   . TRP A 1 173 ? -16.370 7.696   -3.151  1.00 25.61  ? 188 TRP A C   1 
ATOM   1412 O  O   . TRP A 1 173 ? -15.454 7.827   -2.353  1.00 28.58  ? 188 TRP A O   1 
ATOM   1413 C  CB  . TRP A 1 173 ? -15.686 7.880   -5.547  1.00 29.32  ? 188 TRP A CB  1 
ATOM   1414 C  CG  . TRP A 1 173 ? -14.656 8.845   -5.045  1.00 30.47  ? 188 TRP A CG  1 
ATOM   1415 C  CD1 . TRP A 1 173 ? -14.828 10.177  -4.810  1.00 25.16  ? 188 TRP A CD1 1 
ATOM   1416 C  CD2 . TRP A 1 173 ? -13.305 8.542   -4.674  1.00 35.37  ? 188 TRP A CD2 1 
ATOM   1417 N  NE1 . TRP A 1 173 ? -13.664 10.728  -4.335  1.00 43.55  ? 188 TRP A NE1 1 
ATOM   1418 C  CE2 . TRP A 1 173 ? -12.713 9.746   -4.241  1.00 36.50  ? 188 TRP A CE2 1 
ATOM   1419 C  CE3 . TRP A 1 173 ? -12.538 7.374   -4.674  1.00 30.61  ? 188 TRP A CE3 1 
ATOM   1420 C  CZ2 . TRP A 1 173 ? -11.390 9.817   -3.815  1.00 34.24  ? 188 TRP A CZ2 1 
ATOM   1421 C  CZ3 . TRP A 1 173 ? -11.225 7.445   -4.252  1.00 28.07  ? 188 TRP A CZ3 1 
ATOM   1422 C  CH2 . TRP A 1 173 ? -10.663 8.660   -3.827  1.00 33.64  ? 188 TRP A CH2 1 
ATOM   1423 N  N   . ASP A 1 174 ? -17.574 8.221   -2.949  1.00 33.99  ? 189 ASP A N   1 
ATOM   1424 C  CA  . ASP A 1 174 ? -17.841 9.070   -1.790  1.00 24.07  ? 189 ASP A CA  1 
ATOM   1425 C  C   . ASP A 1 174 ? -17.703 8.324   -0.463  1.00 31.72  ? 189 ASP A C   1 
ATOM   1426 O  O   . ASP A 1 174 ? -17.004 8.778   0.457   1.00 44.66  ? 189 ASP A O   1 
ATOM   1427 C  CB  . ASP A 1 174 ? -19.230 9.702   -1.907  1.00 36.52  ? 189 ASP A CB  1 
ATOM   1428 C  CG  . ASP A 1 174 ? -19.385 10.538  -3.164  1.00 68.72  ? 189 ASP A CG  1 
ATOM   1429 O  OD1 . ASP A 1 174 ? -18.985 11.721  -3.149  1.00 59.80  ? 189 ASP A OD1 1 
ATOM   1430 O  OD2 . ASP A 1 174 ? -19.912 10.014  -4.168  1.00 73.17  ? 189 ASP A OD2 1 
ATOM   1431 N  N   . SER A 1 175 ? -18.370 7.176   -0.376  1.00 27.27  ? 190 SER A N   1 
ATOM   1432 C  CA  . SER A 1 175 ? -18.345 6.350   0.825   1.00 30.47  ? 190 SER A CA  1 
ATOM   1433 C  C   . SER A 1 175 ? -16.927 5.896   1.136   1.00 28.39  ? 190 SER A C   1 
ATOM   1434 O  O   . SER A 1 175 ? -16.535 5.818   2.296   1.00 33.21  ? 190 SER A O   1 
ATOM   1435 C  CB  . SER A 1 175 ? -19.252 5.131   0.647   1.00 36.92  ? 190 SER A CB  1 
ATOM   1436 O  OG  . SER A 1 175 ? -19.256 4.324   1.809   1.00 37.53  ? 190 SER A OG  1 
ATOM   1437 N  N   . PHE A 1 176 ? -16.163 5.608   0.086   1.00 37.67  ? 191 PHE A N   1 
ATOM   1438 C  CA  . PHE A 1 176 ? -14.793 5.131   0.225   1.00 32.55  ? 191 PHE A CA  1 
ATOM   1439 C  C   . PHE A 1 176 ? -13.869 6.244   0.702   1.00 32.62  ? 191 PHE A C   1 
ATOM   1440 O  O   . PHE A 1 176 ? -13.074 6.064   1.624   1.00 31.72  ? 191 PHE A O   1 
ATOM   1441 C  CB  . PHE A 1 176 ? -14.302 4.576   -1.110  1.00 31.66  ? 191 PHE A CB  1 
ATOM   1442 C  CG  . PHE A 1 176 ? -12.880 4.110   -1.084  1.00 39.20  ? 191 PHE A CG  1 
ATOM   1443 C  CD1 . PHE A 1 176 ? -12.532 2.956   -0.406  1.00 36.87  ? 191 PHE A CD1 1 
ATOM   1444 C  CD2 . PHE A 1 176 ? -11.894 4.814   -1.747  1.00 35.65  ? 191 PHE A CD2 1 
ATOM   1445 C  CE1 . PHE A 1 176 ? -11.224 2.519   -0.383  1.00 35.49  ? 191 PHE A CE1 1 
ATOM   1446 C  CE2 . PHE A 1 176 ? -10.585 4.378   -1.729  1.00 25.13  ? 191 PHE A CE2 1 
ATOM   1447 C  CZ  . PHE A 1 176 ? -10.252 3.230   -1.043  1.00 38.89  ? 191 PHE A CZ  1 
ATOM   1448 N  N   . ARG A 1 177 ? -13.985 7.391   0.045   1.00 31.65  ? 192 ARG A N   1 
ATOM   1449 C  CA  . ARG A 1 177 ? -13.222 8.584   0.370   1.00 33.40  ? 192 ARG A CA  1 
ATOM   1450 C  C   . ARG A 1 177 ? -13.448 9.021   1.808   1.00 36.11  ? 192 ARG A C   1 
ATOM   1451 O  O   . ARG A 1 177 ? -12.514 9.481   2.468   1.00 50.11  ? 192 ARG A O   1 
ATOM   1452 C  CB  . ARG A 1 177 ? -13.602 9.711   -0.591  1.00 34.86  ? 192 ARG A CB  1 
ATOM   1453 C  CG  . ARG A 1 177 ? -13.356 11.115  -0.074  1.00 55.67  ? 192 ARG A CG  1 
ATOM   1454 C  CD  . ARG A 1 177 ? -14.338 12.072  -0.723  1.00 75.03  ? 192 ARG A CD  1 
ATOM   1455 N  NE  . ARG A 1 177 ? -14.045 13.474  -0.445  1.00 91.43  ? 192 ARG A NE  1 
ATOM   1456 C  CZ  . ARG A 1 177 ? -14.633 14.488  -1.070  1.00 118.59 ? 192 ARG A CZ  1 
ATOM   1457 N  NH1 . ARG A 1 177 ? -14.315 15.739  -0.764  1.00 134.56 ? 192 ARG A NH1 1 
ATOM   1458 N  NH2 . ARG A 1 177 ? -15.537 14.249  -2.009  1.00 114.26 ? 192 ARG A NH2 1 
ATOM   1459 N  N   . GLN A 1 178 ? -14.670 8.866   2.303   1.00 40.95  ? 193 GLN A N   1 
ATOM   1460 C  CA  . GLN A 1 178 ? -14.957 9.337   3.656   1.00 42.21  ? 193 GLN A CA  1 
ATOM   1461 C  C   . GLN A 1 178 ? -14.897 8.277   4.762   1.00 40.05  ? 193 GLN A C   1 
ATOM   1462 O  O   . GLN A 1 178 ? -15.008 8.616   5.938   1.00 43.59  ? 193 GLN A O   1 
ATOM   1463 C  CB  . GLN A 1 178 ? -16.280 10.105  3.702   1.00 54.06  ? 193 GLN A CB  1 
ATOM   1464 C  CG  . GLN A 1 178 ? -17.496 9.284   4.076   1.00 65.63  ? 193 GLN A CG  1 
ATOM   1465 C  CD  . GLN A 1 178 ? -18.692 10.166  4.382   1.00 76.80  ? 193 GLN A CD  1 
ATOM   1466 O  OE1 . GLN A 1 178 ? -18.567 11.388  4.483   1.00 79.36  ? 193 GLN A OE1 1 
ATOM   1467 N  NE2 . GLN A 1 178 ? -19.858 9.553   4.527   1.00 89.85  ? 193 GLN A NE2 1 
ATOM   1468 N  N   . SER A 1 179 ? -14.704 7.012   4.403   1.00 43.26  ? 194 SER A N   1 
ATOM   1469 C  CA  . SER A 1 179 ? -14.677 5.948   5.410   1.00 38.55  ? 194 SER A CA  1 
ATOM   1470 C  C   . SER A 1 179 ? -13.277 5.643   5.935   1.00 28.55  ? 194 SER A C   1 
ATOM   1471 O  O   . SER A 1 179 ? -13.103 4.727   6.744   1.00 38.27  ? 194 SER A O   1 
ATOM   1472 C  CB  . SER A 1 179 ? -15.302 4.662   4.868   1.00 33.63  ? 194 SER A CB  1 
ATOM   1473 O  OG  . SER A 1 179 ? -14.472 4.062   3.887   1.00 46.69  ? 194 SER A OG  1 
ATOM   1474 N  N   . GLU A 1 180 ? -12.281 6.390   5.473   1.00 37.42  ? 195 GLU A N   1 
ATOM   1475 C  CA  . GLU A 1 180 ? -10.919 6.177   5.942   1.00 42.87  ? 195 GLU A CA  1 
ATOM   1476 C  C   . GLU A 1 180 ? -10.789 6.611   7.399   1.00 44.85  ? 195 GLU A C   1 
ATOM   1477 O  O   . GLU A 1 180 ? -11.185 7.720   7.769   1.00 41.25  ? 195 GLU A O   1 
ATOM   1478 C  CB  . GLU A 1 180 ? -9.908  6.925   5.073   1.00 38.07  ? 195 GLU A CB  1 
ATOM   1479 C  CG  . GLU A 1 180 ? -8.463  6.600   5.413   1.00 47.80  ? 195 GLU A CG  1 
ATOM   1480 C  CD  . GLU A 1 180 ? -7.476  7.209   4.432   1.00 48.97  ? 195 GLU A CD  1 
ATOM   1481 O  OE1 . GLU A 1 180 ? -7.811  7.303   3.234   1.00 48.51  ? 195 GLU A OE1 1 
ATOM   1482 O  OE2 . GLU A 1 180 ? -6.366  7.595   4.856   1.00 50.94  ? 195 GLU A OE2 1 
ATOM   1483 N  N   . ARG A 1 181 ? -10.240 5.725   8.226   1.00 41.27  ? 196 ARG A N   1 
ATOM   1484 C  CA  . ARG A 1 181 ? -10.058 6.013   9.644   1.00 50.13  ? 196 ARG A CA  1 
ATOM   1485 C  C   . ARG A 1 181 ? -8.638  6.486   9.925   1.00 47.03  ? 196 ARG A C   1 
ATOM   1486 O  O   . ARG A 1 181 ? -8.431  7.562   10.488  1.00 51.31  ? 196 ARG A O   1 
ATOM   1487 C  CB  . ARG A 1 181 ? -10.384 4.777   10.488  1.00 45.37  ? 196 ARG A CB  1 
ATOM   1488 C  CG  . ARG A 1 181 ? -11.813 4.275   10.324  1.00 53.90  ? 196 ARG A CG  1 
ATOM   1489 C  CD  . ARG A 1 181 ? -12.139 3.147   11.297  1.00 85.02  ? 196 ARG A CD  1 
ATOM   1490 N  NE  . ARG A 1 181 ? -11.402 1.919   11.008  1.00 100.05 ? 196 ARG A NE  1 
ATOM   1491 C  CZ  . ARG A 1 181 ? -11.789 0.710   11.400  1.00 108.11 ? 196 ARG A CZ  1 
ATOM   1492 N  NH1 . ARG A 1 181 ? -12.912 0.563   12.089  1.00 101.47 ? 196 ARG A NH1 1 
ATOM   1493 N  NH2 . ARG A 1 181 ? -11.060 -0.356  11.095  1.00 97.16  ? 196 ARG A NH2 1 
HETATM 1494 O  OAP . 4P8 B 2 .   ? -5.121  1.018   3.957   1.00 57.43  ? 301 4P8 A OAP 1 
HETATM 1495 C  CAO . 4P8 B 2 .   ? -4.784  -0.164  3.976   1.00 40.08  ? 301 4P8 A CAO 1 
HETATM 1496 C  CAM . 4P8 B 2 .   ? -3.500  -0.532  4.350   1.00 58.17  ? 301 4P8 A CAM 1 
HETATM 1497 C  CAK . 4P8 B 2 .   ? -3.118  -1.871  4.370   1.00 58.96  ? 301 4P8 A CAK 1 
HETATM 1498 C  CAN . 4P8 B 2 .   ? -2.565  0.422   4.711   1.00 56.23  ? 301 4P8 A CAN 1 
HETATM 1499 O  OAQ . 4P8 B 2 .   ? -2.919  1.733   4.698   1.00 66.80  ? 301 4P8 A OAQ 1 
HETATM 1500 C  CAL . 4P8 B 2 .   ? -1.283  0.068   5.089   1.00 40.67  ? 301 4P8 A CAL 1 
HETATM 1501 N  NAR . 4P8 B 2 .   ? -0.454  1.043   5.418   1.00 57.68  ? 301 4P8 A NAR 1 
HETATM 1502 O  OAT . 4P8 B 2 .   ? 0.791   0.708   5.795   1.00 63.40  ? 301 4P8 A OAT 1 
HETATM 1503 O  OAS . 4P8 B 2 .   ? -0.898  2.342   5.375   1.00 56.06  ? 301 4P8 A OAS 1 
HETATM 1504 C  CAJ . 4P8 B 2 .   ? -0.901  -1.263  5.108   1.00 38.71  ? 301 4P8 A CAJ 1 
HETATM 1505 C  CAI . 4P8 B 2 .   ? -1.824  -2.241  4.749   1.00 44.15  ? 301 4P8 A CAI 1 
HETATM 1506 C  CAH . 4P8 B 2 .   ? -1.453  -3.586  4.768   1.00 52.41  ? 301 4P8 A CAH 1 
HETATM 1507 C  CAB . 4P8 B 2 .   ? -1.205  -3.999  6.079   1.00 71.39  ? 301 4P8 A CAB 1 
HETATM 1508 C  CAA . 4P8 B 2 .   ? -2.256  -4.367  6.915   1.00 62.79  ? 301 4P8 A CAA 1 
HETATM 1509 CL CLG . 4P8 B 2 .   ? -3.898  -4.325  6.353   1.00 78.92  ? 301 4P8 A CLG 1 
HETATM 1510 C  CAF . 4P8 B 2 .   ? -1.992  -4.775  8.219   1.00 70.73  ? 301 4P8 A CAF 1 
HETATM 1511 C  CAE . 4P8 B 2 .   ? -0.684  -4.819  8.692   1.00 67.02  ? 301 4P8 A CAE 1 
HETATM 1512 C  CAD . 4P8 B 2 .   ? 0.368   -4.453  7.861   1.00 60.69  ? 301 4P8 A CAD 1 
HETATM 1513 C  CAC . 4P8 B 2 .   ? 0.102   -4.045  6.557   1.00 57.58  ? 301 4P8 A CAC 1 
HETATM 1514 O  OAP . 4P8 C 2 .   ? -3.300  4.070   8.273   1.00 63.37  ? 302 4P8 A OAP 1 
HETATM 1515 C  CAO . 4P8 C 2 .   ? -2.408  3.244   8.461   1.00 46.45  ? 302 4P8 A CAO 1 
HETATM 1516 C  CAM . 4P8 C 2 .   ? -2.670  1.885   8.352   1.00 67.37  ? 302 4P8 A CAM 1 
HETATM 1517 C  CAK . 4P8 C 2 .   ? -1.678  0.936   8.558   1.00 62.16  ? 302 4P8 A CAK 1 
HETATM 1518 C  CAN . 4P8 C 2 .   ? -3.940  1.451   8.030   1.00 77.06  ? 302 4P8 A CAN 1 
HETATM 1519 O  OAQ . 4P8 C 2 .   ? -4.909  2.380   7.825   1.00 76.78  ? 302 4P8 A OAQ 1 
HETATM 1520 C  CAL . 4P8 C 2 .   ? -4.252  0.108   7.907   1.00 80.49  ? 302 4P8 A CAL 1 
HETATM 1521 N  NAR . 4P8 C 2 .   ? -5.512  -0.178  7.590   1.00 81.37  ? 302 4P8 A NAR 1 
HETATM 1522 O  OAT . 4P8 C 2 .   ? -6.414  0.878   7.395   1.00 69.33  ? 302 4P8 A OAT 1 
HETATM 1523 O  OAS . 4P8 C 2 .   ? -5.900  -1.515  7.456   1.00 72.91  ? 302 4P8 A OAS 1 
HETATM 1524 C  CAJ . 4P8 C 2 .   ? -3.263  -0.846  8.114   1.00 70.27  ? 302 4P8 A CAJ 1 
HETATM 1525 C  CAI . 4P8 C 2 .   ? -1.971  -0.421  8.440   1.00 63.13  ? 302 4P8 A CAI 1 
HETATM 1526 C  CAH . 4P8 C 2 .   ? -0.959  -1.346  8.660   1.00 57.96  ? 302 4P8 A CAH 1 
HETATM 1527 C  CAB . 4P8 C 2 .   ? -0.702  -1.395  10.027  1.00 79.26  ? 302 4P8 A CAB 1 
HETATM 1528 C  CAA . 4P8 C 2 .   ? 0.499   -0.915  10.541  1.00 89.11  ? 302 4P8 A CAA 1 
HETATM 1529 CL CLG . 4P8 C 2 .   ? 1.707   -0.257  9.486   1.00 89.13  ? 302 4P8 A CLG 1 
HETATM 1530 C  CAF . 4P8 C 2 .   ? 0.730   -0.967  11.912  1.00 73.47  ? 302 4P8 A CAF 1 
HETATM 1531 C  CAE . 4P8 C 2 .   ? -0.232  -1.492  12.768  1.00 89.22  ? 302 4P8 A CAE 1 
HETATM 1532 C  CAD . 4P8 C 2 .   ? -1.433  -1.968  12.255  1.00 78.25  ? 302 4P8 A CAD 1 
HETATM 1533 C  CAC . 4P8 C 2 .   ? -1.665  -1.919  10.885  1.00 82.89  ? 302 4P8 A CAC 1 
HETATM 1534 MN MN  . MN  D 3 .   ? 2.587   -3.066  5.563   1.00 86.00  ? 303 MN  A MN  1 
HETATM 1535 S  S   . SO4 E 4 .   ? -12.235 14.191  -3.726  1.00 125.02 ? 304 SO4 A S   1 
HETATM 1536 O  O1  . SO4 E 4 .   ? -13.190 13.140  -3.392  1.00 98.76  ? 304 SO4 A O1  1 
HETATM 1537 O  O2  . SO4 E 4 .   ? -10.914 13.596  -3.912  1.00 84.92  ? 304 SO4 A O2  1 
HETATM 1538 O  O3  . SO4 E 4 .   ? -12.172 15.175  -2.648  1.00 118.87 ? 304 SO4 A O3  1 
HETATM 1539 O  O4  . SO4 E 4 .   ? -12.665 14.850  -4.958  1.00 112.76 ? 304 SO4 A O4  1 
HETATM 1540 O  O   . HOH F 5 .   ? -19.115 8.457   -5.616  1.00 29.59  ? 401 HOH A O   1 
HETATM 1541 O  O   . HOH F 5 .   ? -4.723  1.509   11.448  1.00 42.21  ? 402 HOH A O   1 
HETATM 1542 O  O   . HOH F 5 .   ? 1.695   -10.023 5.339   1.00 48.05  ? 403 HOH A O   1 
HETATM 1543 O  O   . HOH F 5 .   ? 13.216  4.321   -11.466 1.00 25.96  ? 404 HOH A O   1 
HETATM 1544 O  O   . HOH F 5 .   ? -20.758 -7.600  -0.051  1.00 46.45  ? 405 HOH A O   1 
HETATM 1545 O  O   . HOH F 5 .   ? -18.725 -9.569  -5.620  1.00 33.71  ? 406 HOH A O   1 
HETATM 1546 O  O   . HOH F 5 .   ? 8.641   6.336   12.631  1.00 58.78  ? 407 HOH A O   1 
HETATM 1547 O  O   . HOH F 5 .   ? -1.954  2.865   2.815   1.00 37.00  ? 408 HOH A O   1 
HETATM 1548 O  O   . HOH F 5 .   ? -12.537 -11.163 5.947   1.00 43.60  ? 409 HOH A O   1 
HETATM 1549 O  O   . HOH F 5 .   ? -10.899 1.758   3.208   1.00 51.37  ? 410 HOH A O   1 
HETATM 1550 O  O   . HOH F 5 .   ? 18.809  -12.600 3.445   1.00 27.71  ? 411 HOH A O   1 
HETATM 1551 O  O   . HOH F 5 .   ? -7.797  1.516   9.366   1.00 40.64  ? 412 HOH A O   1 
HETATM 1552 O  O   . HOH F 5 .   ? 12.290  -8.034  -8.752  1.00 43.92  ? 413 HOH A O   1 
HETATM 1553 O  O   . HOH F 5 .   ? 0.539   -6.854  5.451   1.00 45.05  ? 414 HOH A O   1 
HETATM 1554 O  O   . HOH F 5 .   ? -17.948 2.927   -1.468  1.00 23.68  ? 415 HOH A O   1 
HETATM 1555 O  O   . HOH F 5 .   ? -6.051  7.491   7.473   1.00 38.13  ? 416 HOH A O   1 
HETATM 1556 O  O   . HOH F 5 .   ? -22.176 0.692   -2.539  1.00 38.54  ? 417 HOH A O   1 
HETATM 1557 O  O   . HOH F 5 .   ? -20.386 6.203   -2.249  1.00 28.98  ? 418 HOH A O   1 
HETATM 1558 O  O   . HOH F 5 .   ? 16.617  7.579   -3.322  1.00 33.63  ? 419 HOH A O   1 
HETATM 1559 O  O   . HOH F 5 .   ? 15.156  0.556   7.028   1.00 37.51  ? 420 HOH A O   1 
HETATM 1560 O  O   . HOH F 5 .   ? 20.478  -1.519  5.594   1.00 42.01  ? 421 HOH A O   1 
HETATM 1561 O  O   . HOH F 5 .   ? 14.227  3.887   -0.626  1.00 38.30  ? 422 HOH A O   1 
HETATM 1562 O  O   . HOH F 5 .   ? 20.055  -6.148  12.573  1.00 61.87  ? 423 HOH A O   1 
HETATM 1563 O  O   . HOH F 5 .   ? -20.294 -4.853  -1.358  1.00 36.33  ? 424 HOH A O   1 
HETATM 1564 O  O   . HOH F 5 .   ? 5.500   -0.267  -11.970 1.00 29.14  ? 425 HOH A O   1 
HETATM 1565 O  O   . HOH F 5 .   ? -5.098  -5.756  -10.471 1.00 53.23  ? 426 HOH A O   1 
HETATM 1566 O  O   . HOH F 5 .   ? 21.185  -14.702 6.481   1.00 59.73  ? 427 HOH A O   1 
HETATM 1567 O  O   . HOH F 5 .   ? -5.738  0.370   -14.857 1.00 38.97  ? 428 HOH A O   1 
HETATM 1568 O  O   . HOH F 5 .   ? -22.391 -3.500  -8.439  1.00 39.59  ? 429 HOH A O   1 
HETATM 1569 O  O   . HOH F 5 .   ? 10.476  7.133   -1.511  1.00 23.22  ? 430 HOH A O   1 
HETATM 1570 O  O   . HOH F 5 .   ? 16.868  -2.601  -10.448 1.00 49.52  ? 431 HOH A O   1 
HETATM 1571 O  O   . HOH F 5 .   ? 18.833  -5.552  -9.451  1.00 56.37  ? 432 HOH A O   1 
HETATM 1572 O  O   . HOH F 5 .   ? 17.267  9.435   2.259   1.00 44.69  ? 433 HOH A O   1 
HETATM 1573 O  O   . HOH F 5 .   ? 2.820   16.215  -3.954  1.00 42.86  ? 434 HOH A O   1 
HETATM 1574 O  O   . HOH F 5 .   ? 12.830  -4.043  17.004  1.00 58.79  ? 435 HOH A O   1 
HETATM 1575 O  O   . HOH F 5 .   ? 16.574  6.515   -5.292  1.00 38.64  ? 436 HOH A O   1 
HETATM 1576 O  O   . HOH F 5 .   ? -8.788  12.106  -1.791  1.00 39.02  ? 437 HOH A O   1 
HETATM 1577 O  O   . HOH F 5 .   ? 12.016  -5.178  -7.464  1.00 35.25  ? 438 HOH A O   1 
HETATM 1578 O  O   . HOH F 5 .   ? 2.761   -9.364  12.685  1.00 49.91  ? 439 HOH A O   1 
HETATM 1579 O  O   . HOH F 5 .   ? -4.673  1.888   1.162   1.00 42.66  ? 440 HOH A O   1 
HETATM 1580 O  O   . HOH F 5 .   ? 8.874   -0.033  -15.060 1.00 65.36  ? 441 HOH A O   1 
HETATM 1581 O  O   . HOH F 5 .   ? -5.208  4.179   4.195   1.00 35.05  ? 442 HOH A O   1 
HETATM 1582 O  O   . HOH F 5 .   ? -11.269 10.695  7.092   1.00 43.56  ? 443 HOH A O   1 
HETATM 1583 O  O   . HOH F 5 .   ? -22.222 -7.351  -2.050  1.00 34.27  ? 444 HOH A O   1 
HETATM 1584 O  O   . HOH F 5 .   ? 14.906  -16.198 8.852   1.00 52.79  ? 445 HOH A O   1 
HETATM 1585 O  O   . HOH F 5 .   ? 10.743  9.136   -18.968 1.00 49.22  ? 446 HOH A O   1 
HETATM 1586 O  O   . HOH F 5 .   ? -17.290 -12.798 9.990   1.00 52.85  ? 447 HOH A O   1 
HETATM 1587 O  O   . HOH F 5 .   ? 11.860  3.518   18.264  1.00 45.13  ? 448 HOH A O   1 
HETATM 1588 O  O   . HOH F 5 .   ? -4.439  -13.373 -12.273 1.00 68.77  ? 449 HOH A O   1 
HETATM 1589 O  O   . HOH F 5 .   ? 2.689   -15.770 1.189   1.00 52.79  ? 450 HOH A O   1 
HETATM 1590 O  O   . HOH F 5 .   ? -23.749 6.969   -9.954  1.00 36.76  ? 451 HOH A O   1 
HETATM 1591 O  O   . HOH F 5 .   ? 5.493   11.996  18.957  1.00 47.35  ? 452 HOH A O   1 
HETATM 1592 O  O   . HOH F 5 .   ? -13.093 -2.495  -12.833 1.00 36.91  ? 453 HOH A O   1 
HETATM 1593 O  O   . HOH F 5 .   ? 5.426   16.448  -3.890  1.00 38.19  ? 454 HOH A O   1 
HETATM 1594 O  O   . HOH F 5 .   ? -17.671 -0.482  4.299   1.00 41.01  ? 455 HOH A O   1 
HETATM 1595 O  O   . HOH F 5 .   ? 12.668  12.251  -12.121 1.00 31.30  ? 456 HOH A O   1 
HETATM 1596 O  O   . HOH F 5 .   ? -0.383  7.092   15.002  1.00 47.28  ? 457 HOH A O   1 
HETATM 1597 O  O   . HOH F 5 .   ? 5.649   -15.850 0.314   1.00 31.93  ? 458 HOH A O   1 
HETATM 1598 O  O   . HOH F 5 .   ? 18.719  8.064   8.582   1.00 61.90  ? 459 HOH A O   1 
HETATM 1599 O  O   . HOH F 5 .   ? -3.252  -6.922  -13.746 1.00 66.66  ? 460 HOH A O   1 
HETATM 1600 O  O   . HOH F 5 .   ? 7.549   10.114  15.993  1.00 55.16  ? 461 HOH A O   1 
HETATM 1601 O  O   . HOH F 5 .   ? -8.934  -7.791  -13.444 1.00 47.91  ? 462 HOH A O   1 
HETATM 1602 O  O   . HOH F 5 .   ? 18.793  -15.938 7.175   1.00 46.23  ? 463 HOH A O   1 
HETATM 1603 O  O   . HOH F 5 .   ? 2.447   -5.903  11.522  1.00 41.69  ? 464 HOH A O   1 
HETATM 1604 O  O   . HOH F 5 .   ? 10.896  14.174  6.840   1.00 36.80  ? 465 HOH A O   1 
HETATM 1605 O  O   . HOH F 5 .   ? -0.735  -2.942  -12.906 1.00 44.29  ? 466 HOH A O   1 
HETATM 1606 O  O   . HOH F 5 .   ? 3.223   -2.122  -12.985 1.00 41.91  ? 467 HOH A O   1 
HETATM 1607 O  O   . HOH F 5 .   ? 25.907  -7.627  8.284   1.00 48.52  ? 468 HOH A O   1 
HETATM 1608 O  O   . HOH F 5 .   ? -16.396 2.868   -16.283 1.00 53.52  ? 469 HOH A O   1 
HETATM 1609 O  O   . HOH F 5 .   ? 12.248  12.263  8.620   1.00 38.89  ? 470 HOH A O   1 
HETATM 1610 O  O   . HOH F 5 .   ? 0.011   -5.174  -10.515 1.00 58.10  ? 471 HOH A O   1 
HETATM 1611 O  O   . HOH F 5 .   ? 2.814   -5.209  -11.554 1.00 49.27  ? 472 HOH A O   1 
HETATM 1612 O  O   . HOH F 5 .   ? -7.567  0.097   -17.177 1.00 45.59  ? 473 HOH A O   1 
# 
loop_
_pdbx_poly_seq_scheme.asym_id 
_pdbx_poly_seq_scheme.entity_id 
_pdbx_poly_seq_scheme.seq_id 
_pdbx_poly_seq_scheme.mon_id 
_pdbx_poly_seq_scheme.ndb_seq_num 
_pdbx_poly_seq_scheme.pdb_seq_num 
_pdbx_poly_seq_scheme.auth_seq_num 
_pdbx_poly_seq_scheme.pdb_mon_id 
_pdbx_poly_seq_scheme.auth_mon_id 
_pdbx_poly_seq_scheme.pdb_strand_id 
_pdbx_poly_seq_scheme.pdb_ins_code 
_pdbx_poly_seq_scheme.hetero 
A 1 1   GLY 1   -4  -4  GLY GLY A . n 
A 1 2   PRO 2   -3  -3  PRO PRO A . n 
A 1 3   LEU 3   -2  -2  LEU LEU A . n 
A 1 4   GLY 4   -1  -1  GLY GLY A . n 
A 1 5   SER 5   0   0   SER SER A . n 
A 1 6   MET 6   1   1   MET MET A . n 
A 1 7   GLU 7   2   2   GLU GLU A . n 
A 1 8   ASP 8   3   3   ASP ASP A . n 
A 1 9   PHE 9   4   4   PHE PHE A . n 
A 1 10  VAL 10  5   5   VAL VAL A . n 
A 1 11  ARG 11  6   6   ARG ARG A . n 
A 1 12  GLN 12  7   7   GLN GLN A . n 
A 1 13  CYS 13  8   8   CYS CYS A . n 
A 1 14  PHE 14  9   9   PHE PHE A . n 
A 1 15  ASN 15  10  10  ASN ASN A . n 
A 1 16  PRO 16  11  11  PRO PRO A . n 
A 1 17  MET 17  12  12  MET MET A . n 
A 1 18  ILE 18  13  13  ILE ILE A . n 
A 1 19  VAL 19  14  14  VAL VAL A . n 
A 1 20  GLU 20  15  15  GLU GLU A . n 
A 1 21  LEU 21  16  16  LEU LEU A . n 
A 1 22  ALA 22  17  17  ALA ALA A . n 
A 1 23  GLU 23  18  18  GLU GLU A . n 
A 1 24  LYS 24  19  19  LYS LYS A . n 
A 1 25  THR 25  20  20  THR THR A . n 
A 1 26  MET 26  21  21  MET MET A . n 
A 1 27  LYS 27  22  22  LYS LYS A . n 
A 1 28  GLU 28  23  23  GLU GLU A . n 
A 1 29  TYR 29  24  24  TYR TYR A . n 
A 1 30  GLY 30  25  25  GLY GLY A . n 
A 1 31  GLU 31  26  26  GLU GLU A . n 
A 1 32  ASP 32  27  27  ASP ASP A . n 
A 1 33  LEU 33  28  28  LEU LEU A . n 
A 1 34  LYS 34  29  29  LYS LYS A . n 
A 1 35  ILE 35  30  30  ILE ILE A . n 
A 1 36  GLU 36  31  31  GLU GLU A . n 
A 1 37  THR 37  32  32  THR THR A . n 
A 1 38  ASN 38  33  33  ASN ASN A . n 
A 1 39  LYS 39  34  34  LYS LYS A . n 
A 1 40  PHE 40  35  35  PHE PHE A . n 
A 1 41  ALA 41  36  36  ALA ALA A . n 
A 1 42  ALA 42  37  37  ALA ALA A . n 
A 1 43  ILE 43  38  38  ILE ILE A . n 
A 1 44  CYS 44  39  39  CYS CYS A . n 
A 1 45  THR 45  40  40  THR THR A . n 
A 1 46  HIS 46  41  41  HIS HIS A . n 
A 1 47  LEU 47  42  42  LEU LEU A . n 
A 1 48  GLU 48  43  43  GLU GLU A . n 
A 1 49  VAL 49  44  44  VAL VAL A . n 
A 1 50  CYS 50  45  45  CYS CYS A . n 
A 1 51  PHE 51  46  46  PHE PHE A . n 
A 1 52  MET 52  47  47  MET MET A . n 
A 1 53  TYR 53  48  48  TYR TYR A . n 
A 1 54  SER 54  49  49  SER SER A . n 
A 1 55  ASP 55  50  50  ASP ASP A . n 
A 1 56  ALA 56  51  51  ALA ALA A . n 
A 1 57  SER 57  52  52  SER SER A . n 
A 1 58  LYS 58  73  73  LYS LYS A . n 
A 1 59  HIS 59  74  74  HIS HIS A . n 
A 1 60  ARG 60  75  75  ARG ARG A . n 
A 1 61  PHE 61  76  76  PHE PHE A . n 
A 1 62  GLU 62  77  77  GLU GLU A . n 
A 1 63  ILE 63  78  78  ILE ILE A . n 
A 1 64  ILE 64  79  79  ILE ILE A . n 
A 1 65  GLU 65  80  80  GLU GLU A . n 
A 1 66  GLY 66  81  81  GLY GLY A . n 
A 1 67  ARG 67  82  82  ARG ARG A . n 
A 1 68  ASP 68  83  83  ASP ASP A . n 
A 1 69  ARG 69  84  84  ARG ARG A . n 
A 1 70  THR 70  85  85  THR THR A . n 
A 1 71  MET 71  86  86  MET MET A . n 
A 1 72  ALA 72  87  87  ALA ALA A . n 
A 1 73  TRP 73  88  88  TRP TRP A . n 
A 1 74  THR 74  89  89  THR THR A . n 
A 1 75  VAL 75  90  90  VAL VAL A . n 
A 1 76  VAL 76  91  91  VAL VAL A . n 
A 1 77  ASN 77  92  92  ASN ASN A . n 
A 1 78  SER 78  93  93  SER SER A . n 
A 1 79  ILE 79  94  94  ILE ILE A . n 
A 1 80  CYS 80  95  95  CYS CYS A . n 
A 1 81  ASN 81  96  96  ASN ASN A . n 
A 1 82  THR 82  97  97  THR THR A . n 
A 1 83  THR 83  98  98  THR THR A . n 
A 1 84  GLY 84  99  99  GLY GLY A . n 
A 1 85  ALA 85  100 100 ALA ALA A . n 
A 1 86  GLU 86  101 101 GLU GLU A . n 
A 1 87  LYS 87  102 102 LYS LYS A . n 
A 1 88  PRO 88  103 103 PRO PRO A . n 
A 1 89  LYS 89  104 104 LYS LYS A . n 
A 1 90  PHE 90  105 105 PHE PHE A . n 
A 1 91  LEU 91  106 106 LEU LEU A . n 
A 1 92  PRO 92  107 107 PRO PRO A . n 
A 1 93  ASP 93  108 108 ASP ASP A . n 
A 1 94  LEU 94  109 109 LEU LEU A . n 
A 1 95  TYR 95  110 110 TYR TYR A . n 
A 1 96  ASP 96  111 111 ASP ASP A . n 
A 1 97  TYR 97  112 112 TYR TYR A . n 
A 1 98  LYS 98  113 113 LYS LYS A . n 
A 1 99  GLU 99  114 114 GLU GLU A . n 
A 1 100 ASN 100 115 115 ASN ASN A . n 
A 1 101 ARG 101 116 116 ARG ARG A . n 
A 1 102 PHE 102 117 117 PHE PHE A . n 
A 1 103 ILE 103 118 118 ILE ILE A . n 
A 1 104 GLU 104 119 119 GLU GLU A . n 
A 1 105 ILE 105 120 120 ILE ILE A . n 
A 1 106 GLY 106 121 121 GLY GLY A . n 
A 1 107 VAL 107 122 122 VAL VAL A . n 
A 1 108 THR 108 123 123 THR THR A . n 
A 1 109 ARG 109 124 124 ARG ARG A . n 
A 1 110 ARG 110 125 125 ARG ARG A . n 
A 1 111 GLU 111 126 126 GLU GLU A . n 
A 1 112 VAL 112 127 127 VAL VAL A . n 
A 1 113 HIS 113 128 128 HIS HIS A . n 
A 1 114 ILE 114 129 129 ILE ILE A . n 
A 1 115 TYR 115 130 130 TYR TYR A . n 
A 1 116 TYR 116 131 131 TYR TYR A . n 
A 1 117 LEU 117 132 132 LEU LEU A . n 
A 1 118 GLU 118 133 133 GLU GLU A . n 
A 1 119 LYS 119 134 134 LYS LYS A . n 
A 1 120 ALA 120 135 135 ALA ALA A . n 
A 1 121 ASN 121 136 136 ASN ASN A . n 
A 1 122 LYS 122 137 137 LYS LYS A . n 
A 1 123 ILE 123 138 138 ILE ILE A . n 
A 1 124 LYS 124 139 139 LYS LYS A . n 
A 1 125 SER 125 140 140 SER SER A . n 
A 1 126 GLU 126 141 141 GLU GLU A . n 
A 1 127 LYS 127 142 142 LYS LYS A . n 
A 1 128 THR 128 143 143 THR THR A . n 
A 1 129 HIS 129 144 144 HIS HIS A . n 
A 1 130 ILE 130 145 145 ILE ILE A . n 
A 1 131 HIS 131 146 146 HIS HIS A . n 
A 1 132 ILE 132 147 147 ILE ILE A . n 
A 1 133 PHE 133 148 148 PHE PHE A . n 
A 1 134 SER 134 149 149 SER SER A . n 
A 1 135 PHE 135 150 150 PHE PHE A . n 
A 1 136 THR 136 151 151 THR THR A . n 
A 1 137 GLY 137 152 152 GLY GLY A . n 
A 1 138 GLU 138 153 153 GLU GLU A . n 
A 1 139 GLU 139 154 154 GLU GLU A . n 
A 1 140 MET 140 155 155 MET MET A . n 
A 1 141 ALA 141 156 156 ALA ALA A . n 
A 1 142 THR 142 157 157 THR THR A . n 
A 1 143 LYS 143 158 158 LYS LYS A . n 
A 1 144 ALA 144 159 159 ALA ALA A . n 
A 1 145 ASP 145 160 160 ASP ASP A . n 
A 1 146 TYR 146 161 161 TYR TYR A . n 
A 1 147 THR 147 162 162 THR THR A . n 
A 1 148 LEU 148 163 163 LEU LEU A . n 
A 1 149 ASP 149 164 164 ASP ASP A . n 
A 1 150 GLU 150 165 165 GLU GLU A . n 
A 1 151 GLU 151 166 166 GLU GLU A . n 
A 1 152 SER 152 167 167 SER SER A . n 
A 1 153 ARG 153 168 168 ARG ARG A . n 
A 1 154 ALA 154 169 169 ALA ALA A . n 
A 1 155 ARG 155 170 170 ARG ARG A . n 
A 1 156 ILE 156 171 171 ILE ILE A . n 
A 1 157 LYS 157 172 172 LYS LYS A . n 
A 1 158 THR 158 173 173 THR THR A . n 
A 1 159 ARG 159 174 174 ARG ARG A . n 
A 1 160 LEU 160 175 175 LEU LEU A . n 
A 1 161 PHE 161 176 176 PHE PHE A . n 
A 1 162 THR 162 177 177 THR THR A . n 
A 1 163 ILE 163 178 178 ILE ILE A . n 
A 1 164 ARG 164 179 179 ARG ARG A . n 
A 1 165 GLN 165 180 180 GLN GLN A . n 
A 1 166 GLU 166 181 181 GLU GLU A . n 
A 1 167 MET 167 182 182 MET MET A . n 
A 1 168 ALA 168 183 183 ALA ALA A . n 
A 1 169 SER 169 184 184 SER SER A . n 
A 1 170 ARG 170 185 185 ARG ARG A . n 
A 1 171 GLY 171 186 186 GLY GLY A . n 
A 1 172 LEU 172 187 187 LEU LEU A . n 
A 1 173 TRP 173 188 188 TRP TRP A . n 
A 1 174 ASP 174 189 189 ASP ASP A . n 
A 1 175 SER 175 190 190 SER SER A . n 
A 1 176 PHE 176 191 191 PHE PHE A . n 
A 1 177 ARG 177 192 192 ARG ARG A . n 
A 1 178 GLN 178 193 193 GLN GLN A . n 
A 1 179 SER 179 194 194 SER SER A . n 
A 1 180 GLU 180 195 195 GLU GLU A . n 
A 1 181 ARG 181 196 196 ARG ARG A . n 
A 1 182 GLY 182 197 ?   ?   ?   A . n 
A 1 183 ALA 183 198 ?   ?   ?   A . n 
A 1 184 ALA 184 199 ?   ?   ?   A . n 
A 1 185 GLU 185 200 ?   ?   ?   A . n 
A 1 186 LEU 186 201 ?   ?   ?   A . n 
A 1 187 ALA 187 202 ?   ?   ?   A . n 
A 1 188 LEU 188 203 ?   ?   ?   A . n 
A 1 189 VAL 189 204 ?   ?   ?   A . n 
A 1 190 PRO 190 205 ?   ?   ?   A . n 
A 1 191 ARG 191 206 ?   ?   ?   A . n 
# 
loop_
_pdbx_nonpoly_scheme.asym_id 
_pdbx_nonpoly_scheme.entity_id 
_pdbx_nonpoly_scheme.mon_id 
_pdbx_nonpoly_scheme.ndb_seq_num 
_pdbx_nonpoly_scheme.pdb_seq_num 
_pdbx_nonpoly_scheme.auth_seq_num 
_pdbx_nonpoly_scheme.pdb_mon_id 
_pdbx_nonpoly_scheme.auth_mon_id 
_pdbx_nonpoly_scheme.pdb_strand_id 
_pdbx_nonpoly_scheme.pdb_ins_code 
B 2 4P8 1  301 1  4P8 DRG A . 
C 2 4P8 1  302 2  4P8 DRG A . 
D 3 MN  1  303 1  MN  MN  A . 
E 4 SO4 1  304 1  SO4 SO4 A . 
F 5 HOH 1  401 51 HOH HOH A . 
F 5 HOH 2  402 20 HOH HOH A . 
F 5 HOH 3  403 64 HOH HOH A . 
F 5 HOH 4  404 8  HOH HOH A . 
F 5 HOH 5  405 33 HOH HOH A . 
F 5 HOH 6  406 34 HOH HOH A . 
F 5 HOH 7  407 71 HOH HOH A . 
F 5 HOH 8  408 62 HOH HOH A . 
F 5 HOH 9  409 36 HOH HOH A . 
F 5 HOH 10 410 61 HOH HOH A . 
F 5 HOH 11 411 9  HOH HOH A . 
F 5 HOH 12 412 18 HOH HOH A . 
F 5 HOH 13 413 39 HOH HOH A . 
F 5 HOH 14 414 63 HOH HOH A . 
F 5 HOH 15 415 31 HOH HOH A . 
F 5 HOH 16 416 52 HOH HOH A . 
F 5 HOH 17 417 30 HOH HOH A . 
F 5 HOH 18 418 2  HOH HOH A . 
F 5 HOH 19 419 70 HOH HOH A . 
F 5 HOH 20 420 68 HOH HOH A . 
F 5 HOH 21 421 10 HOH HOH A . 
F 5 HOH 22 422 38 HOH HOH A . 
F 5 HOH 23 423 67 HOH HOH A . 
F 5 HOH 24 424 32 HOH HOH A . 
F 5 HOH 25 425 4  HOH HOH A . 
F 5 HOH 26 426 7  HOH HOH A . 
F 5 HOH 27 427 42 HOH HOH A . 
F 5 HOH 28 428 6  HOH HOH A . 
F 5 HOH 29 429 13 HOH HOH A . 
F 5 HOH 30 430 1  HOH HOH A . 
F 5 HOH 31 431 24 HOH HOH A . 
F 5 HOH 32 432 66 HOH HOH A . 
F 5 HOH 33 433 48 HOH HOH A . 
F 5 HOH 34 434 73 HOH HOH A . 
F 5 HOH 35 435 69 HOH HOH A . 
F 5 HOH 36 436 44 HOH HOH A . 
F 5 HOH 37 437 22 HOH HOH A . 
F 5 HOH 38 438 3  HOH HOH A . 
F 5 HOH 39 439 25 HOH HOH A . 
F 5 HOH 40 440 5  HOH HOH A . 
F 5 HOH 41 441 65 HOH HOH A . 
F 5 HOH 42 442 60 HOH HOH A . 
F 5 HOH 43 443 12 HOH HOH A . 
F 5 HOH 44 444 14 HOH HOH A . 
F 5 HOH 45 445 41 HOH HOH A . 
F 5 HOH 46 446 53 HOH HOH A . 
F 5 HOH 47 447 59 HOH HOH A . 
F 5 HOH 48 448 47 HOH HOH A . 
F 5 HOH 49 449 58 HOH HOH A . 
F 5 HOH 50 450 40 HOH HOH A . 
F 5 HOH 51 451 29 HOH HOH A . 
F 5 HOH 52 452 46 HOH HOH A . 
F 5 HOH 53 453 28 HOH HOH A . 
F 5 HOH 54 454 15 HOH HOH A . 
F 5 HOH 55 455 37 HOH HOH A . 
F 5 HOH 56 456 19 HOH HOH A . 
F 5 HOH 57 457 45 HOH HOH A . 
F 5 HOH 58 458 16 HOH HOH A . 
F 5 HOH 59 459 72 HOH HOH A . 
F 5 HOH 60 460 54 HOH HOH A . 
F 5 HOH 61 461 27 HOH HOH A . 
F 5 HOH 62 462 35 HOH HOH A . 
F 5 HOH 63 463 23 HOH HOH A . 
F 5 HOH 64 464 26 HOH HOH A . 
F 5 HOH 65 465 11 HOH HOH A . 
F 5 HOH 66 466 55 HOH HOH A . 
F 5 HOH 67 467 21 HOH HOH A . 
F 5 HOH 68 468 43 HOH HOH A . 
F 5 HOH 69 469 50 HOH HOH A . 
F 5 HOH 70 470 17 HOH HOH A . 
F 5 HOH 71 471 57 HOH HOH A . 
F 5 HOH 72 472 56 HOH HOH A . 
F 5 HOH 73 473 49 HOH HOH A . 
# 
_pdbx_struct_assembly.id                   1 
_pdbx_struct_assembly.details              author_and_software_defined_assembly 
_pdbx_struct_assembly.method_details       PISA 
_pdbx_struct_assembly.oligomeric_details   monomeric 
_pdbx_struct_assembly.oligomeric_count     1 
# 
_pdbx_struct_assembly_gen.assembly_id       1 
_pdbx_struct_assembly_gen.oper_expression   1 
_pdbx_struct_assembly_gen.asym_id_list      A,B,C,D,E,F 
# 
loop_
_pdbx_struct_assembly_prop.biol_id 
_pdbx_struct_assembly_prop.type 
_pdbx_struct_assembly_prop.value 
_pdbx_struct_assembly_prop.details 
1 'ABSA (A^2)' 320  ? 
1 MORE         -20  ? 
1 'SSA (A^2)'  9560 ? 
# 
_pdbx_struct_oper_list.id                   1 
_pdbx_struct_oper_list.type                 'identity operation' 
_pdbx_struct_oper_list.name                 1_555 
_pdbx_struct_oper_list.symmetry_operation   x,y,z 
_pdbx_struct_oper_list.matrix[1][1]         1.0000000000 
_pdbx_struct_oper_list.matrix[1][2]         0.0000000000 
_pdbx_struct_oper_list.matrix[1][3]         0.0000000000 
_pdbx_struct_oper_list.vector[1]            0.0000000000 
_pdbx_struct_oper_list.matrix[2][1]         0.0000000000 
_pdbx_struct_oper_list.matrix[2][2]         1.0000000000 
_pdbx_struct_oper_list.matrix[2][3]         0.0000000000 
_pdbx_struct_oper_list.vector[2]            0.0000000000 
_pdbx_struct_oper_list.matrix[3][1]         0.0000000000 
_pdbx_struct_oper_list.matrix[3][2]         0.0000000000 
_pdbx_struct_oper_list.matrix[3][3]         1.0000000000 
_pdbx_struct_oper_list.vector[3]            0.0000000000 
# 
loop_
_pdbx_audit_revision_history.ordinal 
_pdbx_audit_revision_history.data_content_type 
_pdbx_audit_revision_history.major_revision 
_pdbx_audit_revision_history.minor_revision 
_pdbx_audit_revision_history.revision_date 
1 'Structure model' 1 0 2015-05-13 
2 'Structure model' 1 1 2016-05-25 
3 'Structure model' 1 2 2020-02-19 
4 'Structure model' 1 3 2023-11-08 
# 
_pdbx_audit_revision_details.ordinal             1 
_pdbx_audit_revision_details.revision_ordinal    1 
_pdbx_audit_revision_details.data_content_type   'Structure model' 
_pdbx_audit_revision_details.provider            repository 
_pdbx_audit_revision_details.type                'Initial release' 
_pdbx_audit_revision_details.description         ? 
_pdbx_audit_revision_details.details             ? 
# 
loop_
_pdbx_audit_revision_group.ordinal 
_pdbx_audit_revision_group.revision_ordinal 
_pdbx_audit_revision_group.data_content_type 
_pdbx_audit_revision_group.group 
1 2 'Structure model' 'Database references'    
2 3 'Structure model' 'Data collection'        
3 3 'Structure model' 'Database references'    
4 3 'Structure model' 'Derived calculations'   
5 4 'Structure model' 'Data collection'        
6 4 'Structure model' 'Database references'    
7 4 'Structure model' 'Refinement description' 
# 
loop_
_pdbx_audit_revision_category.ordinal 
_pdbx_audit_revision_category.revision_ordinal 
_pdbx_audit_revision_category.data_content_type 
_pdbx_audit_revision_category.category 
1 3 'Structure model' citation                      
2 3 'Structure model' diffrn_source                 
3 3 'Structure model' pdbx_struct_oper_list         
4 4 'Structure model' chem_comp_atom                
5 4 'Structure model' chem_comp_bond                
6 4 'Structure model' database_2                    
7 4 'Structure model' diffrn_radiation_wavelength   
8 4 'Structure model' pdbx_initial_refinement_model 
# 
loop_
_pdbx_audit_revision_item.ordinal 
_pdbx_audit_revision_item.revision_ordinal 
_pdbx_audit_revision_item.data_content_type 
_pdbx_audit_revision_item.item 
1 3 'Structure model' '_citation.journal_id_CSD'                  
2 3 'Structure model' '_diffrn_source.pdbx_synchrotron_site'      
3 3 'Structure model' '_pdbx_struct_oper_list.symmetry_operation' 
4 4 'Structure model' '_database_2.pdbx_DOI'                      
5 4 'Structure model' '_database_2.pdbx_database_accession'       
# 
loop_
_software.citation_id 
_software.classification 
_software.compiler_name 
_software.compiler_version 
_software.contact_author 
_software.contact_author_email 
_software.date 
_software.description 
_software.dependencies 
_software.hardware 
_software.language 
_software.location 
_software.mods 
_software.name 
_software.os 
_software.os_version 
_software.type 
_software.version 
_software.pdbx_ordinal 
? 'data collection' ? ? ? ? ? ? ? ? ? ? ? HKL-2000    ? ? ? .          1 
? 'data scaling'    ? ? ? ? ? ? ? ? ? ? ? HKL-2000    ? ? ? .          2 
? phasing           ? ? ? ? ? ? ? ? ? ? ? MOLREP      ? ? ? 11.0.05    3 
? refinement        ? ? ? ? ? ? ? ? ? ? ? PHENIX      ? ? ? 1.8.1_1168 4 
? 'data extraction' ? ? ? ? ? ? ? ? ? ? ? PDB_EXTRACT ? ? ? 3.15       5 
# 
loop_
_pdbx_validate_torsion.id 
_pdbx_validate_torsion.PDB_model_num 
_pdbx_validate_torsion.auth_comp_id 
_pdbx_validate_torsion.auth_asym_id 
_pdbx_validate_torsion.auth_seq_id 
_pdbx_validate_torsion.PDB_ins_code 
_pdbx_validate_torsion.label_alt_id 
_pdbx_validate_torsion.phi 
_pdbx_validate_torsion.psi 
1 1 ALA A 159 ? ? 59.78 18.11  
2 1 THR A 162 ? ? 61.75 -56.04 
# 
loop_
_pdbx_unobs_or_zero_occ_residues.id 
_pdbx_unobs_or_zero_occ_residues.PDB_model_num 
_pdbx_unobs_or_zero_occ_residues.polymer_flag 
_pdbx_unobs_or_zero_occ_residues.occupancy_flag 
_pdbx_unobs_or_zero_occ_residues.auth_asym_id 
_pdbx_unobs_or_zero_occ_residues.auth_comp_id 
_pdbx_unobs_or_zero_occ_residues.auth_seq_id 
_pdbx_unobs_or_zero_occ_residues.PDB_ins_code 
_pdbx_unobs_or_zero_occ_residues.label_asym_id 
_pdbx_unobs_or_zero_occ_residues.label_comp_id 
_pdbx_unobs_or_zero_occ_residues.label_seq_id 
1  1 Y 1 A GLY 197 ? A GLY 182 
2  1 Y 1 A ALA 198 ? A ALA 183 
3  1 Y 1 A ALA 199 ? A ALA 184 
4  1 Y 1 A GLU 200 ? A GLU 185 
5  1 Y 1 A LEU 201 ? A LEU 186 
6  1 Y 1 A ALA 202 ? A ALA 187 
7  1 Y 1 A LEU 203 ? A LEU 188 
8  1 Y 1 A VAL 204 ? A VAL 189 
9  1 Y 1 A PRO 205 ? A PRO 190 
10 1 Y 1 A ARG 206 ? A ARG 191 
# 
loop_
_chem_comp_atom.comp_id 
_chem_comp_atom.atom_id 
_chem_comp_atom.type_symbol 
_chem_comp_atom.pdbx_aromatic_flag 
_chem_comp_atom.pdbx_stereo_config 
_chem_comp_atom.pdbx_ordinal 
4P8 OAP  O  N N 1   
4P8 CAO  C  N N 2   
4P8 CAM  C  Y N 3   
4P8 CAK  C  Y N 4   
4P8 CAN  C  Y N 5   
4P8 OAQ  O  N N 6   
4P8 CAL  C  Y N 7   
4P8 NAR  N  N N 8   
4P8 OAT  O  N N 9   
4P8 OAS  O  N N 10  
4P8 CAJ  C  Y N 11  
4P8 CAI  C  Y N 12  
4P8 CAH  C  N N 13  
4P8 CAB  C  Y N 14  
4P8 CAA  C  Y N 15  
4P8 CLG  CL N N 16  
4P8 CAF  C  Y N 17  
4P8 CAE  C  Y N 18  
4P8 CAD  C  Y N 19  
4P8 CAC  C  Y N 20  
4P8 H1   H  N N 21  
4P8 H2   H  N N 22  
4P8 H3   H  N N 23  
4P8 H4   H  N N 24  
4P8 H5   H  N N 25  
4P8 H6   H  N N 26  
4P8 H7   H  N N 27  
4P8 H8   H  N N 28  
4P8 H9   H  N N 29  
4P8 H10  H  N N 30  
ALA N    N  N N 31  
ALA CA   C  N S 32  
ALA C    C  N N 33  
ALA O    O  N N 34  
ALA CB   C  N N 35  
ALA OXT  O  N N 36  
ALA H    H  N N 37  
ALA H2   H  N N 38  
ALA HA   H  N N 39  
ALA HB1  H  N N 40  
ALA HB2  H  N N 41  
ALA HB3  H  N N 42  
ALA HXT  H  N N 43  
ARG N    N  N N 44  
ARG CA   C  N S 45  
ARG C    C  N N 46  
ARG O    O  N N 47  
ARG CB   C  N N 48  
ARG CG   C  N N 49  
ARG CD   C  N N 50  
ARG NE   N  N N 51  
ARG CZ   C  N N 52  
ARG NH1  N  N N 53  
ARG NH2  N  N N 54  
ARG OXT  O  N N 55  
ARG H    H  N N 56  
ARG H2   H  N N 57  
ARG HA   H  N N 58  
ARG HB2  H  N N 59  
ARG HB3  H  N N 60  
ARG HG2  H  N N 61  
ARG HG3  H  N N 62  
ARG HD2  H  N N 63  
ARG HD3  H  N N 64  
ARG HE   H  N N 65  
ARG HH11 H  N N 66  
ARG HH12 H  N N 67  
ARG HH21 H  N N 68  
ARG HH22 H  N N 69  
ARG HXT  H  N N 70  
ASN N    N  N N 71  
ASN CA   C  N S 72  
ASN C    C  N N 73  
ASN O    O  N N 74  
ASN CB   C  N N 75  
ASN CG   C  N N 76  
ASN OD1  O  N N 77  
ASN ND2  N  N N 78  
ASN OXT  O  N N 79  
ASN H    H  N N 80  
ASN H2   H  N N 81  
ASN HA   H  N N 82  
ASN HB2  H  N N 83  
ASN HB3  H  N N 84  
ASN HD21 H  N N 85  
ASN HD22 H  N N 86  
ASN HXT  H  N N 87  
ASP N    N  N N 88  
ASP CA   C  N S 89  
ASP C    C  N N 90  
ASP O    O  N N 91  
ASP CB   C  N N 92  
ASP CG   C  N N 93  
ASP OD1  O  N N 94  
ASP OD2  O  N N 95  
ASP OXT  O  N N 96  
ASP H    H  N N 97  
ASP H2   H  N N 98  
ASP HA   H  N N 99  
ASP HB2  H  N N 100 
ASP HB3  H  N N 101 
ASP HD2  H  N N 102 
ASP HXT  H  N N 103 
CYS N    N  N N 104 
CYS CA   C  N R 105 
CYS C    C  N N 106 
CYS O    O  N N 107 
CYS CB   C  N N 108 
CYS SG   S  N N 109 
CYS OXT  O  N N 110 
CYS H    H  N N 111 
CYS H2   H  N N 112 
CYS HA   H  N N 113 
CYS HB2  H  N N 114 
CYS HB3  H  N N 115 
CYS HG   H  N N 116 
CYS HXT  H  N N 117 
GLN N    N  N N 118 
GLN CA   C  N S 119 
GLN C    C  N N 120 
GLN O    O  N N 121 
GLN CB   C  N N 122 
GLN CG   C  N N 123 
GLN CD   C  N N 124 
GLN OE1  O  N N 125 
GLN NE2  N  N N 126 
GLN OXT  O  N N 127 
GLN H    H  N N 128 
GLN H2   H  N N 129 
GLN HA   H  N N 130 
GLN HB2  H  N N 131 
GLN HB3  H  N N 132 
GLN HG2  H  N N 133 
GLN HG3  H  N N 134 
GLN HE21 H  N N 135 
GLN HE22 H  N N 136 
GLN HXT  H  N N 137 
GLU N    N  N N 138 
GLU CA   C  N S 139 
GLU C    C  N N 140 
GLU O    O  N N 141 
GLU CB   C  N N 142 
GLU CG   C  N N 143 
GLU CD   C  N N 144 
GLU OE1  O  N N 145 
GLU OE2  O  N N 146 
GLU OXT  O  N N 147 
GLU H    H  N N 148 
GLU H2   H  N N 149 
GLU HA   H  N N 150 
GLU HB2  H  N N 151 
GLU HB3  H  N N 152 
GLU HG2  H  N N 153 
GLU HG3  H  N N 154 
GLU HE2  H  N N 155 
GLU HXT  H  N N 156 
GLY N    N  N N 157 
GLY CA   C  N N 158 
GLY C    C  N N 159 
GLY O    O  N N 160 
GLY OXT  O  N N 161 
GLY H    H  N N 162 
GLY H2   H  N N 163 
GLY HA2  H  N N 164 
GLY HA3  H  N N 165 
GLY HXT  H  N N 166 
HIS N    N  N N 167 
HIS CA   C  N S 168 
HIS C    C  N N 169 
HIS O    O  N N 170 
HIS CB   C  N N 171 
HIS CG   C  Y N 172 
HIS ND1  N  Y N 173 
HIS CD2  C  Y N 174 
HIS CE1  C  Y N 175 
HIS NE2  N  Y N 176 
HIS OXT  O  N N 177 
HIS H    H  N N 178 
HIS H2   H  N N 179 
HIS HA   H  N N 180 
HIS HB2  H  N N 181 
HIS HB3  H  N N 182 
HIS HD1  H  N N 183 
HIS HD2  H  N N 184 
HIS HE1  H  N N 185 
HIS HE2  H  N N 186 
HIS HXT  H  N N 187 
HOH O    O  N N 188 
HOH H1   H  N N 189 
HOH H2   H  N N 190 
ILE N    N  N N 191 
ILE CA   C  N S 192 
ILE C    C  N N 193 
ILE O    O  N N 194 
ILE CB   C  N S 195 
ILE CG1  C  N N 196 
ILE CG2  C  N N 197 
ILE CD1  C  N N 198 
ILE OXT  O  N N 199 
ILE H    H  N N 200 
ILE H2   H  N N 201 
ILE HA   H  N N 202 
ILE HB   H  N N 203 
ILE HG12 H  N N 204 
ILE HG13 H  N N 205 
ILE HG21 H  N N 206 
ILE HG22 H  N N 207 
ILE HG23 H  N N 208 
ILE HD11 H  N N 209 
ILE HD12 H  N N 210 
ILE HD13 H  N N 211 
ILE HXT  H  N N 212 
LEU N    N  N N 213 
LEU CA   C  N S 214 
LEU C    C  N N 215 
LEU O    O  N N 216 
LEU CB   C  N N 217 
LEU CG   C  N N 218 
LEU CD1  C  N N 219 
LEU CD2  C  N N 220 
LEU OXT  O  N N 221 
LEU H    H  N N 222 
LEU H2   H  N N 223 
LEU HA   H  N N 224 
LEU HB2  H  N N 225 
LEU HB3  H  N N 226 
LEU HG   H  N N 227 
LEU HD11 H  N N 228 
LEU HD12 H  N N 229 
LEU HD13 H  N N 230 
LEU HD21 H  N N 231 
LEU HD22 H  N N 232 
LEU HD23 H  N N 233 
LEU HXT  H  N N 234 
LYS N    N  N N 235 
LYS CA   C  N S 236 
LYS C    C  N N 237 
LYS O    O  N N 238 
LYS CB   C  N N 239 
LYS CG   C  N N 240 
LYS CD   C  N N 241 
LYS CE   C  N N 242 
LYS NZ   N  N N 243 
LYS OXT  O  N N 244 
LYS H    H  N N 245 
LYS H2   H  N N 246 
LYS HA   H  N N 247 
LYS HB2  H  N N 248 
LYS HB3  H  N N 249 
LYS HG2  H  N N 250 
LYS HG3  H  N N 251 
LYS HD2  H  N N 252 
LYS HD3  H  N N 253 
LYS HE2  H  N N 254 
LYS HE3  H  N N 255 
LYS HZ1  H  N N 256 
LYS HZ2  H  N N 257 
LYS HZ3  H  N N 258 
LYS HXT  H  N N 259 
MET N    N  N N 260 
MET CA   C  N S 261 
MET C    C  N N 262 
MET O    O  N N 263 
MET CB   C  N N 264 
MET CG   C  N N 265 
MET SD   S  N N 266 
MET CE   C  N N 267 
MET OXT  O  N N 268 
MET H    H  N N 269 
MET H2   H  N N 270 
MET HA   H  N N 271 
MET HB2  H  N N 272 
MET HB3  H  N N 273 
MET HG2  H  N N 274 
MET HG3  H  N N 275 
MET HE1  H  N N 276 
MET HE2  H  N N 277 
MET HE3  H  N N 278 
MET HXT  H  N N 279 
MN  MN   MN N N 280 
PHE N    N  N N 281 
PHE CA   C  N S 282 
PHE C    C  N N 283 
PHE O    O  N N 284 
PHE CB   C  N N 285 
PHE CG   C  Y N 286 
PHE CD1  C  Y N 287 
PHE CD2  C  Y N 288 
PHE CE1  C  Y N 289 
PHE CE2  C  Y N 290 
PHE CZ   C  Y N 291 
PHE OXT  O  N N 292 
PHE H    H  N N 293 
PHE H2   H  N N 294 
PHE HA   H  N N 295 
PHE HB2  H  N N 296 
PHE HB3  H  N N 297 
PHE HD1  H  N N 298 
PHE HD2  H  N N 299 
PHE HE1  H  N N 300 
PHE HE2  H  N N 301 
PHE HZ   H  N N 302 
PHE HXT  H  N N 303 
PRO N    N  N N 304 
PRO CA   C  N S 305 
PRO C    C  N N 306 
PRO O    O  N N 307 
PRO CB   C  N N 308 
PRO CG   C  N N 309 
PRO CD   C  N N 310 
PRO OXT  O  N N 311 
PRO H    H  N N 312 
PRO HA   H  N N 313 
PRO HB2  H  N N 314 
PRO HB3  H  N N 315 
PRO HG2  H  N N 316 
PRO HG3  H  N N 317 
PRO HD2  H  N N 318 
PRO HD3  H  N N 319 
PRO HXT  H  N N 320 
SER N    N  N N 321 
SER CA   C  N S 322 
SER C    C  N N 323 
SER O    O  N N 324 
SER CB   C  N N 325 
SER OG   O  N N 326 
SER OXT  O  N N 327 
SER H    H  N N 328 
SER H2   H  N N 329 
SER HA   H  N N 330 
SER HB2  H  N N 331 
SER HB3  H  N N 332 
SER HG   H  N N 333 
SER HXT  H  N N 334 
SO4 S    S  N N 335 
SO4 O1   O  N N 336 
SO4 O2   O  N N 337 
SO4 O3   O  N N 338 
SO4 O4   O  N N 339 
THR N    N  N N 340 
THR CA   C  N S 341 
THR C    C  N N 342 
THR O    O  N N 343 
THR CB   C  N R 344 
THR OG1  O  N N 345 
THR CG2  C  N N 346 
THR OXT  O  N N 347 
THR H    H  N N 348 
THR H2   H  N N 349 
THR HA   H  N N 350 
THR HB   H  N N 351 
THR HG1  H  N N 352 
THR HG21 H  N N 353 
THR HG22 H  N N 354 
THR HG23 H  N N 355 
THR HXT  H  N N 356 
TRP N    N  N N 357 
TRP CA   C  N S 358 
TRP C    C  N N 359 
TRP O    O  N N 360 
TRP CB   C  N N 361 
TRP CG   C  Y N 362 
TRP CD1  C  Y N 363 
TRP CD2  C  Y N 364 
TRP NE1  N  Y N 365 
TRP CE2  C  Y N 366 
TRP CE3  C  Y N 367 
TRP CZ2  C  Y N 368 
TRP CZ3  C  Y N 369 
TRP CH2  C  Y N 370 
TRP OXT  O  N N 371 
TRP H    H  N N 372 
TRP H2   H  N N 373 
TRP HA   H  N N 374 
TRP HB2  H  N N 375 
TRP HB3  H  N N 376 
TRP HD1  H  N N 377 
TRP HE1  H  N N 378 
TRP HE3  H  N N 379 
TRP HZ2  H  N N 380 
TRP HZ3  H  N N 381 
TRP HH2  H  N N 382 
TRP HXT  H  N N 383 
TYR N    N  N N 384 
TYR CA   C  N S 385 
TYR C    C  N N 386 
TYR O    O  N N 387 
TYR CB   C  N N 388 
TYR CG   C  Y N 389 
TYR CD1  C  Y N 390 
TYR CD2  C  Y N 391 
TYR CE1  C  Y N 392 
TYR CE2  C  Y N 393 
TYR CZ   C  Y N 394 
TYR OH   O  N N 395 
TYR OXT  O  N N 396 
TYR H    H  N N 397 
TYR H2   H  N N 398 
TYR HA   H  N N 399 
TYR HB2  H  N N 400 
TYR HB3  H  N N 401 
TYR HD1  H  N N 402 
TYR HD2  H  N N 403 
TYR HE1  H  N N 404 
TYR HE2  H  N N 405 
TYR HH   H  N N 406 
TYR HXT  H  N N 407 
VAL N    N  N N 408 
VAL CA   C  N S 409 
VAL C    C  N N 410 
VAL O    O  N N 411 
VAL CB   C  N N 412 
VAL CG1  C  N N 413 
VAL CG2  C  N N 414 
VAL OXT  O  N N 415 
VAL H    H  N N 416 
VAL H2   H  N N 417 
VAL HA   H  N N 418 
VAL HB   H  N N 419 
VAL HG11 H  N N 420 
VAL HG12 H  N N 421 
VAL HG13 H  N N 422 
VAL HG21 H  N N 423 
VAL HG22 H  N N 424 
VAL HG23 H  N N 425 
VAL HXT  H  N N 426 
# 
loop_
_chem_comp_bond.comp_id 
_chem_comp_bond.atom_id_1 
_chem_comp_bond.atom_id_2 
_chem_comp_bond.value_order 
_chem_comp_bond.pdbx_aromatic_flag 
_chem_comp_bond.pdbx_stereo_config 
_chem_comp_bond.pdbx_ordinal 
4P8 CAH CAB  sing N N 1   
4P8 CAH CAI  sing N N 2   
4P8 CAC CAB  doub Y N 3   
4P8 CAC CAD  sing Y N 4   
4P8 CAB CAA  sing Y N 5   
4P8 CAD CAE  doub Y N 6   
4P8 CAA CLG  sing N N 7   
4P8 CAA CAF  doub Y N 8   
4P8 CAE CAF  sing Y N 9   
4P8 CAI CAK  doub Y N 10  
4P8 CAI CAJ  sing Y N 11  
4P8 CAK CAM  sing Y N 12  
4P8 CAJ CAL  doub Y N 13  
4P8 CAM CAO  sing N N 14  
4P8 CAM CAN  doub Y N 15  
4P8 CAL CAN  sing Y N 16  
4P8 CAL NAR  sing N N 17  
4P8 CAO OAP  doub N N 18  
4P8 OAT NAR  sing N N 19  
4P8 CAN OAQ  sing N N 20  
4P8 NAR OAS  doub N N 21  
4P8 CAO H1   sing N N 22  
4P8 CAK H2   sing N N 23  
4P8 OAQ H3   sing N N 24  
4P8 CAJ H4   sing N N 25  
4P8 CAH H5   sing N N 26  
4P8 CAH H6   sing N N 27  
4P8 CAF H7   sing N N 28  
4P8 CAE H8   sing N N 29  
4P8 CAD H9   sing N N 30  
4P8 CAC H10  sing N N 31  
ALA N   CA   sing N N 32  
ALA N   H    sing N N 33  
ALA N   H2   sing N N 34  
ALA CA  C    sing N N 35  
ALA CA  CB   sing N N 36  
ALA CA  HA   sing N N 37  
ALA C   O    doub N N 38  
ALA C   OXT  sing N N 39  
ALA CB  HB1  sing N N 40  
ALA CB  HB2  sing N N 41  
ALA CB  HB3  sing N N 42  
ALA OXT HXT  sing N N 43  
ARG N   CA   sing N N 44  
ARG N   H    sing N N 45  
ARG N   H2   sing N N 46  
ARG CA  C    sing N N 47  
ARG CA  CB   sing N N 48  
ARG CA  HA   sing N N 49  
ARG C   O    doub N N 50  
ARG C   OXT  sing N N 51  
ARG CB  CG   sing N N 52  
ARG CB  HB2  sing N N 53  
ARG CB  HB3  sing N N 54  
ARG CG  CD   sing N N 55  
ARG CG  HG2  sing N N 56  
ARG CG  HG3  sing N N 57  
ARG CD  NE   sing N N 58  
ARG CD  HD2  sing N N 59  
ARG CD  HD3  sing N N 60  
ARG NE  CZ   sing N N 61  
ARG NE  HE   sing N N 62  
ARG CZ  NH1  sing N N 63  
ARG CZ  NH2  doub N N 64  
ARG NH1 HH11 sing N N 65  
ARG NH1 HH12 sing N N 66  
ARG NH2 HH21 sing N N 67  
ARG NH2 HH22 sing N N 68  
ARG OXT HXT  sing N N 69  
ASN N   CA   sing N N 70  
ASN N   H    sing N N 71  
ASN N   H2   sing N N 72  
ASN CA  C    sing N N 73  
ASN CA  CB   sing N N 74  
ASN CA  HA   sing N N 75  
ASN C   O    doub N N 76  
ASN C   OXT  sing N N 77  
ASN CB  CG   sing N N 78  
ASN CB  HB2  sing N N 79  
ASN CB  HB3  sing N N 80  
ASN CG  OD1  doub N N 81  
ASN CG  ND2  sing N N 82  
ASN ND2 HD21 sing N N 83  
ASN ND2 HD22 sing N N 84  
ASN OXT HXT  sing N N 85  
ASP N   CA   sing N N 86  
ASP N   H    sing N N 87  
ASP N   H2   sing N N 88  
ASP CA  C    sing N N 89  
ASP CA  CB   sing N N 90  
ASP CA  HA   sing N N 91  
ASP C   O    doub N N 92  
ASP C   OXT  sing N N 93  
ASP CB  CG   sing N N 94  
ASP CB  HB2  sing N N 95  
ASP CB  HB3  sing N N 96  
ASP CG  OD1  doub N N 97  
ASP CG  OD2  sing N N 98  
ASP OD2 HD2  sing N N 99  
ASP OXT HXT  sing N N 100 
CYS N   CA   sing N N 101 
CYS N   H    sing N N 102 
CYS N   H2   sing N N 103 
CYS CA  C    sing N N 104 
CYS CA  CB   sing N N 105 
CYS CA  HA   sing N N 106 
CYS C   O    doub N N 107 
CYS C   OXT  sing N N 108 
CYS CB  SG   sing N N 109 
CYS CB  HB2  sing N N 110 
CYS CB  HB3  sing N N 111 
CYS SG  HG   sing N N 112 
CYS OXT HXT  sing N N 113 
GLN N   CA   sing N N 114 
GLN N   H    sing N N 115 
GLN N   H2   sing N N 116 
GLN CA  C    sing N N 117 
GLN CA  CB   sing N N 118 
GLN CA  HA   sing N N 119 
GLN C   O    doub N N 120 
GLN C   OXT  sing N N 121 
GLN CB  CG   sing N N 122 
GLN CB  HB2  sing N N 123 
GLN CB  HB3  sing N N 124 
GLN CG  CD   sing N N 125 
GLN CG  HG2  sing N N 126 
GLN CG  HG3  sing N N 127 
GLN CD  OE1  doub N N 128 
GLN CD  NE2  sing N N 129 
GLN NE2 HE21 sing N N 130 
GLN NE2 HE22 sing N N 131 
GLN OXT HXT  sing N N 132 
GLU N   CA   sing N N 133 
GLU N   H    sing N N 134 
GLU N   H2   sing N N 135 
GLU CA  C    sing N N 136 
GLU CA  CB   sing N N 137 
GLU CA  HA   sing N N 138 
GLU C   O    doub N N 139 
GLU C   OXT  sing N N 140 
GLU CB  CG   sing N N 141 
GLU CB  HB2  sing N N 142 
GLU CB  HB3  sing N N 143 
GLU CG  CD   sing N N 144 
GLU CG  HG2  sing N N 145 
GLU CG  HG3  sing N N 146 
GLU CD  OE1  doub N N 147 
GLU CD  OE2  sing N N 148 
GLU OE2 HE2  sing N N 149 
GLU OXT HXT  sing N N 150 
GLY N   CA   sing N N 151 
GLY N   H    sing N N 152 
GLY N   H2   sing N N 153 
GLY CA  C    sing N N 154 
GLY CA  HA2  sing N N 155 
GLY CA  HA3  sing N N 156 
GLY C   O    doub N N 157 
GLY C   OXT  sing N N 158 
GLY OXT HXT  sing N N 159 
HIS N   CA   sing N N 160 
HIS N   H    sing N N 161 
HIS N   H2   sing N N 162 
HIS CA  C    sing N N 163 
HIS CA  CB   sing N N 164 
HIS CA  HA   sing N N 165 
HIS C   O    doub N N 166 
HIS C   OXT  sing N N 167 
HIS CB  CG   sing N N 168 
HIS CB  HB2  sing N N 169 
HIS CB  HB3  sing N N 170 
HIS CG  ND1  sing Y N 171 
HIS CG  CD2  doub Y N 172 
HIS ND1 CE1  doub Y N 173 
HIS ND1 HD1  sing N N 174 
HIS CD2 NE2  sing Y N 175 
HIS CD2 HD2  sing N N 176 
HIS CE1 NE2  sing Y N 177 
HIS CE1 HE1  sing N N 178 
HIS NE2 HE2  sing N N 179 
HIS OXT HXT  sing N N 180 
HOH O   H1   sing N N 181 
HOH O   H2   sing N N 182 
ILE N   CA   sing N N 183 
ILE N   H    sing N N 184 
ILE N   H2   sing N N 185 
ILE CA  C    sing N N 186 
ILE CA  CB   sing N N 187 
ILE CA  HA   sing N N 188 
ILE C   O    doub N N 189 
ILE C   OXT  sing N N 190 
ILE CB  CG1  sing N N 191 
ILE CB  CG2  sing N N 192 
ILE CB  HB   sing N N 193 
ILE CG1 CD1  sing N N 194 
ILE CG1 HG12 sing N N 195 
ILE CG1 HG13 sing N N 196 
ILE CG2 HG21 sing N N 197 
ILE CG2 HG22 sing N N 198 
ILE CG2 HG23 sing N N 199 
ILE CD1 HD11 sing N N 200 
ILE CD1 HD12 sing N N 201 
ILE CD1 HD13 sing N N 202 
ILE OXT HXT  sing N N 203 
LEU N   CA   sing N N 204 
LEU N   H    sing N N 205 
LEU N   H2   sing N N 206 
LEU CA  C    sing N N 207 
LEU CA  CB   sing N N 208 
LEU CA  HA   sing N N 209 
LEU C   O    doub N N 210 
LEU C   OXT  sing N N 211 
LEU CB  CG   sing N N 212 
LEU CB  HB2  sing N N 213 
LEU CB  HB3  sing N N 214 
LEU CG  CD1  sing N N 215 
LEU CG  CD2  sing N N 216 
LEU CG  HG   sing N N 217 
LEU CD1 HD11 sing N N 218 
LEU CD1 HD12 sing N N 219 
LEU CD1 HD13 sing N N 220 
LEU CD2 HD21 sing N N 221 
LEU CD2 HD22 sing N N 222 
LEU CD2 HD23 sing N N 223 
LEU OXT HXT  sing N N 224 
LYS N   CA   sing N N 225 
LYS N   H    sing N N 226 
LYS N   H2   sing N N 227 
LYS CA  C    sing N N 228 
LYS CA  CB   sing N N 229 
LYS CA  HA   sing N N 230 
LYS C   O    doub N N 231 
LYS C   OXT  sing N N 232 
LYS CB  CG   sing N N 233 
LYS CB  HB2  sing N N 234 
LYS CB  HB3  sing N N 235 
LYS CG  CD   sing N N 236 
LYS CG  HG2  sing N N 237 
LYS CG  HG3  sing N N 238 
LYS CD  CE   sing N N 239 
LYS CD  HD2  sing N N 240 
LYS CD  HD3  sing N N 241 
LYS CE  NZ   sing N N 242 
LYS CE  HE2  sing N N 243 
LYS CE  HE3  sing N N 244 
LYS NZ  HZ1  sing N N 245 
LYS NZ  HZ2  sing N N 246 
LYS NZ  HZ3  sing N N 247 
LYS OXT HXT  sing N N 248 
MET N   CA   sing N N 249 
MET N   H    sing N N 250 
MET N   H2   sing N N 251 
MET CA  C    sing N N 252 
MET CA  CB   sing N N 253 
MET CA  HA   sing N N 254 
MET C   O    doub N N 255 
MET C   OXT  sing N N 256 
MET CB  CG   sing N N 257 
MET CB  HB2  sing N N 258 
MET CB  HB3  sing N N 259 
MET CG  SD   sing N N 260 
MET CG  HG2  sing N N 261 
MET CG  HG3  sing N N 262 
MET SD  CE   sing N N 263 
MET CE  HE1  sing N N 264 
MET CE  HE2  sing N N 265 
MET CE  HE3  sing N N 266 
MET OXT HXT  sing N N 267 
PHE N   CA   sing N N 268 
PHE N   H    sing N N 269 
PHE N   H2   sing N N 270 
PHE CA  C    sing N N 271 
PHE CA  CB   sing N N 272 
PHE CA  HA   sing N N 273 
PHE C   O    doub N N 274 
PHE C   OXT  sing N N 275 
PHE CB  CG   sing N N 276 
PHE CB  HB2  sing N N 277 
PHE CB  HB3  sing N N 278 
PHE CG  CD1  doub Y N 279 
PHE CG  CD2  sing Y N 280 
PHE CD1 CE1  sing Y N 281 
PHE CD1 HD1  sing N N 282 
PHE CD2 CE2  doub Y N 283 
PHE CD2 HD2  sing N N 284 
PHE CE1 CZ   doub Y N 285 
PHE CE1 HE1  sing N N 286 
PHE CE2 CZ   sing Y N 287 
PHE CE2 HE2  sing N N 288 
PHE CZ  HZ   sing N N 289 
PHE OXT HXT  sing N N 290 
PRO N   CA   sing N N 291 
PRO N   CD   sing N N 292 
PRO N   H    sing N N 293 
PRO CA  C    sing N N 294 
PRO CA  CB   sing N N 295 
PRO CA  HA   sing N N 296 
PRO C   O    doub N N 297 
PRO C   OXT  sing N N 298 
PRO CB  CG   sing N N 299 
PRO CB  HB2  sing N N 300 
PRO CB  HB3  sing N N 301 
PRO CG  CD   sing N N 302 
PRO CG  HG2  sing N N 303 
PRO CG  HG3  sing N N 304 
PRO CD  HD2  sing N N 305 
PRO CD  HD3  sing N N 306 
PRO OXT HXT  sing N N 307 
SER N   CA   sing N N 308 
SER N   H    sing N N 309 
SER N   H2   sing N N 310 
SER CA  C    sing N N 311 
SER CA  CB   sing N N 312 
SER CA  HA   sing N N 313 
SER C   O    doub N N 314 
SER C   OXT  sing N N 315 
SER CB  OG   sing N N 316 
SER CB  HB2  sing N N 317 
SER CB  HB3  sing N N 318 
SER OG  HG   sing N N 319 
SER OXT HXT  sing N N 320 
SO4 S   O1   doub N N 321 
SO4 S   O2   doub N N 322 
SO4 S   O3   sing N N 323 
SO4 S   O4   sing N N 324 
THR N   CA   sing N N 325 
THR N   H    sing N N 326 
THR N   H2   sing N N 327 
THR CA  C    sing N N 328 
THR CA  CB   sing N N 329 
THR CA  HA   sing N N 330 
THR C   O    doub N N 331 
THR C   OXT  sing N N 332 
THR CB  OG1  sing N N 333 
THR CB  CG2  sing N N 334 
THR CB  HB   sing N N 335 
THR OG1 HG1  sing N N 336 
THR CG2 HG21 sing N N 337 
THR CG2 HG22 sing N N 338 
THR CG2 HG23 sing N N 339 
THR OXT HXT  sing N N 340 
TRP N   CA   sing N N 341 
TRP N   H    sing N N 342 
TRP N   H2   sing N N 343 
TRP CA  C    sing N N 344 
TRP CA  CB   sing N N 345 
TRP CA  HA   sing N N 346 
TRP C   O    doub N N 347 
TRP C   OXT  sing N N 348 
TRP CB  CG   sing N N 349 
TRP CB  HB2  sing N N 350 
TRP CB  HB3  sing N N 351 
TRP CG  CD1  doub Y N 352 
TRP CG  CD2  sing Y N 353 
TRP CD1 NE1  sing Y N 354 
TRP CD1 HD1  sing N N 355 
TRP CD2 CE2  doub Y N 356 
TRP CD2 CE3  sing Y N 357 
TRP NE1 CE2  sing Y N 358 
TRP NE1 HE1  sing N N 359 
TRP CE2 CZ2  sing Y N 360 
TRP CE3 CZ3  doub Y N 361 
TRP CE3 HE3  sing N N 362 
TRP CZ2 CH2  doub Y N 363 
TRP CZ2 HZ2  sing N N 364 
TRP CZ3 CH2  sing Y N 365 
TRP CZ3 HZ3  sing N N 366 
TRP CH2 HH2  sing N N 367 
TRP OXT HXT  sing N N 368 
TYR N   CA   sing N N 369 
TYR N   H    sing N N 370 
TYR N   H2   sing N N 371 
TYR CA  C    sing N N 372 
TYR CA  CB   sing N N 373 
TYR CA  HA   sing N N 374 
TYR C   O    doub N N 375 
TYR C   OXT  sing N N 376 
TYR CB  CG   sing N N 377 
TYR CB  HB2  sing N N 378 
TYR CB  HB3  sing N N 379 
TYR CG  CD1  doub Y N 380 
TYR CG  CD2  sing Y N 381 
TYR CD1 CE1  sing Y N 382 
TYR CD1 HD1  sing N N 383 
TYR CD2 CE2  doub Y N 384 
TYR CD2 HD2  sing N N 385 
TYR CE1 CZ   doub Y N 386 
TYR CE1 HE1  sing N N 387 
TYR CE2 CZ   sing Y N 388 
TYR CE2 HE2  sing N N 389 
TYR CZ  OH   sing N N 390 
TYR OH  HH   sing N N 391 
TYR OXT HXT  sing N N 392 
VAL N   CA   sing N N 393 
VAL N   H    sing N N 394 
VAL N   H2   sing N N 395 
VAL CA  C    sing N N 396 
VAL CA  CB   sing N N 397 
VAL CA  HA   sing N N 398 
VAL C   O    doub N N 399 
VAL C   OXT  sing N N 400 
VAL CB  CG1  sing N N 401 
VAL CB  CG2  sing N N 402 
VAL CB  HB   sing N N 403 
VAL CG1 HG11 sing N N 404 
VAL CG1 HG12 sing N N 405 
VAL CG1 HG13 sing N N 406 
VAL CG2 HG21 sing N N 407 
VAL CG2 HG22 sing N N 408 
VAL CG2 HG23 sing N N 409 
VAL OXT HXT  sing N N 410 
# 
_pdbx_audit_support.funding_organization   'Japan Society for the Promotion of Science' 
_pdbx_audit_support.country                Japan 
_pdbx_audit_support.grant_number           24590548 
_pdbx_audit_support.ordinal                1 
# 
loop_
_pdbx_entity_nonpoly.entity_id 
_pdbx_entity_nonpoly.name 
_pdbx_entity_nonpoly.comp_id 
2 '5-(2-chlorobenzyl)-2-hydroxy-3-nitrobenzaldehyde' 4P8 
3 'MANGANESE (II) ION'                               MN  
4 'SULFATE ION'                                      SO4 
5 water                                              HOH 
# 
_pdbx_initial_refinement_model.id               1 
_pdbx_initial_refinement_model.entity_id_list   ? 
_pdbx_initial_refinement_model.type             'experimental model' 
_pdbx_initial_refinement_model.source_name      PDB 
_pdbx_initial_refinement_model.accession_code   4M5Q 
_pdbx_initial_refinement_model.details          ? 
# 
